data_2MFE
#
_entry.id   2MFE
#
loop_
_entity.id
_entity.type
_entity.pdbx_description
1 polymer 'Carbon storage regulator homolog'
2 polymer 'SL2(RsmZ) RNA'
#
loop_
_entity_poly.entity_id
_entity_poly.type
_entity_poly.pdbx_seq_one_letter_code
_entity_poly.pdbx_strand_id
1 'polypeptide(L)' MLILTRKVGESINIGDDITITILGVSGQQVRIGINAPKDVAVHREEIYQRIQAGLTAPDKRETPHHHHHH A,C
2 'polyribonucleotide' GGGCCAUCAAGGACGAUGGUCC B,D
#
# COMPACT_ATOMS: atom_id res chain seq x y z
N MET A 1 10.06 -7.58 -6.18
CA MET A 1 9.35 -6.68 -5.26
C MET A 1 9.75 -5.24 -5.56
N LEU A 2 8.80 -4.31 -5.53
CA LEU A 2 9.08 -2.92 -5.87
C LEU A 2 9.09 -2.10 -4.57
N ILE A 3 10.10 -1.24 -4.40
CA ILE A 3 10.25 -0.42 -3.20
C ILE A 3 10.23 1.06 -3.58
N LEU A 4 9.55 1.86 -2.76
CA LEU A 4 9.41 3.30 -2.93
C LEU A 4 9.81 3.98 -1.64
N THR A 5 10.02 5.29 -1.72
CA THR A 5 10.29 6.13 -0.57
C THR A 5 9.30 7.27 -0.65
N ARG A 6 8.69 7.62 0.48
CA ARG A 6 7.60 8.58 0.50
C ARG A 6 7.74 9.47 1.73
N LYS A 7 6.91 10.51 1.85
CA LYS A 7 6.99 11.42 2.98
C LYS A 7 5.59 11.72 3.49
N VAL A 8 5.49 12.09 4.77
CA VAL A 8 4.22 12.35 5.42
C VAL A 8 3.41 13.36 4.59
N GLY A 9 2.27 12.92 4.07
CA GLY A 9 1.37 13.80 3.32
C GLY A 9 1.38 13.51 1.82
N GLU A 10 1.97 12.38 1.41
CA GLU A 10 2.06 12.00 0.00
C GLU A 10 1.45 10.62 -0.22
N SER A 11 1.41 10.15 -1.47
CA SER A 11 0.67 8.94 -1.81
C SER A 11 1.36 8.11 -2.88
N ILE A 12 0.84 6.89 -3.07
CA ILE A 12 1.31 5.91 -4.05
C ILE A 12 0.05 5.35 -4.71
N ASN A 13 0.19 4.69 -5.88
CA ASN A 13 -0.96 4.20 -6.60
C ASN A 13 -0.70 2.81 -7.19
N ILE A 14 -1.74 2.00 -7.31
CA ILE A 14 -1.65 0.63 -7.80
C ILE A 14 -2.87 0.31 -8.66
N GLY A 15 -2.68 -0.52 -9.69
CA GLY A 15 -3.74 -0.92 -10.58
C GLY A 15 -4.39 0.30 -11.24
N ASP A 16 -5.73 0.30 -11.28
CA ASP A 16 -6.51 1.39 -11.84
C ASP A 16 -7.61 1.80 -10.85
N ASP A 17 -7.60 1.21 -9.65
CA ASP A 17 -8.65 1.43 -8.66
C ASP A 17 -8.11 1.44 -7.23
N ILE A 18 -6.78 1.50 -7.03
CA ILE A 18 -6.21 1.46 -5.70
C ILE A 18 -5.21 2.60 -5.52
N THR A 19 -5.24 3.23 -4.34
CA THR A 19 -4.32 4.30 -3.99
C THR A 19 -3.99 4.18 -2.51
N ILE A 20 -2.77 4.58 -2.12
CA ILE A 20 -2.27 4.40 -0.76
C ILE A 20 -1.65 5.72 -0.29
N THR A 21 -1.69 5.99 1.01
CA THR A 21 -1.22 7.26 1.55
C THR A 21 -0.48 7.07 2.87
N ILE A 22 0.47 7.96 3.16
CA ILE A 22 1.24 7.98 4.40
C ILE A 22 0.79 9.17 5.22
N LEU A 23 -0.13 8.93 6.15
CA LEU A 23 -0.78 9.97 6.92
C LEU A 23 0.15 10.58 7.95
N GLY A 24 1.17 9.83 8.39
CA GLY A 24 2.13 10.33 9.34
C GLY A 24 2.97 9.23 9.96
N VAL A 25 3.79 9.61 10.96
CA VAL A 25 4.67 8.69 11.65
C VAL A 25 4.56 8.91 13.16
N SER A 26 5.01 7.92 13.94
CA SER A 26 4.93 7.96 15.39
C SER A 26 6.09 7.15 15.98
N GLY A 27 7.31 7.53 15.61
CA GLY A 27 8.49 6.81 16.05
C GLY A 27 8.60 5.51 15.29
N GLN A 28 8.77 4.39 16.02
CA GLN A 28 8.82 3.08 15.41
C GLN A 28 7.46 2.69 14.83
N GLN A 29 6.41 3.46 15.13
CA GLN A 29 5.07 3.22 14.62
C GLN A 29 4.80 4.12 13.41
N VAL A 30 3.81 3.75 12.60
CA VAL A 30 3.46 4.46 11.37
C VAL A 30 1.95 4.47 11.18
N ARG A 31 1.43 5.54 10.60
CA ARG A 31 0.01 5.72 10.30
C ARG A 31 -0.15 5.83 8.79
N ILE A 32 -0.87 4.87 8.20
CA ILE A 32 -1.05 4.78 6.75
C ILE A 32 -2.49 4.46 6.42
N GLY A 33 -2.90 4.81 5.20
CA GLY A 33 -4.27 4.61 4.75
C GLY A 33 -4.30 3.94 3.39
N ILE A 34 -5.48 3.44 3.02
CA ILE A 34 -5.70 2.70 1.80
C ILE A 34 -7.00 3.20 1.18
N ASN A 35 -7.01 3.38 -0.14
CA ASN A 35 -8.13 3.93 -0.86
C ASN A 35 -8.45 3.03 -2.05
N ALA A 36 -9.05 1.89 -1.73
CA ALA A 36 -9.51 0.88 -2.67
C ALA A 36 -11.01 0.72 -2.49
N PRO A 37 -11.71 0.18 -3.49
CA PRO A 37 -13.14 -0.03 -3.40
C PRO A 37 -13.41 -1.18 -2.45
N LYS A 38 -14.58 -1.19 -1.81
CA LYS A 38 -14.95 -2.27 -0.91
C LYS A 38 -15.27 -3.53 -1.71
N ASP A 39 -15.17 -3.43 -3.04
CA ASP A 39 -15.26 -4.56 -3.94
C ASP A 39 -13.99 -5.41 -3.85
N VAL A 40 -12.93 -4.90 -3.21
CA VAL A 40 -11.74 -5.68 -2.94
C VAL A 40 -11.41 -5.65 -1.44
N ALA A 41 -10.91 -6.78 -0.94
CA ALA A 41 -10.58 -6.94 0.46
C ALA A 41 -9.36 -6.10 0.83
N VAL A 42 -9.34 -5.59 2.05
CA VAL A 42 -8.23 -4.81 2.57
C VAL A 42 -8.16 -5.05 4.07
N HIS A 43 -7.06 -5.70 4.52
CA HIS A 43 -6.86 -6.03 5.92
C HIS A 43 -5.36 -6.02 6.26
N ARG A 44 -5.06 -6.04 7.56
CA ARG A 44 -3.71 -6.19 8.09
C ARG A 44 -3.19 -7.61 7.78
N GLU A 45 -1.87 -7.78 7.68
CA GLU A 45 -1.31 -9.11 7.42
C GLU A 45 -1.54 -10.04 8.60
N GLU A 46 -1.74 -9.48 9.78
CA GLU A 46 -1.91 -10.22 11.03
C GLU A 46 -3.28 -10.90 11.10
N ILE A 47 -4.20 -10.57 10.17
CA ILE A 47 -5.55 -11.11 10.18
C ILE A 47 -5.95 -11.58 8.79
N TYR A 48 -5.36 -11.05 7.71
CA TYR A 48 -5.77 -11.48 6.39
C TYR A 48 -5.51 -12.96 6.21
N GLN A 49 -4.40 -13.44 6.79
CA GLN A 49 -3.99 -14.83 6.67
C GLN A 49 -4.88 -15.74 7.49
N ARG A 50 -5.67 -15.18 8.42
CA ARG A 50 -6.62 -15.96 9.20
C ARG A 50 -7.99 -15.95 8.53
N ILE A 51 -8.29 -14.92 7.73
CA ILE A 51 -9.52 -14.84 6.96
C ILE A 51 -9.44 -15.86 5.83
N GLN A 52 -8.34 -15.82 5.07
CA GLN A 52 -8.16 -16.69 3.91
C GLN A 52 -7.84 -18.13 4.31
N ALA A 53 -7.89 -18.42 5.61
CA ALA A 53 -7.67 -19.76 6.11
C ALA A 53 -8.83 -20.69 5.75
N GLY A 54 -10.00 -20.12 5.41
CA GLY A 54 -11.16 -20.90 5.02
C GLY A 54 -12.46 -20.35 5.59
N LEU A 55 -12.44 -19.11 6.09
CA LEU A 55 -13.55 -18.49 6.79
C LEU A 55 -13.71 -17.02 6.36
N THR A 56 -14.55 -16.27 7.08
CA THR A 56 -14.75 -14.85 6.82
C THR A 56 -14.86 -14.08 8.13
N ALA A 57 -14.94 -12.74 8.04
CA ALA A 57 -15.04 -11.87 9.20
C ALA A 57 -16.15 -12.32 10.16
N PRO A 58 -16.01 -12.01 11.45
CA PRO A 58 -16.90 -12.43 12.52
C PRO A 58 -18.33 -11.89 12.41
N ASP A 59 -18.65 -11.13 11.36
CA ASP A 59 -19.96 -10.50 11.32
C ASP A 59 -20.43 -10.15 9.91
N MET C 1 -12.30 5.84 3.42
CA MET C 1 -10.88 5.44 3.31
C MET C 1 -10.49 4.63 4.54
N LEU C 2 -9.92 3.43 4.33
CA LEU C 2 -9.53 2.54 5.42
C LEU C 2 -8.13 2.95 5.89
N ILE C 3 -7.89 2.91 7.20
CA ILE C 3 -6.61 3.27 7.79
C ILE C 3 -6.18 2.19 8.78
N LEU C 4 -4.86 2.03 8.93
CA LEU C 4 -4.28 1.06 9.83
C LEU C 4 -3.00 1.64 10.43
N THR C 5 -2.55 1.04 11.53
CA THR C 5 -1.35 1.46 12.23
C THR C 5 -0.47 0.24 12.44
N ARG C 6 0.81 0.37 12.07
CA ARG C 6 1.76 -0.72 12.11
C ARG C 6 3.15 -0.16 12.45
N LYS C 7 4.12 -1.05 12.60
CA LYS C 7 5.49 -0.65 12.92
C LYS C 7 6.46 -1.21 11.90
N VAL C 8 7.68 -0.68 11.91
CA VAL C 8 8.75 -1.10 11.00
C VAL C 8 8.88 -2.62 11.02
N GLY C 9 8.63 -3.25 9.87
CA GLY C 9 8.79 -4.69 9.71
C GLY C 9 7.47 -5.41 9.43
N GLU C 10 6.33 -4.75 9.69
CA GLU C 10 5.02 -5.34 9.47
C GLU C 10 4.53 -5.10 8.05
N SER C 11 3.36 -5.65 7.72
CA SER C 11 2.80 -5.59 6.37
C SER C 11 1.29 -5.45 6.38
N ILE C 12 0.72 -5.15 5.21
CA ILE C 12 -0.72 -4.98 4.97
C ILE C 12 -1.04 -5.75 3.69
N ASN C 13 -2.32 -6.02 3.43
CA ASN C 13 -2.70 -6.82 2.28
C ASN C 13 -3.95 -6.25 1.59
N ILE C 14 -4.03 -6.41 0.27
CA ILE C 14 -5.11 -5.91 -0.55
C ILE C 14 -5.47 -6.93 -1.63
N GLY C 15 -6.76 -7.00 -1.98
CA GLY C 15 -7.22 -7.92 -3.00
C GLY C 15 -6.85 -9.36 -2.63
N ASP C 16 -6.38 -10.12 -3.61
CA ASP C 16 -5.91 -11.48 -3.41
C ASP C 16 -4.54 -11.66 -4.06
N ASP C 17 -3.95 -10.56 -4.56
CA ASP C 17 -2.70 -10.59 -5.30
C ASP C 17 -1.81 -9.39 -4.97
N ILE C 18 -2.14 -8.61 -3.92
CA ILE C 18 -1.36 -7.44 -3.56
C ILE C 18 -1.03 -7.45 -2.07
N THR C 19 0.22 -7.09 -1.75
CA THR C 19 0.67 -7.01 -0.37
C THR C 19 1.64 -5.83 -0.26
N ILE C 20 1.70 -5.20 0.91
CA ILE C 20 2.48 -3.98 1.13
C ILE C 20 3.26 -4.11 2.44
N THR C 21 4.41 -3.46 2.55
CA THR C 21 5.28 -3.59 3.72
C THR C 21 5.89 -2.25 4.09
N ILE C 22 6.20 -2.07 5.39
CA ILE C 22 6.85 -0.85 5.90
C ILE C 22 8.27 -1.21 6.32
N LEU C 23 9.21 -1.05 5.39
CA LEU C 23 10.59 -1.47 5.60
C LEU C 23 11.28 -0.61 6.65
N GLY C 24 10.86 0.65 6.81
CA GLY C 24 11.41 1.51 7.83
C GLY C 24 10.95 2.96 7.72
N VAL C 25 11.53 3.82 8.55
CA VAL C 25 11.19 5.24 8.62
C VAL C 25 12.47 6.05 8.79
N SER C 26 12.44 7.31 8.34
CA SER C 26 13.60 8.20 8.33
C SER C 26 13.15 9.63 8.57
N GLY C 27 12.54 9.88 9.74
CA GLY C 27 12.03 11.21 10.05
C GLY C 27 10.74 11.44 9.29
N GLN C 28 10.63 12.58 8.60
CA GLN C 28 9.47 12.86 7.77
C GLN C 28 9.45 11.97 6.53
N GLN C 29 10.52 11.21 6.27
CA GLN C 29 10.56 10.29 5.14
C GLN C 29 10.25 8.88 5.62
N VAL C 30 9.86 8.02 4.68
CA VAL C 30 9.39 6.67 4.94
C VAL C 30 9.85 5.73 3.82
N ARG C 31 10.10 4.46 4.16
CA ARG C 31 10.56 3.44 3.22
C ARG C 31 9.56 2.29 3.25
N ILE C 32 8.93 2.03 2.10
CA ILE C 32 7.88 1.02 1.99
C ILE C 32 8.09 0.16 0.75
N GLY C 33 7.54 -1.06 0.79
CA GLY C 33 7.66 -2.00 -0.31
C GLY C 33 6.28 -2.44 -0.77
N ILE C 34 6.22 -3.01 -1.97
CA ILE C 34 4.97 -3.41 -2.61
C ILE C 34 5.20 -4.75 -3.27
N ASN C 35 4.22 -5.63 -3.17
CA ASN C 35 4.31 -6.98 -3.70
C ASN C 35 3.04 -7.30 -4.47
N ALA C 36 2.96 -6.68 -5.65
CA ALA C 36 1.91 -6.90 -6.62
C ALA C 36 2.55 -7.44 -7.90
N PRO C 37 1.77 -8.11 -8.77
CA PRO C 37 2.29 -8.67 -9.99
C PRO C 37 2.54 -7.54 -10.97
N LYS C 38 3.49 -7.74 -11.90
CA LYS C 38 3.77 -6.75 -12.92
C LYS C 38 2.63 -6.66 -13.92
N ASP C 39 1.62 -7.52 -13.74
CA ASP C 39 0.39 -7.48 -14.50
C ASP C 39 -0.45 -6.28 -14.09
N VAL C 40 -0.12 -5.61 -12.98
CA VAL C 40 -0.77 -4.37 -12.60
C VAL C 40 0.28 -3.28 -12.36
N ALA C 41 -0.09 -2.04 -12.73
CA ALA C 41 0.77 -0.89 -12.62
C ALA C 41 0.98 -0.51 -11.16
N VAL C 42 2.17 0.03 -10.85
CA VAL C 42 2.53 0.50 -9.53
C VAL C 42 3.45 1.70 -9.69
N HIS C 43 3.03 2.88 -9.24
CA HIS C 43 3.83 4.09 -9.36
C HIS C 43 3.49 5.09 -8.26
N ARG C 44 4.41 6.04 -8.04
CA ARG C 44 4.21 7.14 -7.12
C ARG C 44 3.10 8.05 -7.62
N GLU C 45 2.49 8.86 -6.75
CA GLU C 45 1.41 9.75 -7.17
C GLU C 45 1.94 10.87 -8.06
N GLU C 46 3.24 11.19 -7.95
CA GLU C 46 3.88 12.24 -8.72
C GLU C 46 4.07 11.84 -10.19
N ILE C 47 3.84 10.57 -10.53
CA ILE C 47 4.06 10.08 -11.88
C ILE C 47 2.89 9.23 -12.34
N TYR C 48 2.10 8.65 -11.45
CA TYR C 48 0.99 7.84 -11.92
C TYR C 48 0.01 8.71 -12.68
N GLN C 49 -0.14 9.96 -12.25
CA GLN C 49 -1.08 10.89 -12.84
C GLN C 49 -0.58 11.41 -14.18
N ARG C 50 0.71 11.21 -14.48
CA ARG C 50 1.27 11.61 -15.76
C ARG C 50 1.24 10.43 -16.74
N ILE C 51 1.30 9.20 -16.24
CA ILE C 51 1.16 7.99 -17.04
C ILE C 51 -0.28 7.89 -17.53
N GLN C 52 -1.23 8.08 -16.62
CA GLN C 52 -2.63 7.96 -16.94
C GLN C 52 -3.14 9.19 -17.69
N ALA C 53 -2.23 10.10 -18.06
CA ALA C 53 -2.58 11.26 -18.84
C ALA C 53 -2.85 10.88 -20.30
N GLY C 54 -2.41 9.69 -20.74
CA GLY C 54 -2.62 9.22 -22.10
C GLY C 54 -1.33 8.70 -22.73
N LEU C 55 -0.32 8.38 -21.91
CA LEU C 55 1.00 8.00 -22.37
C LEU C 55 1.56 6.85 -21.53
N THR C 56 2.83 6.49 -21.75
CA THR C 56 3.48 5.41 -21.01
C THR C 56 4.92 5.80 -20.69
N ALA C 57 5.61 4.94 -19.92
CA ALA C 57 6.97 5.18 -19.48
C ALA C 57 7.92 5.47 -20.66
N PRO C 58 8.99 6.24 -20.41
CA PRO C 58 9.99 6.57 -21.40
C PRO C 58 10.88 5.38 -21.71
N ASP C 59 11.64 5.49 -22.80
CA ASP C 59 12.61 4.50 -23.21
C ASP C 59 13.72 4.37 -22.16
N MET A 1 9.92 -7.47 -5.64
CA MET A 1 9.21 -6.53 -4.75
C MET A 1 9.61 -5.10 -5.09
N LEU A 2 8.64 -4.20 -5.27
CA LEU A 2 8.92 -2.83 -5.65
C LEU A 2 9.01 -1.98 -4.38
N ILE A 3 10.02 -1.13 -4.27
CA ILE A 3 10.21 -0.24 -3.13
C ILE A 3 10.16 1.20 -3.60
N LEU A 4 9.60 2.06 -2.76
CA LEU A 4 9.53 3.49 -2.98
C LEU A 4 9.70 4.19 -1.64
N THR A 5 9.91 5.51 -1.67
CA THR A 5 10.14 6.29 -0.48
C THR A 5 9.17 7.46 -0.49
N ARG A 6 8.65 7.82 0.68
CA ARG A 6 7.62 8.85 0.80
C ARG A 6 7.89 9.69 2.03
N LYS A 7 7.09 10.75 2.18
CA LYS A 7 7.19 11.65 3.32
C LYS A 7 5.77 11.98 3.77
N VAL A 8 5.62 12.36 5.04
CA VAL A 8 4.31 12.64 5.59
C VAL A 8 3.57 13.63 4.69
N GLY A 9 2.47 13.17 4.07
CA GLY A 9 1.66 14.03 3.21
C GLY A 9 1.77 13.66 1.72
N GLU A 10 2.35 12.50 1.41
CA GLU A 10 2.51 12.06 0.04
C GLU A 10 1.79 10.73 -0.20
N SER A 11 1.78 10.25 -1.45
CA SER A 11 0.99 9.08 -1.84
C SER A 11 1.70 8.20 -2.87
N ILE A 12 1.09 7.04 -3.13
CA ILE A 12 1.54 6.01 -4.06
C ILE A 12 0.28 5.45 -4.74
N ASN A 13 0.43 4.72 -5.84
CA ASN A 13 -0.71 4.22 -6.59
C ASN A 13 -0.49 2.78 -7.04
N ILE A 14 -1.59 2.03 -7.15
CA ILE A 14 -1.61 0.63 -7.55
C ILE A 14 -2.83 0.35 -8.44
N GLY A 15 -2.67 -0.61 -9.36
CA GLY A 15 -3.75 -1.05 -10.23
C GLY A 15 -4.31 0.13 -11.03
N ASP A 16 -5.64 0.18 -11.11
CA ASP A 16 -6.36 1.23 -11.81
C ASP A 16 -7.47 1.80 -10.90
N ASP A 17 -7.53 1.33 -9.64
CA ASP A 17 -8.57 1.70 -8.71
C ASP A 17 -8.04 1.77 -7.27
N ILE A 18 -6.72 1.81 -7.06
CA ILE A 18 -6.17 1.85 -5.72
C ILE A 18 -5.13 2.97 -5.58
N THR A 19 -5.16 3.63 -4.42
CA THR A 19 -4.23 4.70 -4.08
C THR A 19 -3.94 4.61 -2.60
N ILE A 20 -2.71 4.95 -2.19
CA ILE A 20 -2.25 4.79 -0.81
C ILE A 20 -1.58 6.08 -0.37
N THR A 21 -1.62 6.41 0.93
CA THR A 21 -1.10 7.67 1.43
C THR A 21 -0.41 7.47 2.78
N ILE A 22 0.57 8.32 3.10
CA ILE A 22 1.28 8.30 4.37
C ILE A 22 0.82 9.51 5.18
N LEU A 23 -0.08 9.25 6.13
CA LEU A 23 -0.74 10.32 6.88
C LEU A 23 0.17 10.89 7.95
N GLY A 24 1.15 10.11 8.41
CA GLY A 24 2.11 10.58 9.40
C GLY A 24 2.95 9.45 9.97
N VAL A 25 3.81 9.81 10.93
CA VAL A 25 4.73 8.88 11.57
C VAL A 25 4.74 9.14 13.07
N SER A 26 5.11 8.11 13.84
CA SER A 26 5.05 8.12 15.30
C SER A 26 6.25 7.33 15.84
N GLY A 27 7.45 7.74 15.47
CA GLY A 27 8.66 7.04 15.86
C GLY A 27 8.72 5.70 15.15
N GLN A 28 8.85 4.61 15.92
CA GLN A 28 8.86 3.27 15.36
C GLN A 28 7.48 2.88 14.82
N GLN A 29 6.46 3.71 15.06
CA GLN A 29 5.12 3.49 14.53
C GLN A 29 4.86 4.43 13.36
N VAL A 30 3.81 4.12 12.59
CA VAL A 30 3.46 4.82 11.37
C VAL A 30 1.93 4.78 11.20
N ARG A 31 1.35 5.79 10.54
CA ARG A 31 -0.06 5.75 10.17
C ARG A 31 -0.21 6.07 8.68
N ILE A 32 -0.98 5.24 8.00
CA ILE A 32 -1.16 5.29 6.56
C ILE A 32 -2.63 5.11 6.22
N GLY A 33 -3.02 5.60 5.04
CA GLY A 33 -4.39 5.51 4.58
C GLY A 33 -4.45 4.73 3.28
N ILE A 34 -5.63 4.22 2.94
CA ILE A 34 -5.86 3.39 1.78
C ILE A 34 -7.14 3.82 1.09
N ASN A 35 -7.05 4.02 -0.23
CA ASN A 35 -8.15 4.49 -1.06
C ASN A 35 -8.44 3.46 -2.13
N ALA A 36 -9.05 2.35 -1.71
CA ALA A 36 -9.54 1.30 -2.59
C ALA A 36 -11.02 1.10 -2.30
N PRO A 37 -11.79 0.58 -3.25
CA PRO A 37 -13.20 0.33 -3.05
C PRO A 37 -13.38 -0.92 -2.21
N LYS A 38 -14.49 -1.02 -1.49
CA LYS A 38 -14.80 -2.23 -0.73
C LYS A 38 -15.14 -3.39 -1.66
N ASP A 39 -15.12 -3.12 -2.96
CA ASP A 39 -15.23 -4.15 -3.99
C ASP A 39 -13.95 -4.99 -4.02
N VAL A 40 -12.88 -4.53 -3.34
CA VAL A 40 -11.68 -5.33 -3.14
C VAL A 40 -11.33 -5.41 -1.66
N ALA A 41 -10.83 -6.56 -1.25
CA ALA A 41 -10.50 -6.85 0.15
C ALA A 41 -9.24 -6.10 0.57
N VAL A 42 -9.22 -5.64 1.82
CA VAL A 42 -8.06 -4.99 2.41
C VAL A 42 -7.99 -5.41 3.87
N HIS A 43 -6.93 -6.15 4.24
CA HIS A 43 -6.78 -6.63 5.60
C HIS A 43 -5.31 -6.81 5.95
N ARG A 44 -5.01 -6.83 7.25
CA ARG A 44 -3.67 -7.09 7.74
C ARG A 44 -3.30 -8.55 7.48
N GLU A 45 -1.99 -8.85 7.45
CA GLU A 45 -1.54 -10.21 7.21
C GLU A 45 -1.91 -11.11 8.39
N GLU A 46 -2.09 -10.51 9.57
CA GLU A 46 -2.45 -11.22 10.78
C GLU A 46 -3.89 -11.73 10.74
N ILE A 47 -4.70 -11.29 9.76
CA ILE A 47 -6.11 -11.64 9.71
C ILE A 47 -6.51 -12.09 8.31
N TYR A 48 -5.82 -11.63 7.26
CA TYR A 48 -6.24 -12.04 5.93
C TYR A 48 -6.06 -13.55 5.76
N GLN A 49 -5.00 -14.08 6.37
CA GLN A 49 -4.66 -15.49 6.26
C GLN A 49 -5.61 -16.34 7.11
N ARG A 50 -6.37 -15.70 8.01
CA ARG A 50 -7.36 -16.41 8.81
C ARG A 50 -8.73 -16.36 8.12
N ILE A 51 -9.00 -15.29 7.37
CA ILE A 51 -10.22 -15.16 6.59
C ILE A 51 -10.21 -16.20 5.47
N GLN A 52 -9.11 -16.24 4.73
CA GLN A 52 -8.97 -17.12 3.57
C GLN A 52 -8.74 -18.57 3.97
N ALA A 53 -8.81 -18.86 5.27
CA ALA A 53 -8.68 -20.23 5.75
C ALA A 53 -9.91 -21.07 5.37
N GLY A 54 -11.02 -20.42 5.02
CA GLY A 54 -12.24 -21.10 4.60
C GLY A 54 -13.49 -20.50 5.27
N LEU A 55 -13.37 -19.30 5.84
CA LEU A 55 -14.43 -18.68 6.62
C LEU A 55 -14.53 -17.19 6.30
N THR A 56 -15.30 -16.45 7.10
CA THR A 56 -15.40 -15.00 7.00
C THR A 56 -15.47 -14.39 8.39
N ALA A 57 -15.37 -13.05 8.48
CA ALA A 57 -15.39 -12.34 9.75
C ALA A 57 -16.65 -12.71 10.56
N PRO A 58 -16.58 -12.61 11.89
CA PRO A 58 -17.70 -12.94 12.76
C PRO A 58 -18.78 -11.88 12.65
N ASP A 59 -18.36 -10.63 12.40
CA ASP A 59 -19.27 -9.51 12.27
C ASP A 59 -18.49 -8.33 11.69
N MET C 1 -11.92 6.13 3.54
CA MET C 1 -10.49 5.78 3.48
C MET C 1 -10.10 4.91 4.66
N LEU C 2 -9.68 3.66 4.40
CA LEU C 2 -9.27 2.75 5.46
C LEU C 2 -7.91 3.22 5.98
N ILE C 3 -7.70 3.19 7.30
CA ILE C 3 -6.43 3.58 7.90
C ILE C 3 -5.94 2.48 8.83
N LEU C 4 -4.62 2.29 8.81
CA LEU C 4 -3.91 1.35 9.67
C LEU C 4 -2.83 2.12 10.42
N THR C 5 -2.34 1.50 11.48
CA THR C 5 -1.28 2.03 12.31
C THR C 5 -0.21 0.95 12.39
N ARG C 6 0.83 1.14 11.58
CA ARG C 6 1.87 0.16 11.35
C ARG C 6 3.06 0.43 12.26
N LYS C 7 3.98 -0.54 12.32
CA LYS C 7 5.28 -0.38 12.95
C LYS C 7 6.29 -1.03 12.01
N VAL C 8 7.54 -0.59 12.08
CA VAL C 8 8.58 -1.06 11.16
C VAL C 8 8.63 -2.59 11.14
N GLY C 9 8.55 -3.17 9.94
CA GLY C 9 8.63 -4.61 9.72
C GLY C 9 7.25 -5.25 9.54
N GLU C 10 6.17 -4.54 9.89
CA GLU C 10 4.82 -5.05 9.77
C GLU C 10 4.36 -5.06 8.31
N SER C 11 3.29 -5.80 8.00
CA SER C 11 2.80 -5.94 6.64
C SER C 11 1.27 -5.92 6.59
N ILE C 12 0.73 -5.60 5.42
CA ILE C 12 -0.71 -5.54 5.15
C ILE C 12 -0.95 -6.23 3.80
N ASN C 13 -2.20 -6.56 3.49
CA ASN C 13 -2.54 -7.31 2.29
C ASN C 13 -3.76 -6.70 1.59
N ILE C 14 -3.82 -6.85 0.27
CA ILE C 14 -4.91 -6.33 -0.55
C ILE C 14 -5.25 -7.35 -1.64
N GLY C 15 -6.53 -7.42 -2.02
CA GLY C 15 -6.99 -8.36 -3.02
C GLY C 15 -6.59 -9.78 -2.60
N ASP C 16 -6.09 -10.58 -3.54
CA ASP C 16 -5.60 -11.92 -3.27
C ASP C 16 -4.21 -12.10 -3.89
N ASP C 17 -3.63 -11.02 -4.41
CA ASP C 17 -2.36 -11.05 -5.11
C ASP C 17 -1.50 -9.83 -4.80
N ILE C 18 -1.84 -9.05 -3.76
CA ILE C 18 -1.09 -7.84 -3.42
C ILE C 18 -0.79 -7.81 -1.93
N THR C 19 0.44 -7.40 -1.58
CA THR C 19 0.86 -7.29 -0.19
C THR C 19 1.75 -6.06 -0.06
N ILE C 20 1.77 -5.44 1.13
CA ILE C 20 2.50 -4.19 1.35
C ILE C 20 3.31 -4.30 2.65
N THR C 21 4.45 -3.60 2.72
CA THR C 21 5.35 -3.69 3.87
C THR C 21 5.90 -2.30 4.23
N ILE C 22 6.22 -2.10 5.52
CA ILE C 22 6.85 -0.87 6.00
C ILE C 22 8.29 -1.19 6.38
N LEU C 23 9.22 -0.95 5.46
CA LEU C 23 10.62 -1.33 5.64
C LEU C 23 11.29 -0.50 6.74
N GLY C 24 10.81 0.72 6.98
CA GLY C 24 11.34 1.55 8.05
C GLY C 24 10.96 3.02 7.91
N VAL C 25 11.58 3.86 8.75
CA VAL C 25 11.33 5.29 8.80
C VAL C 25 12.66 6.05 8.82
N SER C 26 12.61 7.32 8.45
CA SER C 26 13.79 8.17 8.35
C SER C 26 13.40 9.62 8.63
N GLY C 27 12.87 9.90 9.82
CA GLY C 27 12.43 11.23 10.17
C GLY C 27 11.11 11.53 9.47
N GLN C 28 11.03 12.67 8.80
CA GLN C 28 9.84 13.03 8.03
C GLN C 28 9.70 12.13 6.80
N GLN C 29 10.72 11.32 6.49
CA GLN C 29 10.67 10.41 5.37
C GLN C 29 10.32 9.00 5.83
N VAL C 30 9.90 8.16 4.89
CA VAL C 30 9.40 6.81 5.14
C VAL C 30 9.81 5.88 4.00
N ARG C 31 10.09 4.61 4.31
CA ARG C 31 10.53 3.62 3.33
C ARG C 31 9.56 2.45 3.36
N ILE C 32 8.88 2.21 2.24
CA ILE C 32 7.85 1.20 2.11
C ILE C 32 8.04 0.37 0.86
N GLY C 33 7.45 -0.83 0.84
CA GLY C 33 7.56 -1.73 -0.28
C GLY C 33 6.20 -2.31 -0.65
N ILE C 34 6.12 -2.90 -1.84
CA ILE C 34 4.89 -3.42 -2.42
C ILE C 34 5.22 -4.76 -3.07
N ASN C 35 4.31 -5.72 -2.94
CA ASN C 35 4.52 -7.06 -3.46
C ASN C 35 3.29 -7.46 -4.25
N ALA C 36 3.20 -6.86 -5.43
CA ALA C 36 2.17 -7.11 -6.43
C ALA C 36 2.86 -7.56 -7.72
N PRO C 37 2.14 -8.25 -8.61
CA PRO C 37 2.68 -8.69 -9.88
C PRO C 37 2.74 -7.51 -10.83
N LYS C 38 3.64 -7.55 -11.82
CA LYS C 38 3.69 -6.51 -12.84
C LYS C 38 2.48 -6.58 -13.76
N ASP C 39 1.59 -7.54 -13.51
CA ASP C 39 0.30 -7.62 -14.19
C ASP C 39 -0.60 -6.48 -13.73
N VAL C 40 -0.21 -5.78 -12.65
CA VAL C 40 -0.88 -4.55 -12.23
C VAL C 40 0.16 -3.43 -12.08
N ALA C 41 -0.27 -2.22 -12.45
CA ALA C 41 0.61 -1.06 -12.41
C ALA C 41 0.87 -0.63 -10.97
N VAL C 42 2.08 -0.16 -10.70
CA VAL C 42 2.46 0.34 -9.39
C VAL C 42 3.51 1.43 -9.59
N HIS C 43 3.17 2.68 -9.23
CA HIS C 43 4.05 3.82 -9.39
C HIS C 43 3.82 4.87 -8.30
N ARG C 44 4.74 5.82 -8.20
CA ARG C 44 4.67 6.95 -7.29
C ARG C 44 3.55 7.91 -7.70
N GLU C 45 3.10 8.76 -6.77
CA GLU C 45 2.01 9.69 -7.01
C GLU C 45 2.37 10.75 -8.05
N GLU C 46 3.59 11.28 -7.98
CA GLU C 46 4.04 12.36 -8.86
C GLU C 46 4.04 11.96 -10.34
N ILE C 47 3.90 10.66 -10.62
CA ILE C 47 4.07 10.14 -11.95
C ILE C 47 2.93 9.20 -12.34
N TYR C 48 2.19 8.65 -11.39
CA TYR C 48 1.10 7.77 -11.76
C TYR C 48 0.05 8.56 -12.55
N GLN C 49 -0.14 9.82 -12.20
CA GLN C 49 -1.13 10.66 -12.86
C GLN C 49 -0.67 11.12 -14.24
N ARG C 50 0.61 10.93 -14.57
CA ARG C 50 1.13 11.26 -15.88
C ARG C 50 1.08 10.03 -16.79
N ILE C 51 1.18 8.84 -16.19
CA ILE C 51 1.04 7.57 -16.89
C ILE C 51 -0.41 7.40 -17.30
N GLN C 52 -1.32 7.64 -16.36
CA GLN C 52 -2.74 7.47 -16.59
C GLN C 52 -3.32 8.62 -17.41
N ALA C 53 -2.45 9.52 -17.88
CA ALA C 53 -2.87 10.63 -18.72
C ALA C 53 -3.22 10.13 -20.14
N GLY C 54 -2.76 8.92 -20.50
CA GLY C 54 -3.05 8.35 -21.81
C GLY C 54 -1.79 7.79 -22.48
N LEU C 55 -0.73 7.56 -21.69
CA LEU C 55 0.58 7.16 -22.21
C LEU C 55 1.20 6.10 -21.30
N THR C 56 2.47 5.76 -21.56
CA THR C 56 3.19 4.77 -20.77
C THR C 56 4.64 5.21 -20.56
N ALA C 57 5.39 4.42 -19.77
CA ALA C 57 6.77 4.73 -19.43
C ALA C 57 7.64 4.94 -20.67
N PRO C 58 8.70 5.76 -20.55
CA PRO C 58 9.63 6.04 -21.62
C PRO C 58 10.48 4.83 -22.00
N ASP C 59 11.40 5.05 -22.93
CA ASP C 59 12.23 4.02 -23.53
C ASP C 59 13.58 4.61 -23.93
N MET A 1 10.35 -7.58 -5.84
CA MET A 1 9.55 -6.76 -4.91
C MET A 1 9.87 -5.29 -5.11
N LEU A 2 8.85 -4.45 -5.36
CA LEU A 2 9.06 -3.04 -5.67
C LEU A 2 9.11 -2.22 -4.38
N ILE A 3 10.06 -1.29 -4.26
CA ILE A 3 10.20 -0.39 -3.13
C ILE A 3 10.10 1.04 -3.63
N LEU A 4 9.55 1.91 -2.78
CA LEU A 4 9.46 3.34 -3.05
C LEU A 4 9.70 4.08 -1.74
N THR A 5 9.91 5.39 -1.84
CA THR A 5 10.20 6.23 -0.70
C THR A 5 9.23 7.39 -0.70
N ARG A 6 8.70 7.72 0.48
CA ARG A 6 7.68 8.73 0.64
C ARG A 6 7.97 9.52 1.91
N LYS A 7 7.19 10.58 2.13
CA LYS A 7 7.28 11.41 3.31
C LYS A 7 5.87 11.66 3.81
N VAL A 8 5.73 12.03 5.09
CA VAL A 8 4.42 12.23 5.70
C VAL A 8 3.57 13.17 4.83
N GLY A 9 2.48 12.64 4.28
CA GLY A 9 1.53 13.40 3.47
C GLY A 9 1.55 12.96 2.00
N GLU A 10 2.56 12.21 1.57
CA GLU A 10 2.68 11.74 0.19
C GLU A 10 1.90 10.46 -0.02
N SER A 11 1.85 9.97 -1.27
CA SER A 11 1.02 8.82 -1.63
C SER A 11 1.69 7.93 -2.67
N ILE A 12 1.09 6.75 -2.88
CA ILE A 12 1.51 5.71 -3.82
C ILE A 12 0.26 5.24 -4.55
N ASN A 13 0.39 4.59 -5.71
CA ASN A 13 -0.76 4.18 -6.48
C ASN A 13 -0.60 2.76 -7.03
N ILE A 14 -1.72 2.03 -7.14
CA ILE A 14 -1.76 0.65 -7.56
C ILE A 14 -2.94 0.46 -8.52
N GLY A 15 -2.76 -0.40 -9.53
CA GLY A 15 -3.81 -0.68 -10.49
C GLY A 15 -4.32 0.62 -11.12
N ASP A 16 -5.64 0.73 -11.25
CA ASP A 16 -6.30 1.91 -11.77
C ASP A 16 -7.44 2.37 -10.86
N ASP A 17 -7.59 1.74 -9.68
CA ASP A 17 -8.64 2.06 -8.73
C ASP A 17 -8.14 1.98 -7.28
N ILE A 18 -6.82 1.93 -7.06
CA ILE A 18 -6.28 1.80 -5.71
C ILE A 18 -5.18 2.83 -5.49
N THR A 19 -5.17 3.44 -4.29
CA THR A 19 -4.18 4.43 -3.91
C THR A 19 -3.86 4.26 -2.43
N ILE A 20 -2.66 4.65 -2.00
CA ILE A 20 -2.18 4.46 -0.64
C ILE A 20 -1.52 5.76 -0.16
N THR A 21 -1.57 6.03 1.15
CA THR A 21 -1.03 7.29 1.69
C THR A 21 -0.33 7.04 3.02
N ILE A 22 0.65 7.89 3.35
CA ILE A 22 1.41 7.83 4.59
C ILE A 22 1.01 9.04 5.44
N LEU A 23 -0.01 8.86 6.29
CA LEU A 23 -0.60 9.94 7.05
C LEU A 23 0.38 10.51 8.07
N GLY A 24 1.31 9.69 8.55
CA GLY A 24 2.30 10.14 9.51
C GLY A 24 3.10 8.99 10.11
N VAL A 25 3.94 9.31 11.10
CA VAL A 25 4.79 8.35 11.78
C VAL A 25 4.68 8.54 13.29
N SER A 26 5.07 7.50 14.04
CA SER A 26 4.96 7.48 15.49
C SER A 26 6.10 6.63 16.05
N GLY A 27 7.34 7.01 15.73
CA GLY A 27 8.49 6.24 16.14
C GLY A 27 8.61 5.00 15.27
N GLN A 28 8.77 3.82 15.90
CA GLN A 28 8.80 2.56 15.19
C GLN A 28 7.40 2.22 14.65
N GLN A 29 6.36 2.94 15.10
CA GLN A 29 5.02 2.76 14.56
C GLN A 29 4.80 3.71 13.39
N VAL A 30 3.79 3.41 12.57
CA VAL A 30 3.49 4.16 11.36
C VAL A 30 1.99 4.24 11.16
N ARG A 31 1.51 5.32 10.54
CA ARG A 31 0.10 5.55 10.26
C ARG A 31 -0.08 5.73 8.76
N ILE A 32 -0.82 4.80 8.16
CA ILE A 32 -1.02 4.73 6.72
C ILE A 32 -2.49 4.45 6.43
N GLY A 33 -2.92 4.69 5.19
CA GLY A 33 -4.29 4.45 4.79
C GLY A 33 -4.36 3.92 3.38
N ILE A 34 -5.49 3.30 3.04
CA ILE A 34 -5.71 2.68 1.74
C ILE A 34 -6.97 3.28 1.14
N ASN A 35 -6.96 3.50 -0.16
CA ASN A 35 -8.06 4.13 -0.87
C ASN A 35 -8.45 3.26 -2.05
N ALA A 36 -9.14 2.17 -1.70
CA ALA A 36 -9.68 1.19 -2.61
C ALA A 36 -11.16 0.98 -2.26
N PRO A 37 -11.96 0.47 -3.20
CA PRO A 37 -13.36 0.22 -2.96
C PRO A 37 -13.51 -1.06 -2.13
N LYS A 38 -14.62 -1.20 -1.41
CA LYS A 38 -14.89 -2.42 -0.66
C LYS A 38 -15.19 -3.58 -1.59
N ASP A 39 -15.18 -3.31 -2.90
CA ASP A 39 -15.27 -4.35 -3.92
C ASP A 39 -13.98 -5.18 -3.92
N VAL A 40 -12.94 -4.71 -3.23
CA VAL A 40 -11.73 -5.51 -3.01
C VAL A 40 -11.40 -5.54 -1.52
N ALA A 41 -10.89 -6.68 -1.08
CA ALA A 41 -10.58 -6.92 0.32
C ALA A 41 -9.32 -6.16 0.73
N VAL A 42 -9.30 -5.67 1.96
CA VAL A 42 -8.14 -4.98 2.52
C VAL A 42 -8.07 -5.29 4.01
N HIS A 43 -6.93 -5.80 4.49
CA HIS A 43 -6.74 -6.12 5.90
C HIS A 43 -5.26 -6.00 6.28
N ARG A 44 -4.93 -6.29 7.54
CA ARG A 44 -3.56 -6.23 8.02
C ARG A 44 -3.07 -7.61 8.44
N GLU A 45 -1.74 -7.81 8.41
CA GLU A 45 -1.13 -9.12 8.55
C GLU A 45 -1.41 -9.83 9.88
N GLU A 46 -1.74 -9.09 10.95
CA GLU A 46 -2.02 -9.72 12.23
C GLU A 46 -3.42 -10.32 12.25
N ILE A 47 -4.15 -10.22 11.12
CA ILE A 47 -5.47 -10.82 10.97
C ILE A 47 -5.63 -11.46 9.60
N TYR A 48 -4.90 -11.01 8.57
CA TYR A 48 -5.11 -11.55 7.24
C TYR A 48 -4.78 -13.05 7.20
N GLN A 49 -3.83 -13.46 8.03
CA GLN A 49 -3.40 -14.85 8.10
C GLN A 49 -4.47 -15.70 8.81
N ARG A 50 -5.44 -15.05 9.46
CA ARG A 50 -6.57 -15.73 10.07
C ARG A 50 -7.74 -15.80 9.10
N ILE A 51 -7.84 -14.82 8.19
CA ILE A 51 -8.90 -14.79 7.19
C ILE A 51 -8.66 -15.90 6.18
N GLN A 52 -7.44 -15.96 5.64
CA GLN A 52 -7.07 -16.92 4.61
C GLN A 52 -6.89 -18.32 5.19
N ALA A 53 -7.21 -18.49 6.48
CA ALA A 53 -7.13 -19.80 7.11
C ALA A 53 -8.26 -20.72 6.63
N GLY A 54 -9.31 -20.15 6.02
CA GLY A 54 -10.42 -20.93 5.48
C GLY A 54 -11.79 -20.30 5.77
N LEU A 55 -11.80 -19.02 6.17
CA LEU A 55 -13.01 -18.33 6.60
C LEU A 55 -13.06 -16.90 6.06
N THR A 56 -14.02 -16.12 6.52
CA THR A 56 -14.16 -14.71 6.13
C THR A 56 -14.55 -13.86 7.34
N ALA A 57 -14.56 -12.53 7.15
CA ALA A 57 -14.87 -11.59 8.21
C ALA A 57 -16.23 -11.87 8.86
N PRO A 58 -16.40 -11.47 10.12
CA PRO A 58 -17.64 -11.62 10.86
C PRO A 58 -18.72 -10.66 10.36
N ASP A 59 -19.84 -10.63 11.09
CA ASP A 59 -21.01 -9.85 10.71
C ASP A 59 -21.65 -9.19 11.94
N MET C 1 -11.84 5.77 3.00
CA MET C 1 -10.41 5.43 3.12
C MET C 1 -10.17 4.60 4.36
N LEU C 2 -9.50 3.44 4.23
CA LEU C 2 -9.29 2.50 5.32
C LEU C 2 -7.91 2.74 5.95
N ILE C 3 -7.85 3.51 7.04
CA ILE C 3 -6.62 3.78 7.76
C ILE C 3 -6.27 2.58 8.63
N LEU C 4 -4.97 2.33 8.79
CA LEU C 4 -4.44 1.26 9.62
C LEU C 4 -3.15 1.73 10.28
N THR C 5 -2.68 0.97 11.26
CA THR C 5 -1.46 1.29 11.99
C THR C 5 -0.58 0.06 11.98
N ARG C 6 0.73 0.26 11.78
CA ARG C 6 1.68 -0.82 11.57
C ARG C 6 3.03 -0.42 12.15
N LYS C 7 4.00 -1.33 12.17
CA LYS C 7 5.35 -1.01 12.64
C LYS C 7 6.39 -1.53 11.67
N VAL C 8 7.60 -0.97 11.74
CA VAL C 8 8.73 -1.36 10.90
C VAL C 8 8.92 -2.87 10.98
N GLY C 9 8.72 -3.57 9.85
CA GLY C 9 8.94 -5.02 9.79
C GLY C 9 7.65 -5.81 9.67
N GLU C 10 6.52 -5.14 9.45
CA GLU C 10 5.21 -5.77 9.33
C GLU C 10 4.57 -5.37 8.00
N SER C 11 3.36 -5.87 7.73
CA SER C 11 2.74 -5.72 6.43
C SER C 11 1.22 -5.57 6.45
N ILE C 12 0.69 -5.26 5.28
CA ILE C 12 -0.72 -5.03 4.99
C ILE C 12 -1.05 -5.82 3.72
N ASN C 13 -2.33 -6.04 3.42
CA ASN C 13 -2.69 -6.84 2.27
C ASN C 13 -3.91 -6.26 1.55
N ILE C 14 -3.98 -6.48 0.22
CA ILE C 14 -5.05 -5.98 -0.63
C ILE C 14 -5.41 -7.05 -1.66
N GLY C 15 -6.71 -7.16 -1.97
CA GLY C 15 -7.21 -8.13 -2.93
C GLY C 15 -6.82 -9.54 -2.53
N ASP C 16 -6.36 -10.32 -3.52
CA ASP C 16 -5.89 -11.69 -3.32
C ASP C 16 -4.53 -11.88 -3.99
N ASP C 17 -3.94 -10.79 -4.49
CA ASP C 17 -2.70 -10.84 -5.25
C ASP C 17 -1.76 -9.68 -4.89
N ILE C 18 -2.05 -8.88 -3.86
CA ILE C 18 -1.18 -7.78 -3.49
C ILE C 18 -0.92 -7.78 -1.98
N THR C 19 0.31 -7.42 -1.61
CA THR C 19 0.73 -7.27 -0.23
C THR C 19 1.67 -6.08 -0.15
N ILE C 20 1.66 -5.36 0.97
CA ILE C 20 2.43 -4.14 1.14
C ILE C 20 3.20 -4.23 2.45
N THR C 21 4.38 -3.60 2.53
CA THR C 21 5.24 -3.74 3.70
C THR C 21 5.87 -2.40 4.09
N ILE C 22 6.19 -2.25 5.37
CA ILE C 22 6.87 -1.07 5.90
C ILE C 22 8.29 -1.48 6.27
N LEU C 23 9.25 -1.14 5.40
CA LEU C 23 10.60 -1.60 5.54
C LEU C 23 11.36 -0.79 6.59
N GLY C 24 10.95 0.45 6.81
CA GLY C 24 11.54 1.27 7.86
C GLY C 24 11.15 2.74 7.75
N VAL C 25 11.76 3.56 8.61
CA VAL C 25 11.47 4.99 8.69
C VAL C 25 12.78 5.78 8.73
N SER C 26 12.71 7.05 8.37
CA SER C 26 13.85 7.95 8.30
C SER C 26 13.39 9.37 8.65
N GLY C 27 12.87 9.54 9.86
CA GLY C 27 12.33 10.84 10.27
C GLY C 27 11.00 11.07 9.56
N GLN C 28 10.84 12.26 8.97
CA GLN C 28 9.64 12.58 8.21
C GLN C 28 9.59 11.79 6.90
N GLN C 29 10.62 11.00 6.59
CA GLN C 29 10.63 10.18 5.39
C GLN C 29 10.47 8.69 5.76
N VAL C 30 10.10 7.88 4.77
CA VAL C 30 9.71 6.49 4.99
C VAL C 30 10.05 5.64 3.76
N ARG C 31 10.44 4.38 3.99
CA ARG C 31 10.63 3.41 2.92
C ARG C 31 9.66 2.26 3.12
N ILE C 32 8.95 1.93 2.04
CA ILE C 32 7.89 0.92 2.00
C ILE C 32 8.08 0.03 0.78
N GLY C 33 7.53 -1.19 0.85
CA GLY C 33 7.65 -2.16 -0.22
C GLY C 33 6.27 -2.59 -0.69
N ILE C 34 6.23 -3.19 -1.88
CA ILE C 34 4.99 -3.56 -2.54
C ILE C 34 5.21 -4.91 -3.22
N ASN C 35 4.23 -5.81 -3.09
CA ASN C 35 4.35 -7.17 -3.57
C ASN C 35 3.10 -7.51 -4.38
N ALA C 36 3.00 -6.86 -5.54
CA ALA C 36 1.98 -7.08 -6.54
C ALA C 36 2.66 -7.61 -7.80
N PRO C 37 1.93 -8.29 -8.68
CA PRO C 37 2.46 -8.77 -9.94
C PRO C 37 2.60 -7.62 -10.92
N LYS C 38 3.50 -7.72 -11.89
CA LYS C 38 3.63 -6.70 -12.92
C LYS C 38 2.43 -6.71 -13.85
N ASP C 39 1.49 -7.64 -13.60
CA ASP C 39 0.20 -7.67 -14.28
C ASP C 39 -0.66 -6.48 -13.83
N VAL C 40 -0.25 -5.80 -12.76
CA VAL C 40 -0.89 -4.56 -12.33
C VAL C 40 0.15 -3.46 -12.14
N ALA C 41 -0.26 -2.23 -12.49
CA ALA C 41 0.61 -1.07 -12.45
C ALA C 41 0.91 -0.67 -11.01
N VAL C 42 2.13 -0.21 -10.77
CA VAL C 42 2.56 0.27 -9.47
C VAL C 42 3.53 1.42 -9.67
N HIS C 43 3.15 2.63 -9.20
CA HIS C 43 3.91 3.85 -9.39
C HIS C 43 3.69 4.79 -8.19
N ARG C 44 4.24 6.00 -8.25
CA ARG C 44 4.02 7.00 -7.20
C ARG C 44 3.28 8.22 -7.75
N GLU C 45 2.54 8.93 -6.89
CA GLU C 45 1.67 10.01 -7.35
C GLU C 45 2.41 11.12 -8.09
N GLU C 46 3.71 11.28 -7.85
CA GLU C 46 4.52 12.27 -8.54
C GLU C 46 4.61 11.96 -10.03
N ILE C 47 4.22 10.74 -10.42
CA ILE C 47 4.36 10.26 -11.77
C ILE C 47 3.09 9.57 -12.27
N TYR C 48 2.27 8.98 -11.38
CA TYR C 48 1.10 8.27 -11.85
C TYR C 48 0.16 9.23 -12.56
N GLN C 49 0.12 10.47 -12.09
CA GLN C 49 -0.73 11.51 -12.65
C GLN C 49 -0.19 11.99 -13.99
N ARG C 50 1.05 11.59 -14.34
CA ARG C 50 1.64 11.90 -15.63
C ARG C 50 1.43 10.74 -16.60
N ILE C 51 1.39 9.50 -16.08
CA ILE C 51 1.12 8.32 -16.88
C ILE C 51 -0.32 8.38 -17.38
N GLN C 52 -1.25 8.67 -16.46
CA GLN C 52 -2.66 8.72 -16.77
C GLN C 52 -3.03 10.01 -17.51
N ALA C 53 -2.04 10.82 -17.86
CA ALA C 53 -2.28 12.04 -18.61
C ALA C 53 -2.59 11.75 -20.08
N GLY C 54 -2.27 10.54 -20.55
CA GLY C 54 -2.53 10.15 -21.93
C GLY C 54 -1.30 9.54 -22.60
N LEU C 55 -0.33 9.07 -21.79
CA LEU C 55 0.94 8.56 -22.27
C LEU C 55 1.37 7.33 -21.48
N THR C 56 2.59 6.85 -21.71
CA THR C 56 3.10 5.67 -21.01
C THR C 56 4.57 5.85 -20.65
N ALA C 57 5.11 4.90 -19.87
CA ALA C 57 6.48 4.93 -19.39
C ALA C 57 7.50 5.00 -20.54
N PRO C 58 8.71 5.49 -20.26
CA PRO C 58 9.81 5.54 -21.20
C PRO C 58 10.37 4.14 -21.48
N ASP C 59 11.52 4.09 -22.15
CA ASP C 59 12.12 2.86 -22.62
C ASP C 59 13.59 2.73 -22.18
N MET A 1 9.76 -7.50 -5.77
CA MET A 1 9.12 -6.53 -4.85
C MET A 1 9.57 -5.13 -5.20
N LEU A 2 8.61 -4.21 -5.42
CA LEU A 2 8.90 -2.85 -5.85
C LEU A 2 8.99 -1.91 -4.64
N ILE A 3 10.20 -1.64 -4.17
CA ILE A 3 10.42 -0.71 -3.07
C ILE A 3 10.34 0.71 -3.59
N LEU A 4 9.87 1.62 -2.73
CA LEU A 4 9.77 3.04 -3.03
C LEU A 4 10.07 3.82 -1.75
N THR A 5 10.26 5.12 -1.89
CA THR A 5 10.55 6.00 -0.76
C THR A 5 9.55 7.15 -0.82
N ARG A 6 9.04 7.53 0.34
CA ARG A 6 7.96 8.51 0.42
C ARG A 6 8.13 9.36 1.67
N LYS A 7 7.34 10.42 1.81
CA LYS A 7 7.40 11.29 2.99
C LYS A 7 6.00 11.61 3.47
N VAL A 8 5.90 12.02 4.74
CA VAL A 8 4.62 12.30 5.37
C VAL A 8 3.78 13.23 4.50
N GLY A 9 2.58 12.77 4.11
CA GLY A 9 1.63 13.58 3.36
C GLY A 9 1.55 13.16 1.89
N GLU A 10 2.57 12.45 1.39
CA GLU A 10 2.59 12.01 0.00
C GLU A 10 1.90 10.65 -0.16
N SER A 11 1.88 10.11 -1.38
CA SER A 11 1.14 8.89 -1.68
C SER A 11 1.81 8.01 -2.74
N ILE A 12 1.24 6.81 -2.91
CA ILE A 12 1.69 5.78 -3.83
C ILE A 12 0.44 5.25 -4.54
N ASN A 13 0.60 4.54 -5.67
CA ASN A 13 -0.55 4.11 -6.45
C ASN A 13 -0.35 2.71 -7.03
N ILE A 14 -1.45 1.97 -7.16
CA ILE A 14 -1.46 0.60 -7.67
C ILE A 14 -2.68 0.39 -8.57
N GLY A 15 -2.51 -0.43 -9.61
CA GLY A 15 -3.59 -0.75 -10.53
C GLY A 15 -4.18 0.51 -11.16
N ASP A 16 -5.51 0.57 -11.24
CA ASP A 16 -6.25 1.70 -11.79
C ASP A 16 -7.36 2.12 -10.82
N ASP A 17 -7.40 1.49 -9.64
CA ASP A 17 -8.44 1.72 -8.64
C ASP A 17 -7.89 1.68 -7.21
N ILE A 18 -6.57 1.67 -7.02
CA ILE A 18 -5.99 1.59 -5.69
C ILE A 18 -4.94 2.68 -5.50
N THR A 19 -4.97 3.33 -4.33
CA THR A 19 -4.02 4.36 -3.97
C THR A 19 -3.75 4.26 -2.48
N ILE A 20 -2.55 4.66 -2.04
CA ILE A 20 -2.11 4.52 -0.66
C ILE A 20 -1.46 5.82 -0.20
N THR A 21 -1.56 6.15 1.09
CA THR A 21 -1.07 7.41 1.61
C THR A 21 -0.35 7.20 2.94
N ILE A 22 0.63 8.06 3.24
CA ILE A 22 1.38 8.02 4.48
C ILE A 22 1.00 9.23 5.33
N LEU A 23 0.05 9.03 6.24
CA LEU A 23 -0.51 10.09 7.05
C LEU A 23 0.51 10.65 8.03
N GLY A 24 1.48 9.82 8.44
CA GLY A 24 2.54 10.28 9.32
C GLY A 24 3.36 9.13 9.90
N VAL A 25 4.25 9.46 10.83
CA VAL A 25 5.17 8.52 11.45
C VAL A 25 5.30 8.83 12.94
N SER A 26 5.66 7.82 13.73
CA SER A 26 5.74 7.91 15.19
C SER A 26 6.86 7.00 15.69
N GLY A 27 8.09 7.28 15.25
CA GLY A 27 9.23 6.48 15.64
C GLY A 27 9.21 5.15 14.91
N GLN A 28 9.34 4.05 15.66
CA GLN A 28 9.28 2.71 15.10
C GLN A 28 7.84 2.37 14.66
N GLN A 29 6.90 3.31 14.82
CA GLN A 29 5.53 3.12 14.39
C GLN A 29 5.18 4.08 13.26
N VAL A 30 4.08 3.78 12.55
CA VAL A 30 3.69 4.47 11.33
C VAL A 30 2.17 4.58 11.23
N ARG A 31 1.67 5.56 10.48
CA ARG A 31 0.24 5.77 10.29
C ARG A 31 -0.02 5.98 8.80
N ILE A 32 -0.88 5.13 8.22
CA ILE A 32 -1.12 5.13 6.79
C ILE A 32 -2.61 4.98 6.47
N GLY A 33 -2.97 5.30 5.24
CA GLY A 33 -4.33 5.17 4.75
C GLY A 33 -4.35 4.42 3.42
N ILE A 34 -5.52 3.92 3.05
CA ILE A 34 -5.69 3.12 1.84
C ILE A 34 -6.95 3.59 1.14
N ASN A 35 -6.87 3.67 -0.19
CA ASN A 35 -7.94 4.19 -1.02
C ASN A 35 -8.22 3.19 -2.14
N ALA A 36 -8.81 2.06 -1.76
CA ALA A 36 -9.26 1.03 -2.67
C ALA A 36 -10.77 0.88 -2.50
N PRO A 37 -11.47 0.37 -3.52
CA PRO A 37 -12.91 0.23 -3.46
C PRO A 37 -13.24 -0.84 -2.44
N LYS A 38 -14.38 -0.68 -1.77
CA LYS A 38 -14.82 -1.64 -0.77
C LYS A 38 -15.20 -2.97 -1.43
N ASP A 39 -15.10 -3.01 -2.76
CA ASP A 39 -15.30 -4.20 -3.57
C ASP A 39 -14.05 -5.09 -3.59
N VAL A 40 -12.91 -4.59 -3.09
CA VAL A 40 -11.73 -5.43 -2.95
C VAL A 40 -11.31 -5.51 -1.49
N ALA A 41 -10.80 -6.68 -1.10
CA ALA A 41 -10.42 -6.96 0.28
C ALA A 41 -9.17 -6.17 0.67
N VAL A 42 -9.13 -5.77 1.95
CA VAL A 42 -8.00 -5.08 2.54
C VAL A 42 -7.88 -5.53 4.00
N HIS A 43 -6.81 -6.27 4.32
CA HIS A 43 -6.61 -6.75 5.68
C HIS A 43 -5.13 -6.88 5.99
N ARG A 44 -4.80 -6.84 7.28
CA ARG A 44 -3.43 -7.01 7.76
C ARG A 44 -2.97 -8.44 7.57
N GLU A 45 -1.66 -8.67 7.57
CA GLU A 45 -1.12 -10.02 7.41
C GLU A 45 -1.44 -10.89 8.63
N GLU A 46 -1.66 -10.23 9.77
CA GLU A 46 -2.00 -10.89 11.03
C GLU A 46 -3.40 -11.50 10.99
N ILE A 47 -4.21 -11.16 9.98
CA ILE A 47 -5.60 -11.61 9.92
C ILE A 47 -5.96 -12.09 8.53
N TYR A 48 -5.30 -11.61 7.47
CA TYR A 48 -5.68 -12.04 6.13
C TYR A 48 -5.47 -13.53 5.97
N GLN A 49 -4.42 -14.05 6.63
CA GLN A 49 -4.07 -15.45 6.54
C GLN A 49 -5.02 -16.32 7.35
N ARG A 50 -5.81 -15.70 8.24
CA ARG A 50 -6.82 -16.41 9.03
C ARG A 50 -8.18 -16.33 8.31
N ILE A 51 -8.40 -15.27 7.51
CA ILE A 51 -9.61 -15.12 6.72
C ILE A 51 -9.58 -16.15 5.58
N GLN A 52 -8.47 -16.16 4.84
CA GLN A 52 -8.32 -17.01 3.68
C GLN A 52 -8.13 -18.47 4.06
N ALA A 53 -8.24 -18.78 5.35
CA ALA A 53 -8.15 -20.14 5.83
C ALA A 53 -9.40 -20.95 5.43
N GLY A 54 -10.49 -20.26 5.07
CA GLY A 54 -11.72 -20.91 4.63
C GLY A 54 -12.97 -20.25 5.23
N LEU A 55 -12.83 -19.04 5.76
CA LEU A 55 -13.89 -18.36 6.48
C LEU A 55 -13.93 -16.87 6.13
N THR A 56 -14.75 -16.11 6.86
CA THR A 56 -14.86 -14.67 6.70
C THR A 56 -14.97 -14.00 8.08
N ALA A 57 -15.04 -12.67 8.12
CA ALA A 57 -15.12 -11.92 9.37
C ALA A 57 -16.17 -12.49 10.32
N PRO A 58 -15.93 -12.41 11.63
CA PRO A 58 -16.79 -12.99 12.65
C PRO A 58 -18.11 -12.24 12.79
N ASP A 59 -18.13 -10.93 12.49
CA ASP A 59 -19.32 -10.12 12.64
C ASP A 59 -19.16 -8.79 11.93
N MET C 1 -12.27 5.89 3.61
CA MET C 1 -10.84 5.57 3.55
C MET C 1 -10.47 4.67 4.72
N LEU C 2 -9.70 3.61 4.49
CA LEU C 2 -9.30 2.69 5.56
C LEU C 2 -7.92 3.10 6.06
N ILE C 3 -7.77 3.25 7.39
CA ILE C 3 -6.53 3.65 8.03
C ILE C 3 -6.03 2.52 8.91
N LEU C 4 -4.71 2.43 9.07
CA LEU C 4 -4.07 1.47 9.95
C LEU C 4 -2.82 2.11 10.55
N THR C 5 -2.28 1.49 11.60
CA THR C 5 -1.12 1.97 12.32
C THR C 5 -0.09 0.86 12.33
N ARG C 6 0.93 1.03 11.49
CA ARG C 6 1.92 0.01 11.22
C ARG C 6 3.15 0.19 12.11
N LYS C 7 4.04 -0.79 12.08
CA LYS C 7 5.35 -0.70 12.70
C LYS C 7 6.35 -1.37 11.76
N VAL C 8 7.62 -1.02 11.91
CA VAL C 8 8.67 -1.49 11.02
C VAL C 8 8.69 -3.02 11.01
N GLY C 9 8.44 -3.61 9.83
CA GLY C 9 8.48 -5.05 9.64
C GLY C 9 7.12 -5.64 9.33
N GLU C 10 6.02 -4.95 9.69
CA GLU C 10 4.68 -5.45 9.46
C GLU C 10 4.31 -5.39 7.96
N SER C 11 3.21 -6.05 7.61
CA SER C 11 2.72 -6.09 6.24
C SER C 11 1.20 -6.08 6.21
N ILE C 12 0.65 -5.67 5.08
CA ILE C 12 -0.79 -5.61 4.82
C ILE C 12 -1.04 -6.28 3.47
N ASN C 13 -2.30 -6.61 3.16
CA ASN C 13 -2.64 -7.34 1.96
C ASN C 13 -3.86 -6.73 1.29
N ILE C 14 -3.89 -6.75 -0.05
CA ILE C 14 -4.94 -6.17 -0.86
C ILE C 14 -5.37 -7.17 -1.93
N GLY C 15 -6.65 -7.14 -2.31
CA GLY C 15 -7.17 -8.01 -3.35
C GLY C 15 -6.90 -9.48 -3.01
N ASP C 16 -6.41 -10.22 -4.01
CA ASP C 16 -6.06 -11.63 -3.85
C ASP C 16 -4.66 -11.90 -4.40
N ASP C 17 -3.94 -10.85 -4.83
CA ASP C 17 -2.63 -10.99 -5.46
C ASP C 17 -1.70 -9.83 -5.11
N ILE C 18 -2.02 -9.02 -4.10
CA ILE C 18 -1.22 -7.85 -3.76
C ILE C 18 -0.92 -7.82 -2.27
N THR C 19 0.31 -7.44 -1.91
CA THR C 19 0.74 -7.34 -0.53
C THR C 19 1.69 -6.15 -0.38
N ILE C 20 1.78 -5.59 0.82
CA ILE C 20 2.55 -4.37 1.08
C ILE C 20 3.34 -4.53 2.38
N THR C 21 4.51 -3.89 2.49
CA THR C 21 5.38 -4.02 3.66
C THR C 21 6.02 -2.68 4.00
N ILE C 22 6.33 -2.47 5.29
CA ILE C 22 7.00 -1.26 5.78
C ILE C 22 8.43 -1.65 6.20
N LEU C 23 9.39 -1.39 5.31
CA LEU C 23 10.77 -1.81 5.53
C LEU C 23 11.42 -1.01 6.65
N GLY C 24 10.98 0.23 6.85
CA GLY C 24 11.50 1.07 7.91
C GLY C 24 11.14 2.54 7.74
N VAL C 25 11.80 3.40 8.53
CA VAL C 25 11.54 4.83 8.52
C VAL C 25 12.87 5.58 8.44
N SER C 26 12.80 6.86 8.08
CA SER C 26 13.97 7.71 7.89
C SER C 26 13.60 9.15 8.26
N GLY C 27 13.10 9.34 9.48
CA GLY C 27 12.66 10.65 9.93
C GLY C 27 11.33 11.00 9.27
N GLN C 28 11.24 12.20 8.70
CA GLN C 28 10.07 12.63 7.96
C GLN C 28 9.90 11.79 6.69
N GLN C 29 10.88 10.94 6.35
CA GLN C 29 10.79 10.06 5.20
C GLN C 29 10.44 8.64 5.66
N VAL C 30 10.05 7.81 4.70
CA VAL C 30 9.57 6.45 4.94
C VAL C 30 10.05 5.53 3.82
N ARG C 31 10.25 4.25 4.14
CA ARG C 31 10.72 3.25 3.19
C ARG C 31 9.76 2.07 3.20
N ILE C 32 9.11 1.84 2.07
CA ILE C 32 8.04 0.86 1.93
C ILE C 32 8.21 0.10 0.62
N GLY C 33 7.56 -1.07 0.52
CA GLY C 33 7.62 -1.87 -0.68
C GLY C 33 6.27 -2.48 -1.01
N ILE C 34 6.12 -2.89 -2.28
CA ILE C 34 4.89 -3.46 -2.80
C ILE C 34 5.21 -4.82 -3.39
N ASN C 35 4.30 -5.77 -3.25
CA ASN C 35 4.50 -7.13 -3.70
C ASN C 35 3.28 -7.56 -4.52
N ALA C 36 3.24 -7.02 -5.73
CA ALA C 36 2.22 -7.27 -6.74
C ALA C 36 2.92 -7.69 -8.04
N PRO C 37 2.20 -8.36 -8.93
CA PRO C 37 2.75 -8.79 -10.21
C PRO C 37 2.84 -7.59 -11.14
N LYS C 38 3.75 -7.61 -12.12
CA LYS C 38 3.83 -6.56 -13.11
C LYS C 38 2.63 -6.58 -14.04
N ASP C 39 1.71 -7.53 -13.82
CA ASP C 39 0.43 -7.59 -14.51
C ASP C 39 -0.46 -6.45 -14.03
N VAL C 40 -0.09 -5.79 -12.94
CA VAL C 40 -0.77 -4.57 -12.48
C VAL C 40 0.26 -3.46 -12.27
N ALA C 41 -0.16 -2.23 -12.58
CA ALA C 41 0.70 -1.07 -12.50
C ALA C 41 1.01 -0.71 -11.04
N VAL C 42 2.24 -0.26 -10.78
CA VAL C 42 2.66 0.20 -9.47
C VAL C 42 3.70 1.30 -9.66
N HIS C 43 3.39 2.53 -9.22
CA HIS C 43 4.24 3.69 -9.37
C HIS C 43 4.06 4.64 -8.19
N ARG C 44 4.74 5.79 -8.19
CA ARG C 44 4.59 6.79 -7.15
C ARG C 44 3.86 8.03 -7.68
N GLU C 45 3.20 8.77 -6.77
CA GLU C 45 2.30 9.86 -7.16
C GLU C 45 2.98 10.98 -7.95
N GLU C 46 4.30 11.12 -7.80
CA GLU C 46 5.05 12.14 -8.51
C GLU C 46 5.09 11.85 -10.02
N ILE C 47 4.69 10.63 -10.41
CA ILE C 47 4.75 10.20 -11.80
C ILE C 47 3.47 9.49 -12.23
N TYR C 48 2.72 8.89 -11.30
CA TYR C 48 1.54 8.14 -11.72
C TYR C 48 0.53 9.07 -12.40
N GLN C 49 0.51 10.32 -11.96
CA GLN C 49 -0.42 11.31 -12.49
C GLN C 49 0.01 11.78 -13.88
N ARG C 50 1.23 11.41 -14.29
CA ARG C 50 1.73 11.72 -15.63
C ARG C 50 1.46 10.56 -16.56
N ILE C 51 1.45 9.32 -16.04
CA ILE C 51 1.14 8.13 -16.81
C ILE C 51 -0.34 8.16 -17.19
N GLN C 52 -1.19 8.44 -16.21
CA GLN C 52 -2.63 8.44 -16.41
C GLN C 52 -3.09 9.70 -17.13
N ALA C 53 -2.15 10.54 -17.58
CA ALA C 53 -2.48 11.72 -18.35
C ALA C 53 -2.92 11.33 -19.77
N GLY C 54 -2.62 10.10 -20.20
CA GLY C 54 -3.00 9.62 -21.53
C GLY C 54 -1.83 8.98 -22.27
N LEU C 55 -0.78 8.61 -21.54
CA LEU C 55 0.46 8.11 -22.12
C LEU C 55 1.03 6.96 -21.29
N THR C 56 2.25 6.53 -21.64
CA THR C 56 2.95 5.46 -20.92
C THR C 56 4.44 5.80 -20.84
N ALA C 57 5.21 4.98 -20.13
CA ALA C 57 6.64 5.22 -19.93
C ALA C 57 7.35 5.42 -21.29
N PRO C 58 8.32 6.34 -21.34
CA PRO C 58 9.14 6.60 -22.53
C PRO C 58 9.76 5.35 -23.15
N ASP C 59 9.87 4.27 -22.38
CA ASP C 59 10.53 3.06 -22.84
C ASP C 59 10.19 1.88 -21.92
N MET A 1 9.87 -7.45 -5.86
CA MET A 1 9.26 -6.51 -4.92
C MET A 1 9.64 -5.09 -5.27
N LEU A 2 8.69 -4.25 -5.67
CA LEU A 2 9.01 -2.86 -5.97
C LEU A 2 9.12 -2.12 -4.64
N ILE A 3 10.05 -1.18 -4.54
CA ILE A 3 10.24 -0.36 -3.37
C ILE A 3 10.21 1.09 -3.77
N LEU A 4 9.51 1.90 -2.99
CA LEU A 4 9.40 3.33 -3.22
C LEU A 4 9.57 4.03 -1.88
N THR A 5 9.86 5.34 -1.92
CA THR A 5 10.17 6.09 -0.72
C THR A 5 9.29 7.32 -0.68
N ARG A 6 8.83 7.67 0.52
CA ARG A 6 7.91 8.77 0.72
C ARG A 6 8.23 9.52 1.99
N LYS A 7 7.54 10.64 2.20
CA LYS A 7 7.61 11.42 3.42
C LYS A 7 6.18 11.58 3.93
N VAL A 8 6.04 11.87 5.23
CA VAL A 8 4.74 12.00 5.86
C VAL A 8 3.85 12.96 5.06
N GLY A 9 2.76 12.42 4.49
CA GLY A 9 1.79 13.20 3.74
C GLY A 9 1.72 12.79 2.27
N GLU A 10 2.79 12.19 1.75
CA GLU A 10 2.83 11.76 0.34
C GLU A 10 2.06 10.46 0.12
N SER A 11 1.98 10.00 -1.13
CA SER A 11 1.17 8.83 -1.50
C SER A 11 1.82 8.00 -2.61
N ILE A 12 1.26 6.81 -2.83
CA ILE A 12 1.68 5.84 -3.83
C ILE A 12 0.40 5.32 -4.50
N ASN A 13 0.51 4.66 -5.66
CA ASN A 13 -0.66 4.21 -6.40
C ASN A 13 -0.46 2.80 -6.94
N ILE A 14 -1.55 2.03 -7.01
CA ILE A 14 -1.54 0.63 -7.40
C ILE A 14 -2.71 0.34 -8.34
N GLY A 15 -2.51 -0.58 -9.28
CA GLY A 15 -3.55 -0.99 -10.22
C GLY A 15 -4.13 0.21 -10.97
N ASP A 16 -5.46 0.27 -11.06
CA ASP A 16 -6.17 1.36 -11.71
C ASP A 16 -7.28 1.90 -10.81
N ASP A 17 -7.36 1.41 -9.58
CA ASP A 17 -8.42 1.76 -8.64
C ASP A 17 -7.94 1.78 -7.19
N ILE A 18 -6.61 1.76 -6.94
CA ILE A 18 -6.09 1.70 -5.59
C ILE A 18 -5.02 2.76 -5.38
N THR A 19 -5.02 3.37 -4.19
CA THR A 19 -4.06 4.40 -3.81
C THR A 19 -3.72 4.22 -2.34
N ILE A 20 -2.51 4.61 -1.93
CA ILE A 20 -2.00 4.39 -0.59
C ILE A 20 -1.32 5.67 -0.09
N THR A 21 -1.32 5.91 1.22
CA THR A 21 -0.79 7.15 1.78
C THR A 21 -0.02 6.87 3.07
N ILE A 22 0.98 7.72 3.38
CA ILE A 22 1.77 7.61 4.59
C ILE A 22 1.39 8.78 5.50
N LEU A 23 0.37 8.54 6.33
CA LEU A 23 -0.22 9.57 7.18
C LEU A 23 0.74 10.04 8.27
N GLY A 24 1.73 9.23 8.63
CA GLY A 24 2.72 9.62 9.61
C GLY A 24 3.59 8.47 10.10
N VAL A 25 4.45 8.77 11.09
CA VAL A 25 5.37 7.82 11.68
C VAL A 25 5.50 8.09 13.17
N SER A 26 5.83 7.06 13.94
CA SER A 26 5.89 7.11 15.39
C SER A 26 6.97 6.15 15.89
N GLY A 27 8.22 6.42 15.53
CA GLY A 27 9.32 5.55 15.92
C GLY A 27 9.29 4.28 15.08
N GLN A 28 9.36 3.12 15.72
CA GLN A 28 9.30 1.85 15.02
C GLN A 28 7.89 1.61 14.48
N GLN A 29 6.91 2.45 14.85
CA GLN A 29 5.55 2.32 14.34
C GLN A 29 5.33 3.30 13.19
N VAL A 30 4.30 3.01 12.38
CA VAL A 30 3.99 3.76 11.16
C VAL A 30 2.48 3.84 11.00
N ARG A 31 2.00 4.93 10.39
CA ARG A 31 0.57 5.17 10.20
C ARG A 31 0.32 5.39 8.72
N ILE A 32 -0.47 4.52 8.11
CA ILE A 32 -0.72 4.52 6.67
C ILE A 32 -2.20 4.36 6.38
N GLY A 33 -2.61 4.82 5.19
CA GLY A 33 -3.99 4.74 4.76
C GLY A 33 -4.08 4.03 3.43
N ILE A 34 -5.27 3.54 3.10
CA ILE A 34 -5.52 2.77 1.89
C ILE A 34 -6.82 3.28 1.29
N ASN A 35 -6.80 3.49 -0.03
CA ASN A 35 -7.93 4.06 -0.75
C ASN A 35 -8.25 3.19 -1.95
N ALA A 36 -8.85 2.04 -1.63
CA ALA A 36 -9.33 1.05 -2.58
C ALA A 36 -10.85 0.92 -2.41
N PRO A 37 -11.55 0.42 -3.42
CA PRO A 37 -12.99 0.27 -3.35
C PRO A 37 -13.30 -0.90 -2.42
N LYS A 38 -14.47 -0.89 -1.80
CA LYS A 38 -14.88 -1.99 -0.94
C LYS A 38 -15.21 -3.23 -1.77
N ASP A 39 -15.11 -3.10 -3.10
CA ASP A 39 -15.21 -4.21 -4.03
C ASP A 39 -13.97 -5.10 -3.93
N VAL A 40 -12.91 -4.63 -3.27
CA VAL A 40 -11.74 -5.44 -2.98
C VAL A 40 -11.43 -5.45 -1.49
N ALA A 41 -10.96 -6.61 -1.03
CA ALA A 41 -10.66 -6.84 0.37
C ALA A 41 -9.39 -6.10 0.77
N VAL A 42 -9.34 -5.64 2.03
CA VAL A 42 -8.17 -4.96 2.58
C VAL A 42 -8.07 -5.33 4.05
N HIS A 43 -7.00 -6.02 4.44
CA HIS A 43 -6.82 -6.44 5.82
C HIS A 43 -5.34 -6.59 6.16
N ARG A 44 -5.03 -6.64 7.44
CA ARG A 44 -3.68 -6.92 7.92
C ARG A 44 -3.33 -8.39 7.67
N GLU A 45 -2.04 -8.73 7.68
CA GLU A 45 -1.61 -10.09 7.38
C GLU A 45 -1.98 -11.08 8.48
N GLU A 46 -1.87 -10.67 9.74
CA GLU A 46 -2.19 -11.53 10.88
C GLU A 46 -3.70 -11.81 10.99
N ILE A 47 -4.50 -11.33 10.05
CA ILE A 47 -5.93 -11.63 10.01
C ILE A 47 -6.36 -12.05 8.61
N TYR A 48 -5.70 -11.57 7.55
CA TYR A 48 -6.14 -11.92 6.21
C TYR A 48 -6.00 -13.43 6.01
N GLN A 49 -4.96 -14.02 6.60
CA GLN A 49 -4.68 -15.43 6.46
C GLN A 49 -5.66 -16.26 7.27
N ARG A 50 -6.40 -15.62 8.20
CA ARG A 50 -7.43 -16.30 8.99
C ARG A 50 -8.78 -16.13 8.31
N ILE A 51 -8.95 -15.06 7.53
CA ILE A 51 -10.17 -14.84 6.74
C ILE A 51 -10.19 -15.85 5.60
N GLN A 52 -9.10 -15.91 4.84
CA GLN A 52 -8.99 -16.77 3.68
C GLN A 52 -8.84 -18.23 4.08
N ALA A 53 -8.94 -18.54 5.37
CA ALA A 53 -8.86 -19.90 5.85
C ALA A 53 -10.12 -20.70 5.49
N GLY A 54 -11.22 -20.01 5.13
CA GLY A 54 -12.46 -20.66 4.76
C GLY A 54 -13.69 -19.96 5.34
N LEU A 55 -13.52 -18.74 5.85
CA LEU A 55 -14.57 -17.99 6.54
C LEU A 55 -14.55 -16.52 6.11
N THR A 56 -15.32 -15.68 6.82
CA THR A 56 -15.34 -14.25 6.56
C THR A 56 -15.37 -13.47 7.87
N ALA A 57 -15.20 -12.15 7.80
CA ALA A 57 -15.21 -11.26 8.95
C ALA A 57 -16.46 -11.49 9.81
N PRO A 58 -16.34 -11.30 11.14
CA PRO A 58 -17.46 -11.35 12.07
C PRO A 58 -18.65 -10.50 11.65
N ASP A 59 -18.39 -9.43 10.88
CA ASP A 59 -19.40 -8.52 10.36
C ASP A 59 -20.12 -7.70 11.43
N MET C 1 -12.14 5.87 3.34
CA MET C 1 -10.72 5.47 3.28
C MET C 1 -10.36 4.64 4.50
N LEU C 2 -9.83 3.43 4.29
CA LEU C 2 -9.44 2.55 5.38
C LEU C 2 -8.04 2.95 5.85
N ILE C 3 -7.81 2.98 7.15
CA ILE C 3 -6.51 3.33 7.73
C ILE C 3 -6.08 2.23 8.68
N LEU C 4 -4.76 2.00 8.75
CA LEU C 4 -4.17 0.99 9.60
C LEU C 4 -2.84 1.51 10.13
N THR C 5 -2.29 0.79 11.11
CA THR C 5 -1.03 1.15 11.74
C THR C 5 -0.15 -0.09 11.71
N ARG C 6 1.14 0.10 11.43
CA ARG C 6 2.05 -1.01 11.14
C ARG C 6 3.40 -0.69 11.78
N LYS C 7 4.35 -1.63 11.75
CA LYS C 7 5.65 -1.43 12.35
C LYS C 7 6.73 -1.98 11.44
N VAL C 8 7.94 -1.44 11.53
CA VAL C 8 9.07 -1.84 10.69
C VAL C 8 9.24 -3.35 10.73
N GLY C 9 9.03 -4.01 9.59
CA GLY C 9 9.19 -5.46 9.49
C GLY C 9 7.86 -6.20 9.40
N GLU C 10 6.75 -5.48 9.13
CA GLU C 10 5.43 -6.08 9.04
C GLU C 10 4.78 -5.71 7.70
N SER C 11 3.57 -6.24 7.45
CA SER C 11 2.93 -6.13 6.15
C SER C 11 1.42 -6.00 6.25
N ILE C 12 0.80 -5.66 5.10
CA ILE C 12 -0.64 -5.47 4.92
C ILE C 12 -1.03 -6.15 3.61
N ASN C 13 -2.32 -6.36 3.36
CA ASN C 13 -2.77 -7.13 2.21
C ASN C 13 -3.95 -6.46 1.52
N ILE C 14 -4.04 -6.62 0.20
CA ILE C 14 -5.10 -6.03 -0.61
C ILE C 14 -5.53 -7.00 -1.71
N GLY C 15 -6.82 -6.98 -2.04
CA GLY C 15 -7.38 -7.82 -3.08
C GLY C 15 -7.10 -9.29 -2.82
N ASP C 16 -6.68 -10.01 -3.86
CA ASP C 16 -6.35 -11.42 -3.81
C ASP C 16 -4.99 -11.66 -4.46
N ASP C 17 -4.27 -10.58 -4.80
CA ASP C 17 -3.02 -10.65 -5.55
C ASP C 17 -2.02 -9.57 -5.14
N ILE C 18 -2.29 -8.83 -4.07
CA ILE C 18 -1.43 -7.71 -3.67
C ILE C 18 -1.13 -7.75 -2.17
N THR C 19 0.11 -7.43 -1.83
CA THR C 19 0.58 -7.38 -0.45
C THR C 19 1.58 -6.24 -0.36
N ILE C 20 1.67 -5.59 0.81
CA ILE C 20 2.48 -4.40 1.01
C ILE C 20 3.29 -4.53 2.30
N THR C 21 4.45 -3.87 2.37
CA THR C 21 5.36 -4.04 3.50
C THR C 21 5.99 -2.71 3.89
N ILE C 22 6.37 -2.57 5.17
CA ILE C 22 7.08 -1.42 5.68
C ILE C 22 8.51 -1.86 6.00
N LEU C 23 9.47 -1.38 5.20
CA LEU C 23 10.84 -1.86 5.28
C LEU C 23 11.64 -1.08 6.33
N GLY C 24 11.21 0.16 6.62
CA GLY C 24 11.85 0.94 7.67
C GLY C 24 11.47 2.41 7.61
N VAL C 25 12.14 3.22 8.45
CA VAL C 25 11.88 4.64 8.56
C VAL C 25 13.19 5.42 8.51
N SER C 26 13.10 6.72 8.26
CA SER C 26 14.25 7.60 8.16
C SER C 26 13.83 9.01 8.58
N GLY C 27 13.37 9.14 9.83
CA GLY C 27 12.91 10.42 10.34
C GLY C 27 11.58 10.77 9.70
N GLN C 28 11.47 11.99 9.17
CA GLN C 28 10.27 12.46 8.48
C GLN C 28 10.04 11.71 7.17
N GLN C 29 10.94 10.78 6.81
CA GLN C 29 10.82 10.02 5.58
C GLN C 29 10.70 8.52 5.89
N VAL C 30 10.28 7.74 4.90
CA VAL C 30 9.91 6.34 5.08
C VAL C 30 10.20 5.53 3.81
N ARG C 31 10.60 4.26 3.97
CA ARG C 31 10.75 3.34 2.84
C ARG C 31 9.80 2.17 3.03
N ILE C 32 9.07 1.87 1.96
CA ILE C 32 8.04 0.84 1.93
C ILE C 32 8.20 0.00 0.66
N GLY C 33 7.68 -1.23 0.70
CA GLY C 33 7.79 -2.14 -0.41
C GLY C 33 6.42 -2.63 -0.84
N ILE C 34 6.37 -3.22 -2.05
CA ILE C 34 5.12 -3.67 -2.66
C ILE C 34 5.35 -5.03 -3.29
N ASN C 35 4.40 -5.94 -3.05
CA ASN C 35 4.45 -7.32 -3.52
C ASN C 35 3.22 -7.60 -4.37
N ALA C 36 3.25 -7.07 -5.59
CA ALA C 36 2.21 -7.29 -6.58
C ALA C 36 2.86 -7.78 -7.86
N PRO C 37 2.11 -8.51 -8.71
CA PRO C 37 2.60 -8.99 -9.98
C PRO C 37 2.63 -7.82 -10.96
N LYS C 38 3.50 -7.86 -11.97
CA LYS C 38 3.57 -6.80 -12.96
C LYS C 38 2.34 -6.81 -13.86
N ASP C 39 1.41 -7.74 -13.61
CA ASP C 39 0.11 -7.75 -14.23
C ASP C 39 -0.73 -6.59 -13.69
N VAL C 40 -0.28 -5.98 -12.59
CA VAL C 40 -0.88 -4.76 -12.06
C VAL C 40 0.22 -3.74 -11.81
N ALA C 41 -0.09 -2.46 -12.04
CA ALA C 41 0.88 -1.39 -11.96
C ALA C 41 1.11 -0.91 -10.52
N VAL C 42 2.31 -0.40 -10.27
CA VAL C 42 2.63 0.31 -9.04
C VAL C 42 3.69 1.35 -9.37
N HIS C 43 3.38 2.61 -9.05
CA HIS C 43 4.26 3.75 -9.27
C HIS C 43 4.05 4.81 -8.19
N ARG C 44 4.99 5.76 -8.10
CA ARG C 44 4.91 6.91 -7.22
C ARG C 44 3.78 7.84 -7.70
N GLU C 45 3.14 8.56 -6.77
CA GLU C 45 1.95 9.34 -7.12
C GLU C 45 2.25 10.56 -8.00
N GLU C 46 3.49 11.08 -7.96
CA GLU C 46 3.84 12.26 -8.75
C GLU C 46 4.19 11.89 -10.19
N ILE C 47 4.07 10.60 -10.54
CA ILE C 47 4.32 10.11 -11.89
C ILE C 47 3.17 9.24 -12.36
N TYR C 48 2.41 8.63 -11.46
CA TYR C 48 1.32 7.78 -11.90
C TYR C 48 0.29 8.60 -12.66
N GLN C 49 0.13 9.87 -12.25
CA GLN C 49 -0.83 10.77 -12.86
C GLN C 49 -0.37 11.24 -14.22
N ARG C 50 0.91 11.02 -14.56
CA ARG C 50 1.46 11.36 -15.86
C ARG C 50 1.39 10.15 -16.79
N ILE C 51 1.43 8.94 -16.22
CA ILE C 51 1.27 7.70 -16.99
C ILE C 51 -0.17 7.59 -17.46
N GLN C 52 -1.11 7.79 -16.53
CA GLN C 52 -2.53 7.66 -16.83
C GLN C 52 -3.04 8.86 -17.62
N ALA C 53 -2.14 9.77 -18.02
CA ALA C 53 -2.51 10.93 -18.81
C ALA C 53 -2.84 10.53 -20.26
N GLY C 54 -2.43 9.32 -20.67
CA GLY C 54 -2.70 8.82 -22.02
C GLY C 54 -1.44 8.25 -22.68
N LEU C 55 -0.41 7.96 -21.88
CA LEU C 55 0.89 7.52 -22.37
C LEU C 55 1.43 6.38 -21.49
N THR C 56 2.68 5.98 -21.72
CA THR C 56 3.33 4.92 -20.96
C THR C 56 4.78 5.29 -20.68
N ALA C 57 5.47 4.46 -19.88
CA ALA C 57 6.85 4.70 -19.50
C ALA C 57 7.76 4.89 -20.71
N PRO C 58 8.87 5.61 -20.54
CA PRO C 58 9.84 5.87 -21.59
C PRO C 58 10.60 4.62 -22.01
N ASP C 59 11.55 4.81 -22.91
CA ASP C 59 12.31 3.74 -23.53
C ASP C 59 13.71 4.22 -23.90
N MET A 1 10.02 -7.55 -5.92
CA MET A 1 9.29 -6.63 -5.02
C MET A 1 9.68 -5.19 -5.33
N LEU A 2 8.70 -4.34 -5.67
CA LEU A 2 8.97 -2.94 -5.99
C LEU A 2 9.07 -2.17 -4.66
N ILE A 3 10.02 -1.24 -4.56
CA ILE A 3 10.20 -0.42 -3.38
C ILE A 3 10.20 1.05 -3.76
N LEU A 4 9.70 1.89 -2.85
CA LEU A 4 9.62 3.32 -3.06
C LEU A 4 9.84 3.99 -1.71
N THR A 5 10.09 5.30 -1.76
CA THR A 5 10.35 6.10 -0.57
C THR A 5 9.42 7.29 -0.61
N ARG A 6 8.80 7.59 0.53
CA ARG A 6 7.79 8.63 0.63
C ARG A 6 8.02 9.43 1.90
N LYS A 7 7.25 10.51 2.05
CA LYS A 7 7.35 11.38 3.20
C LYS A 7 5.95 11.65 3.72
N VAL A 8 5.83 11.96 5.01
CA VAL A 8 4.54 12.17 5.65
C VAL A 8 3.71 13.17 4.84
N GLY A 9 2.60 12.71 4.26
CA GLY A 9 1.70 13.57 3.50
C GLY A 9 1.71 13.25 2.00
N GLU A 10 2.33 12.14 1.59
CA GLU A 10 2.42 11.76 0.20
C GLU A 10 1.74 10.41 -0.04
N SER A 11 1.68 9.96 -1.30
CA SER A 11 0.89 8.79 -1.67
C SER A 11 1.57 7.95 -2.76
N ILE A 12 1.02 6.75 -2.96
CA ILE A 12 1.46 5.77 -3.94
C ILE A 12 0.20 5.23 -4.63
N ASN A 13 0.34 4.57 -5.79
CA ASN A 13 -0.81 4.10 -6.53
C ASN A 13 -0.58 2.70 -7.10
N ILE A 14 -1.66 1.92 -7.21
CA ILE A 14 -1.62 0.55 -7.70
C ILE A 14 -2.83 0.30 -8.62
N GLY A 15 -2.62 -0.49 -9.67
CA GLY A 15 -3.67 -0.84 -10.60
C GLY A 15 -4.30 0.42 -11.19
N ASP A 16 -5.64 0.43 -11.26
CA ASP A 16 -6.41 1.56 -11.77
C ASP A 16 -7.53 1.90 -10.78
N ASP A 17 -7.49 1.30 -9.59
CA ASP A 17 -8.56 1.43 -8.61
C ASP A 17 -8.05 1.46 -7.17
N ILE A 18 -6.72 1.54 -6.96
CA ILE A 18 -6.15 1.49 -5.63
C ILE A 18 -5.11 2.60 -5.44
N THR A 19 -5.11 3.22 -4.27
CA THR A 19 -4.16 4.26 -3.91
C THR A 19 -3.83 4.13 -2.43
N ILE A 20 -2.62 4.54 -2.03
CA ILE A 20 -2.13 4.37 -0.66
C ILE A 20 -1.49 5.67 -0.20
N THR A 21 -1.48 5.94 1.12
CA THR A 21 -0.99 7.21 1.65
C THR A 21 -0.25 6.98 2.97
N ILE A 22 0.73 7.86 3.27
CA ILE A 22 1.51 7.82 4.49
C ILE A 22 1.08 9.01 5.35
N LEU A 23 0.10 8.78 6.21
CA LEU A 23 -0.51 9.82 7.03
C LEU A 23 0.45 10.36 8.07
N GLY A 24 1.43 9.55 8.49
CA GLY A 24 2.43 10.01 9.45
C GLY A 24 3.30 8.88 10.01
N VAL A 25 4.14 9.25 10.96
CA VAL A 25 5.08 8.34 11.60
C VAL A 25 5.18 8.67 13.08
N SER A 26 5.53 7.68 13.90
CA SER A 26 5.60 7.80 15.35
C SER A 26 6.70 6.89 15.88
N GLY A 27 7.94 7.19 15.51
CA GLY A 27 9.08 6.38 15.90
C GLY A 27 9.07 5.08 15.10
N GLN A 28 9.16 3.94 15.80
CA GLN A 28 9.12 2.64 15.15
C GLN A 28 7.72 2.34 14.62
N GLN A 29 6.72 3.18 14.97
CA GLN A 29 5.36 2.99 14.45
C GLN A 29 5.13 3.93 13.28
N VAL A 30 4.11 3.58 12.46
CA VAL A 30 3.77 4.28 11.24
C VAL A 30 2.25 4.29 11.06
N ARG A 31 1.71 5.33 10.43
CA ARG A 31 0.28 5.50 10.22
C ARG A 31 0.02 5.70 8.74
N ILE A 32 -0.77 4.81 8.14
CA ILE A 32 -0.99 4.79 6.71
C ILE A 32 -2.46 4.58 6.38
N GLY A 33 -2.84 4.99 5.17
CA GLY A 33 -4.21 4.86 4.69
C GLY A 33 -4.25 4.12 3.36
N ILE A 34 -5.43 3.62 3.00
CA ILE A 34 -5.64 2.82 1.81
C ILE A 34 -6.94 3.28 1.16
N ASN A 35 -6.91 3.48 -0.15
CA ASN A 35 -8.04 4.01 -0.88
C ASN A 35 -8.36 3.04 -2.02
N ALA A 36 -8.96 1.94 -1.61
CA ALA A 36 -9.49 0.90 -2.49
C ALA A 36 -10.97 0.70 -2.17
N PRO A 37 -11.76 0.17 -3.10
CA PRO A 37 -13.16 -0.09 -2.88
C PRO A 37 -13.33 -1.35 -2.05
N LYS A 38 -14.46 -1.49 -1.36
CA LYS A 38 -14.75 -2.70 -0.61
C LYS A 38 -15.05 -3.86 -1.56
N ASP A 39 -15.02 -3.59 -2.87
CA ASP A 39 -15.10 -4.62 -3.89
C ASP A 39 -13.83 -5.46 -3.87
N VAL A 40 -12.78 -5.01 -3.17
CA VAL A 40 -11.59 -5.81 -2.93
C VAL A 40 -11.28 -5.83 -1.43
N ALA A 41 -10.79 -6.97 -0.96
CA ALA A 41 -10.49 -7.18 0.44
C ALA A 41 -9.24 -6.42 0.84
N VAL A 42 -9.21 -5.91 2.08
CA VAL A 42 -8.06 -5.21 2.61
C VAL A 42 -7.97 -5.50 4.11
N HIS A 43 -6.88 -6.16 4.54
CA HIS A 43 -6.71 -6.47 5.95
C HIS A 43 -5.23 -6.54 6.34
N ARG A 44 -4.98 -6.41 7.64
CA ARG A 44 -3.65 -6.55 8.23
C ARG A 44 -3.13 -7.97 8.02
N GLU A 45 -1.81 -8.13 7.91
CA GLU A 45 -1.24 -9.46 7.68
C GLU A 45 -1.49 -10.39 8.87
N GLU A 46 -1.72 -9.80 10.06
CA GLU A 46 -1.95 -10.55 11.29
C GLU A 46 -3.33 -11.21 11.29
N ILE A 47 -4.20 -10.85 10.33
CA ILE A 47 -5.56 -11.37 10.27
C ILE A 47 -5.91 -11.82 8.85
N TYR A 48 -5.24 -11.30 7.81
CA TYR A 48 -5.60 -11.70 6.46
C TYR A 48 -5.36 -13.20 6.28
N GLN A 49 -4.34 -13.72 6.95
CA GLN A 49 -3.96 -15.12 6.84
C GLN A 49 -4.94 -16.01 7.62
N ARG A 50 -5.75 -15.40 8.48
CA ARG A 50 -6.78 -16.13 9.22
C ARG A 50 -8.12 -16.06 8.48
N ILE A 51 -8.31 -14.99 7.68
CA ILE A 51 -9.50 -14.84 6.84
C ILE A 51 -9.42 -15.86 5.71
N GLN A 52 -8.28 -15.86 5.00
CA GLN A 52 -8.10 -16.71 3.84
C GLN A 52 -7.88 -18.17 4.24
N ALA A 53 -8.03 -18.47 5.53
CA ALA A 53 -7.92 -19.84 6.01
C ALA A 53 -9.13 -20.66 5.56
N GLY A 54 -10.24 -20.01 5.18
CA GLY A 54 -11.43 -20.69 4.71
C GLY A 54 -12.72 -20.06 5.23
N LEU A 55 -12.63 -18.84 5.77
CA LEU A 55 -13.75 -18.16 6.43
C LEU A 55 -13.79 -16.69 6.05
N THR A 56 -14.65 -15.92 6.72
CA THR A 56 -14.76 -14.48 6.51
C THR A 56 -14.95 -13.78 7.85
N ALA A 57 -14.95 -12.44 7.84
CA ALA A 57 -15.05 -11.63 9.05
C ALA A 57 -16.26 -12.03 9.90
N PRO A 58 -16.14 -11.90 11.23
CA PRO A 58 -17.19 -12.23 12.18
C PRO A 58 -18.31 -11.18 12.17
N ASP A 59 -19.23 -11.34 13.12
CA ASP A 59 -20.41 -10.50 13.23
C ASP A 59 -20.70 -10.14 14.69
N MET C 1 -12.15 5.57 3.12
CA MET C 1 -10.72 5.26 3.09
C MET C 1 -10.33 4.46 4.32
N LEU C 2 -9.83 3.24 4.14
CA LEU C 2 -9.43 2.39 5.26
C LEU C 2 -8.08 2.88 5.78
N ILE C 3 -7.91 2.94 7.10
CA ILE C 3 -6.65 3.34 7.72
C ILE C 3 -6.22 2.27 8.71
N LEU C 4 -4.91 2.08 8.82
CA LEU C 4 -4.31 1.14 9.75
C LEU C 4 -3.01 1.73 10.27
N THR C 5 -2.45 1.09 11.29
CA THR C 5 -1.21 1.51 11.92
C THR C 5 -0.29 0.31 11.95
N ARG C 6 0.99 0.52 11.62
CA ARG C 6 1.96 -0.56 11.45
C ARG C 6 3.30 -0.16 12.04
N LYS C 7 4.27 -1.08 12.02
CA LYS C 7 5.61 -0.83 12.55
C LYS C 7 6.65 -1.40 11.61
N VAL C 8 7.91 -0.97 11.76
CA VAL C 8 9.00 -1.39 10.89
C VAL C 8 9.04 -2.91 10.79
N GLY C 9 8.87 -3.44 9.57
CA GLY C 9 8.90 -4.88 9.30
C GLY C 9 7.50 -5.47 9.13
N GLU C 10 6.47 -4.71 9.49
CA GLU C 10 5.08 -5.17 9.39
C GLU C 10 4.58 -5.13 7.95
N SER C 11 3.46 -5.81 7.69
CA SER C 11 2.88 -5.89 6.35
C SER C 11 1.36 -5.79 6.40
N ILE C 12 0.76 -5.48 5.25
CA ILE C 12 -0.69 -5.39 5.05
C ILE C 12 -1.00 -6.08 3.72
N ASN C 13 -2.27 -6.36 3.43
CA ASN C 13 -2.64 -7.12 2.24
C ASN C 13 -3.86 -6.48 1.56
N ILE C 14 -3.94 -6.62 0.24
CA ILE C 14 -5.01 -6.06 -0.58
C ILE C 14 -5.38 -7.06 -1.68
N GLY C 15 -6.65 -7.08 -2.07
CA GLY C 15 -7.13 -7.95 -3.13
C GLY C 15 -6.87 -9.41 -2.80
N ASP C 16 -6.38 -10.16 -3.79
CA ASP C 16 -6.05 -11.57 -3.63
C ASP C 16 -4.64 -11.84 -4.16
N ASP C 17 -3.90 -10.80 -4.56
CA ASP C 17 -2.59 -10.95 -5.15
C ASP C 17 -1.63 -9.83 -4.75
N ILE C 18 -2.05 -8.88 -3.90
CA ILE C 18 -1.20 -7.77 -3.51
C ILE C 18 -0.86 -7.84 -2.03
N THR C 19 0.38 -7.52 -1.69
CA THR C 19 0.82 -7.41 -0.31
C THR C 19 1.75 -6.21 -0.19
N ILE C 20 1.78 -5.55 0.97
CA ILE C 20 2.52 -4.32 1.16
C ILE C 20 3.31 -4.42 2.47
N THR C 21 4.46 -3.77 2.55
CA THR C 21 5.35 -3.87 3.72
C THR C 21 6.02 -2.53 3.98
N ILE C 22 6.44 -2.30 5.23
CA ILE C 22 7.22 -1.13 5.59
C ILE C 22 8.62 -1.63 5.94
N LEU C 23 9.66 -1.02 5.36
CA LEU C 23 11.02 -1.50 5.54
C LEU C 23 11.76 -0.68 6.58
N GLY C 24 11.36 0.58 6.77
CA GLY C 24 11.89 1.38 7.86
C GLY C 24 11.55 2.87 7.70
N VAL C 25 12.07 3.68 8.61
CA VAL C 25 11.79 5.12 8.66
C VAL C 25 13.08 5.92 8.68
N SER C 26 12.99 7.19 8.31
CA SER C 26 14.11 8.10 8.22
C SER C 26 13.63 9.52 8.53
N GLY C 27 13.11 9.73 9.74
CA GLY C 27 12.60 11.03 10.14
C GLY C 27 11.27 11.29 9.45
N GLN C 28 11.14 12.45 8.79
CA GLN C 28 9.94 12.80 8.05
C GLN C 28 9.81 11.94 6.79
N GLN C 29 10.78 11.05 6.53
CA GLN C 29 10.74 10.18 5.36
C GLN C 29 10.58 8.72 5.78
N VAL C 30 10.16 7.88 4.82
CA VAL C 30 9.79 6.49 5.06
C VAL C 30 10.10 5.66 3.82
N ARG C 31 10.53 4.40 4.01
CA ARG C 31 10.68 3.46 2.90
C ARG C 31 9.74 2.29 3.11
N ILE C 32 9.01 1.98 2.04
CA ILE C 32 8.00 0.93 2.00
C ILE C 32 8.20 0.06 0.77
N GLY C 33 7.70 -1.17 0.82
CA GLY C 33 7.80 -2.11 -0.28
C GLY C 33 6.40 -2.49 -0.74
N ILE C 34 6.33 -3.04 -1.96
CA ILE C 34 5.07 -3.34 -2.61
C ILE C 34 5.22 -4.69 -3.32
N ASN C 35 4.22 -5.55 -3.16
CA ASN C 35 4.27 -6.91 -3.68
C ASN C 35 2.95 -7.25 -4.39
N ALA C 36 2.54 -6.32 -5.27
CA ALA C 36 1.47 -6.55 -6.22
C ALA C 36 2.07 -7.31 -7.41
N PRO C 37 1.23 -7.98 -8.21
CA PRO C 37 1.72 -8.74 -9.34
C PRO C 37 2.20 -7.76 -10.40
N LYS C 38 3.20 -8.16 -11.18
CA LYS C 38 3.71 -7.29 -12.23
C LYS C 38 2.69 -7.15 -13.35
N ASP C 39 1.56 -7.86 -13.21
CA ASP C 39 0.43 -7.76 -14.11
C ASP C 39 -0.38 -6.49 -13.86
N VAL C 40 -0.14 -5.78 -12.76
CA VAL C 40 -0.77 -4.49 -12.51
C VAL C 40 0.28 -3.40 -12.30
N ALA C 41 -0.05 -2.19 -12.75
CA ALA C 41 0.83 -1.03 -12.67
C ALA C 41 1.00 -0.58 -11.23
N VAL C 42 2.20 -0.06 -10.92
CA VAL C 42 2.53 0.46 -9.60
C VAL C 42 3.52 1.61 -9.78
N HIS C 43 3.14 2.80 -9.28
CA HIS C 43 3.93 4.02 -9.43
C HIS C 43 3.66 4.95 -8.24
N ARG C 44 4.41 6.06 -8.13
CA ARG C 44 4.14 7.03 -7.07
C ARG C 44 3.18 8.12 -7.54
N GLU C 45 2.54 8.83 -6.60
CA GLU C 45 1.48 9.76 -6.94
C GLU C 45 1.95 10.94 -7.80
N GLU C 46 3.20 11.37 -7.66
CA GLU C 46 3.72 12.48 -8.44
C GLU C 46 4.02 12.06 -9.89
N ILE C 47 3.76 10.79 -10.24
CA ILE C 47 4.02 10.28 -11.58
C ILE C 47 2.83 9.49 -12.10
N TYR C 48 2.02 8.88 -11.24
CA TYR C 48 0.89 8.12 -11.76
C TYR C 48 -0.06 9.05 -12.50
N GLN C 49 -0.16 10.30 -12.03
CA GLN C 49 -1.05 11.29 -12.60
C GLN C 49 -0.49 11.84 -13.92
N ARG C 50 0.79 11.56 -14.20
CA ARG C 50 1.40 11.98 -15.47
C ARG C 50 1.31 10.85 -16.48
N ILE C 51 1.31 9.60 -16.02
CA ILE C 51 1.13 8.43 -16.87
C ILE C 51 -0.30 8.40 -17.38
N GLN C 52 -1.26 8.62 -16.47
CA GLN C 52 -2.66 8.59 -16.81
C GLN C 52 -3.09 9.88 -17.51
N ALA C 53 -2.14 10.76 -17.82
CA ALA C 53 -2.43 11.99 -18.55
C ALA C 53 -2.68 11.70 -20.03
N GLY C 54 -2.27 10.53 -20.53
CA GLY C 54 -2.47 10.16 -21.93
C GLY C 54 -1.20 9.61 -22.57
N LEU C 55 -0.22 9.19 -21.75
CA LEU C 55 1.08 8.76 -22.20
C LEU C 55 1.57 7.55 -21.42
N THR C 56 2.82 7.14 -21.62
CA THR C 56 3.40 6.00 -20.94
C THR C 56 4.84 6.27 -20.54
N ALA C 57 5.42 5.36 -19.73
CA ALA C 57 6.79 5.46 -19.24
C ALA C 57 7.82 5.60 -20.37
N PRO C 58 8.98 6.19 -20.07
CA PRO C 58 10.11 6.29 -20.98
C PRO C 58 10.81 4.94 -21.16
N ASP C 59 11.98 4.98 -21.79
CA ASP C 59 12.75 3.79 -22.11
C ASP C 59 14.20 3.91 -21.58
N MET A 1 9.68 -7.41 -5.58
CA MET A 1 9.04 -6.30 -4.85
C MET A 1 9.54 -4.96 -5.39
N LEU A 2 8.62 -4.03 -5.61
CA LEU A 2 8.96 -2.67 -6.02
C LEU A 2 8.98 -1.80 -4.76
N ILE A 3 10.08 -1.07 -4.50
CA ILE A 3 10.23 -0.26 -3.30
C ILE A 3 10.29 1.21 -3.68
N LEU A 4 9.65 2.04 -2.86
CA LEU A 4 9.61 3.48 -3.03
C LEU A 4 10.01 4.14 -1.70
N THR A 5 10.30 5.43 -1.78
CA THR A 5 10.65 6.26 -0.63
C THR A 5 9.76 7.49 -0.67
N ARG A 6 9.14 7.79 0.47
CA ARG A 6 8.13 8.83 0.59
C ARG A 6 8.30 9.54 1.93
N LYS A 7 7.53 10.60 2.15
CA LYS A 7 7.54 11.31 3.42
C LYS A 7 6.11 11.52 3.88
N VAL A 8 5.94 11.85 5.17
CA VAL A 8 4.63 12.11 5.75
C VAL A 8 3.89 13.15 4.91
N GLY A 9 2.78 12.74 4.28
CA GLY A 9 1.96 13.64 3.49
C GLY A 9 1.98 13.31 2.00
N GLU A 10 2.59 12.19 1.62
CA GLU A 10 2.68 11.79 0.22
C GLU A 10 1.94 10.47 -0.02
N SER A 11 1.94 9.98 -1.26
CA SER A 11 1.14 8.83 -1.64
C SER A 11 1.83 7.94 -2.67
N ILE A 12 1.26 6.76 -2.89
CA ILE A 12 1.72 5.74 -3.83
C ILE A 12 0.48 5.19 -4.54
N ASN A 13 0.65 4.49 -5.66
CA ASN A 13 -0.50 4.02 -6.43
C ASN A 13 -0.29 2.63 -7.01
N ILE A 14 -1.41 1.91 -7.18
CA ILE A 14 -1.47 0.58 -7.78
C ILE A 14 -2.67 0.58 -8.72
N GLY A 15 -2.41 0.42 -10.02
CA GLY A 15 -3.43 0.58 -11.04
C GLY A 15 -4.49 -0.51 -11.06
N ASP A 16 -4.44 -1.45 -10.13
CA ASP A 16 -5.50 -2.44 -9.99
C ASP A 16 -6.80 -1.77 -9.52
N ASP A 17 -6.72 -0.48 -9.18
CA ASP A 17 -7.79 0.44 -8.76
C ASP A 17 -7.55 0.96 -7.35
N ILE A 18 -6.29 1.11 -6.93
CA ILE A 18 -5.96 1.45 -5.56
C ILE A 18 -4.91 2.56 -5.47
N THR A 19 -4.99 3.34 -4.38
CA THR A 19 -4.01 4.35 -4.03
C THR A 19 -3.73 4.27 -2.53
N ILE A 20 -2.54 4.66 -2.09
CA ILE A 20 -2.11 4.51 -0.70
C ILE A 20 -1.45 5.80 -0.24
N THR A 21 -1.50 6.10 1.06
CA THR A 21 -0.98 7.35 1.62
C THR A 21 -0.27 7.10 2.94
N ILE A 22 0.71 7.94 3.28
CA ILE A 22 1.48 7.86 4.52
C ILE A 22 1.07 9.04 5.40
N LEU A 23 0.09 8.81 6.28
CA LEU A 23 -0.49 9.84 7.12
C LEU A 23 0.49 10.33 8.17
N GLY A 24 1.45 9.50 8.57
CA GLY A 24 2.47 9.90 9.53
C GLY A 24 3.29 8.73 10.06
N VAL A 25 4.15 9.04 11.03
CA VAL A 25 5.06 8.08 11.65
C VAL A 25 5.15 8.37 13.15
N SER A 26 5.45 7.35 13.95
CA SER A 26 5.51 7.41 15.40
C SER A 26 6.58 6.46 15.91
N GLY A 27 7.85 6.74 15.55
CA GLY A 27 8.94 5.88 15.95
C GLY A 27 8.94 4.62 15.11
N GLN A 28 9.02 3.45 15.75
CA GLN A 28 8.95 2.18 15.05
C GLN A 28 7.54 1.92 14.51
N GLN A 29 6.56 2.75 14.90
CA GLN A 29 5.20 2.61 14.41
C GLN A 29 4.95 3.59 13.25
N VAL A 30 3.94 3.28 12.44
CA VAL A 30 3.62 4.01 11.22
C VAL A 30 2.11 4.08 11.03
N ARG A 31 1.62 5.18 10.44
CA ARG A 31 0.20 5.42 10.20
C ARG A 31 -0.01 5.63 8.70
N ILE A 32 -0.81 4.77 8.08
CA ILE A 32 -1.03 4.77 6.64
C ILE A 32 -2.51 4.58 6.33
N GLY A 33 -2.90 5.00 5.13
CA GLY A 33 -4.29 4.88 4.68
C GLY A 33 -4.33 4.24 3.30
N ILE A 34 -5.51 3.74 2.94
CA ILE A 34 -5.72 3.00 1.69
C ILE A 34 -6.97 3.55 1.01
N ASN A 35 -6.93 3.60 -0.32
CA ASN A 35 -8.00 4.13 -1.15
C ASN A 35 -8.35 3.09 -2.21
N ALA A 36 -9.03 2.03 -1.79
CA ALA A 36 -9.48 0.95 -2.65
C ALA A 36 -10.99 0.80 -2.49
N PRO A 37 -11.67 0.22 -3.49
CA PRO A 37 -13.10 0.03 -3.43
C PRO A 37 -13.40 -1.09 -2.45
N LYS A 38 -14.57 -1.05 -1.80
CA LYS A 38 -14.95 -2.10 -0.87
C LYS A 38 -15.27 -3.39 -1.63
N ASP A 39 -15.18 -3.34 -2.96
CA ASP A 39 -15.27 -4.49 -3.83
C ASP A 39 -14.01 -5.36 -3.71
N VAL A 40 -12.94 -4.85 -3.10
CA VAL A 40 -11.76 -5.64 -2.81
C VAL A 40 -11.41 -5.58 -1.33
N ALA A 41 -10.91 -6.71 -0.82
CA ALA A 41 -10.57 -6.86 0.58
C ALA A 41 -9.34 -6.01 0.94
N VAL A 42 -9.33 -5.48 2.16
CA VAL A 42 -8.21 -4.71 2.67
C VAL A 42 -8.12 -4.95 4.18
N HIS A 43 -7.02 -5.58 4.62
CA HIS A 43 -6.78 -5.92 6.02
C HIS A 43 -5.28 -5.86 6.32
N ARG A 44 -4.87 -6.23 7.54
CA ARG A 44 -3.46 -6.23 7.91
C ARG A 44 -2.95 -7.65 8.14
N GLU A 45 -1.65 -7.86 7.92
CA GLU A 45 -1.05 -9.20 7.85
C GLU A 45 -1.18 -10.03 9.12
N GLU A 46 -1.35 -9.40 10.29
CA GLU A 46 -1.47 -10.15 11.54
C GLU A 46 -2.86 -10.78 11.65
N ILE A 47 -3.71 -10.56 10.64
CA ILE A 47 -5.05 -11.13 10.59
C ILE A 47 -5.38 -11.62 9.18
N TYR A 48 -4.78 -11.07 8.12
CA TYR A 48 -5.14 -11.46 6.77
C TYR A 48 -4.87 -12.95 6.55
N GLN A 49 -3.83 -13.46 7.20
CA GLN A 49 -3.42 -14.84 7.07
C GLN A 49 -4.40 -15.76 7.80
N ARG A 50 -5.28 -15.18 8.62
CA ARG A 50 -6.33 -15.93 9.31
C ARG A 50 -7.62 -15.89 8.49
N ILE A 51 -7.79 -14.84 7.68
CA ILE A 51 -8.94 -14.69 6.80
C ILE A 51 -8.83 -15.70 5.65
N GLN A 52 -7.67 -15.69 4.98
CA GLN A 52 -7.43 -16.51 3.81
C GLN A 52 -7.22 -17.98 4.19
N ALA A 53 -7.40 -18.30 5.48
CA ALA A 53 -7.30 -19.67 5.93
C ALA A 53 -8.48 -20.50 5.44
N GLY A 54 -9.58 -19.85 5.01
CA GLY A 54 -10.74 -20.53 4.49
C GLY A 54 -12.05 -19.92 5.00
N LEU A 55 -12.00 -18.71 5.55
CA LEU A 55 -13.14 -18.07 6.19
C LEU A 55 -13.21 -16.59 5.82
N THR A 56 -14.11 -15.84 6.49
CA THR A 56 -14.26 -14.41 6.28
C THR A 56 -14.50 -13.71 7.62
N ALA A 57 -14.57 -12.38 7.61
CA ALA A 57 -14.75 -11.58 8.81
C ALA A 57 -15.95 -12.04 9.65
N PRO A 58 -15.88 -11.83 10.97
CA PRO A 58 -16.94 -12.20 11.91
C PRO A 58 -18.19 -11.34 11.75
N ASP A 59 -19.14 -11.55 12.65
CA ASP A 59 -20.46 -10.93 12.60
C ASP A 59 -20.95 -10.66 14.03
N MET C 1 -12.27 6.20 3.38
CA MET C 1 -10.84 5.79 3.33
C MET C 1 -10.52 4.91 4.53
N LEU C 2 -9.83 3.78 4.29
CA LEU C 2 -9.48 2.86 5.36
C LEU C 2 -8.09 3.25 5.88
N ILE C 3 -7.92 3.33 7.21
CA ILE C 3 -6.65 3.64 7.84
C ILE C 3 -6.23 2.45 8.69
N LEU C 4 -4.92 2.23 8.78
CA LEU C 4 -4.35 1.17 9.59
C LEU C 4 -3.04 1.67 10.17
N THR C 5 -2.51 0.92 11.13
CA THR C 5 -1.27 1.26 11.80
C THR C 5 -0.38 0.03 11.73
N ARG C 6 0.92 0.23 11.51
CA ARG C 6 1.83 -0.88 11.28
C ARG C 6 3.18 -0.52 11.87
N LYS C 7 4.13 -1.47 11.89
CA LYS C 7 5.44 -1.22 12.46
C LYS C 7 6.52 -1.78 11.55
N VAL C 8 7.73 -1.23 11.65
CA VAL C 8 8.85 -1.62 10.82
C VAL C 8 9.04 -3.13 10.84
N GLY C 9 8.84 -3.78 9.69
CA GLY C 9 9.04 -5.22 9.57
C GLY C 9 7.73 -5.99 9.43
N GLU C 10 6.62 -5.28 9.21
CA GLU C 10 5.30 -5.90 9.08
C GLU C 10 4.66 -5.50 7.75
N SER C 11 3.44 -5.99 7.49
CA SER C 11 2.81 -5.84 6.18
C SER C 11 1.30 -5.61 6.25
N ILE C 12 0.72 -5.32 5.08
CA ILE C 12 -0.69 -5.03 4.87
C ILE C 12 -1.10 -5.82 3.63
N ASN C 13 -2.39 -6.04 3.41
CA ASN C 13 -2.83 -6.86 2.30
C ASN C 13 -4.03 -6.24 1.60
N ILE C 14 -4.11 -6.46 0.29
CA ILE C 14 -5.17 -5.92 -0.56
C ILE C 14 -5.55 -6.95 -1.62
N GLY C 15 -6.84 -7.00 -1.97
CA GLY C 15 -7.34 -7.91 -2.97
C GLY C 15 -7.04 -9.36 -2.58
N ASP C 16 -6.57 -10.14 -3.55
CA ASP C 16 -6.20 -11.54 -3.35
C ASP C 16 -4.82 -11.80 -3.94
N ASP C 17 -4.13 -10.74 -4.39
CA ASP C 17 -2.85 -10.87 -5.08
C ASP C 17 -1.91 -9.69 -4.82
N ILE C 18 -2.22 -8.83 -3.84
CA ILE C 18 -1.35 -7.72 -3.49
C ILE C 18 -1.02 -7.74 -2.00
N THR C 19 0.22 -7.35 -1.69
CA THR C 19 0.72 -7.22 -0.33
C THR C 19 1.63 -6.01 -0.28
N ILE C 20 1.65 -5.31 0.86
CA ILE C 20 2.44 -4.09 1.05
C ILE C 20 3.24 -4.23 2.33
N THR C 21 4.41 -3.60 2.42
CA THR C 21 5.29 -3.78 3.56
C THR C 21 5.95 -2.46 3.97
N ILE C 22 6.27 -2.34 5.25
CA ILE C 22 6.94 -1.17 5.82
C ILE C 22 8.35 -1.59 6.20
N LEU C 23 9.28 -1.36 5.27
CA LEU C 23 10.65 -1.81 5.37
C LEU C 23 11.43 -1.04 6.43
N GLY C 24 11.00 0.18 6.74
CA GLY C 24 11.65 0.99 7.77
C GLY C 24 11.27 2.46 7.68
N VAL C 25 11.93 3.28 8.50
CA VAL C 25 11.70 4.71 8.56
C VAL C 25 13.02 5.45 8.54
N SER C 26 12.97 6.75 8.25
CA SER C 26 14.16 7.61 8.15
C SER C 26 13.76 9.03 8.52
N GLY C 27 13.25 9.20 9.74
CA GLY C 27 12.77 10.49 10.20
C GLY C 27 11.45 10.80 9.52
N GLN C 28 11.32 12.00 8.93
CA GLN C 28 10.14 12.38 8.18
C GLN C 28 10.02 11.54 6.91
N GLN C 29 11.07 10.80 6.53
CA GLN C 29 11.02 9.93 5.37
C GLN C 29 10.65 8.51 5.78
N VAL C 30 10.23 7.71 4.80
CA VAL C 30 9.75 6.36 5.01
C VAL C 30 10.18 5.44 3.86
N ARG C 31 10.40 4.16 4.15
CA ARG C 31 10.80 3.16 3.18
C ARG C 31 9.75 2.06 3.16
N ILE C 32 9.06 1.92 2.03
CA ILE C 32 7.96 0.99 1.86
C ILE C 32 8.04 0.30 0.51
N GLY C 33 7.42 -0.88 0.41
CA GLY C 33 7.47 -1.67 -0.82
C GLY C 33 6.12 -2.31 -1.11
N ILE C 34 5.99 -2.84 -2.34
CA ILE C 34 4.75 -3.40 -2.83
C ILE C 34 5.03 -4.74 -3.51
N ASN C 35 4.10 -5.67 -3.34
CA ASN C 35 4.21 -7.03 -3.85
C ASN C 35 2.93 -7.40 -4.59
N ALA C 36 2.80 -6.83 -5.77
CA ALA C 36 1.72 -7.04 -6.72
C ALA C 36 2.34 -7.62 -7.99
N PRO C 37 1.53 -8.28 -8.84
CA PRO C 37 2.02 -8.85 -10.07
C PRO C 37 2.32 -7.72 -11.05
N LYS C 38 3.25 -7.95 -11.97
CA LYS C 38 3.57 -6.95 -12.98
C LYS C 38 2.45 -6.87 -14.01
N ASP C 39 1.42 -7.70 -13.83
CA ASP C 39 0.19 -7.62 -14.61
C ASP C 39 -0.61 -6.38 -14.22
N VAL C 40 -0.27 -5.74 -13.09
CA VAL C 40 -0.86 -4.47 -12.72
C VAL C 40 0.22 -3.43 -12.45
N ALA C 41 -0.07 -2.18 -12.82
CA ALA C 41 0.86 -1.08 -12.71
C ALA C 41 1.07 -0.68 -11.25
N VAL C 42 2.30 -0.27 -10.92
CA VAL C 42 2.66 0.19 -9.59
C VAL C 42 3.70 1.31 -9.75
N HIS C 43 3.37 2.51 -9.26
CA HIS C 43 4.21 3.69 -9.41
C HIS C 43 3.97 4.67 -8.27
N ARG C 44 4.82 5.71 -8.18
CA ARG C 44 4.64 6.80 -7.23
C ARG C 44 3.45 7.66 -7.67
N GLU C 45 2.90 8.46 -6.77
CA GLU C 45 1.76 9.31 -7.10
C GLU C 45 2.18 10.46 -8.01
N GLU C 46 3.46 10.84 -7.97
CA GLU C 46 3.99 11.95 -8.74
C GLU C 46 4.12 11.60 -10.24
N ILE C 47 3.95 10.31 -10.59
CA ILE C 47 4.14 9.87 -11.97
C ILE C 47 2.98 8.99 -12.43
N TYR C 48 2.25 8.34 -11.53
CA TYR C 48 1.15 7.52 -12.00
C TYR C 48 0.11 8.38 -12.70
N GLN C 49 -0.08 9.60 -12.20
CA GLN C 49 -1.08 10.52 -12.71
C GLN C 49 -0.64 11.10 -14.06
N ARG C 50 0.64 10.93 -14.43
CA ARG C 50 1.13 11.38 -15.72
C ARG C 50 1.06 10.24 -16.74
N ILE C 51 1.19 9.00 -16.27
CA ILE C 51 1.04 7.82 -17.12
C ILE C 51 -0.41 7.71 -17.55
N GLN C 52 -1.32 7.82 -16.58
CA GLN C 52 -2.74 7.67 -16.83
C GLN C 52 -3.32 8.91 -17.53
N ALA C 53 -2.45 9.87 -17.90
CA ALA C 53 -2.87 11.03 -18.65
C ALA C 53 -3.18 10.67 -20.10
N GLY C 54 -2.71 9.50 -20.57
CA GLY C 54 -2.96 9.04 -21.93
C GLY C 54 -1.69 8.56 -22.62
N LEU C 55 -0.64 8.25 -21.84
CA LEU C 55 0.68 7.93 -22.37
C LEU C 55 1.34 6.82 -21.53
N THR C 56 2.61 6.52 -21.81
CA THR C 56 3.38 5.54 -21.07
C THR C 56 4.82 6.01 -20.90
N ALA C 57 5.59 5.29 -20.08
CA ALA C 57 6.97 5.64 -19.79
C ALA C 57 7.80 5.70 -21.09
N PRO C 58 8.84 6.54 -21.11
CA PRO C 58 9.72 6.71 -22.25
C PRO C 58 10.70 5.56 -22.33
N ASP C 59 11.36 5.44 -23.50
CA ASP C 59 12.37 4.44 -23.75
C ASP C 59 13.57 4.63 -22.82
N MET A 1 10.40 -7.82 -5.72
CA MET A 1 9.55 -6.91 -4.92
C MET A 1 9.94 -5.46 -5.22
N LEU A 2 8.95 -4.60 -5.46
CA LEU A 2 9.18 -3.19 -5.75
C LEU A 2 9.31 -2.41 -4.44
N ILE A 3 10.31 -1.54 -4.31
CA ILE A 3 10.50 -0.69 -3.14
C ILE A 3 10.46 0.76 -3.59
N LEU A 4 9.98 1.64 -2.71
CA LEU A 4 9.94 3.07 -2.94
C LEU A 4 10.27 3.78 -1.64
N THR A 5 10.54 5.08 -1.73
CA THR A 5 10.81 5.91 -0.56
C THR A 5 9.82 7.06 -0.61
N ARG A 6 9.28 7.42 0.56
CA ARG A 6 8.20 8.38 0.67
C ARG A 6 8.40 9.24 1.91
N LYS A 7 7.61 10.30 2.06
CA LYS A 7 7.67 11.16 3.24
C LYS A 7 6.26 11.48 3.72
N VAL A 8 6.14 11.84 4.99
CA VAL A 8 4.86 12.12 5.63
C VAL A 8 4.02 13.08 4.78
N GLY A 9 2.85 12.63 4.37
CA GLY A 9 1.89 13.43 3.62
C GLY A 9 1.84 13.05 2.14
N GLU A 10 2.85 12.36 1.62
CA GLU A 10 2.89 11.95 0.23
C GLU A 10 2.15 10.62 0.01
N SER A 11 2.08 10.16 -1.24
CA SER A 11 1.27 9.00 -1.60
C SER A 11 1.93 8.12 -2.66
N ILE A 12 1.30 6.96 -2.92
CA ILE A 12 1.73 5.95 -3.87
C ILE A 12 0.46 5.42 -4.55
N ASN A 13 0.59 4.75 -5.69
CA ASN A 13 -0.57 4.27 -6.44
C ASN A 13 -0.37 2.86 -6.95
N ILE A 14 -1.48 2.13 -7.12
CA ILE A 14 -1.49 0.74 -7.57
C ILE A 14 -2.70 0.50 -8.46
N GLY A 15 -2.57 -0.43 -9.41
CA GLY A 15 -3.67 -0.83 -10.27
C GLY A 15 -4.25 0.35 -11.04
N ASP A 16 -5.59 0.42 -11.08
CA ASP A 16 -6.32 1.47 -11.77
C ASP A 16 -7.39 2.07 -10.85
N ASP A 17 -7.41 1.64 -9.58
CA ASP A 17 -8.43 2.08 -8.63
C ASP A 17 -7.87 2.19 -7.20
N ILE A 18 -6.57 1.99 -6.99
CA ILE A 18 -6.01 1.94 -5.64
C ILE A 18 -4.99 3.05 -5.44
N THR A 19 -5.03 3.65 -4.24
CA THR A 19 -4.06 4.67 -3.84
C THR A 19 -3.71 4.46 -2.38
N ILE A 20 -2.47 4.78 -2.01
CA ILE A 20 -1.97 4.57 -0.65
C ILE A 20 -1.29 5.86 -0.18
N THR A 21 -1.32 6.12 1.13
CA THR A 21 -0.79 7.36 1.67
C THR A 21 -0.07 7.11 3.00
N ILE A 22 0.91 7.95 3.32
CA ILE A 22 1.67 7.87 4.56
C ILE A 22 1.27 9.06 5.44
N LEU A 23 0.29 8.84 6.32
CA LEU A 23 -0.27 9.91 7.14
C LEU A 23 0.74 10.42 8.15
N GLY A 24 1.68 9.56 8.58
CA GLY A 24 2.72 9.97 9.50
C GLY A 24 3.52 8.79 10.05
N VAL A 25 4.41 9.08 11.01
CA VAL A 25 5.27 8.10 11.62
C VAL A 25 5.40 8.40 13.11
N SER A 26 5.69 7.37 13.91
CA SER A 26 5.75 7.46 15.36
C SER A 26 6.82 6.50 15.89
N GLY A 27 8.08 6.76 15.52
CA GLY A 27 9.17 5.89 15.94
C GLY A 27 9.13 4.61 15.13
N GLN A 28 9.19 3.46 15.80
CA GLN A 28 9.12 2.17 15.13
C GLN A 28 7.71 1.91 14.60
N GLN A 29 6.73 2.77 14.94
CA GLN A 29 5.38 2.65 14.43
C GLN A 29 5.17 3.59 13.25
N VAL A 30 4.16 3.27 12.43
CA VAL A 30 3.86 3.97 11.19
C VAL A 30 2.35 4.06 11.00
N ARG A 31 1.87 5.16 10.43
CA ARG A 31 0.44 5.42 10.23
C ARG A 31 0.19 5.67 8.76
N ILE A 32 -0.59 4.79 8.13
CA ILE A 32 -0.80 4.81 6.70
C ILE A 32 -2.28 4.65 6.37
N GLY A 33 -2.67 5.11 5.19
CA GLY A 33 -4.04 5.02 4.72
C GLY A 33 -4.08 4.21 3.42
N ILE A 34 -5.24 3.61 3.15
CA ILE A 34 -5.42 2.77 1.98
C ILE A 34 -6.72 3.19 1.31
N ASN A 35 -6.67 3.39 0.00
CA ASN A 35 -7.77 3.93 -0.77
C ASN A 35 -8.02 3.07 -2.01
N ALA A 36 -8.17 1.77 -1.76
CA ALA A 36 -8.63 0.80 -2.73
C ALA A 36 -10.15 0.80 -2.71
N PRO A 37 -10.81 0.31 -3.77
CA PRO A 37 -12.25 0.29 -3.82
C PRO A 37 -12.74 -0.75 -2.82
N LYS A 38 -13.92 -0.54 -2.25
CA LYS A 38 -14.47 -1.49 -1.28
C LYS A 38 -14.87 -2.79 -1.97
N ASP A 39 -14.69 -2.83 -3.30
CA ASP A 39 -14.90 -4.02 -4.11
C ASP A 39 -13.71 -5.00 -4.00
N VAL A 40 -12.58 -4.56 -3.42
CA VAL A 40 -11.46 -5.46 -3.15
C VAL A 40 -11.15 -5.50 -1.66
N ALA A 41 -10.74 -6.67 -1.20
CA ALA A 41 -10.44 -6.91 0.20
C ALA A 41 -9.19 -6.16 0.63
N VAL A 42 -9.18 -5.71 1.88
CA VAL A 42 -8.05 -5.00 2.47
C VAL A 42 -7.96 -5.39 3.94
N HIS A 43 -6.89 -6.09 4.31
CA HIS A 43 -6.71 -6.53 5.69
C HIS A 43 -5.23 -6.68 6.01
N ARG A 44 -4.89 -6.69 7.30
CA ARG A 44 -3.51 -6.94 7.73
C ARG A 44 -3.17 -8.41 7.49
N GLU A 45 -1.88 -8.70 7.39
CA GLU A 45 -1.40 -10.06 7.11
C GLU A 45 -1.71 -11.00 8.27
N GLU A 46 -1.63 -10.48 9.49
CA GLU A 46 -1.90 -11.26 10.70
C GLU A 46 -3.38 -11.61 10.86
N ILE A 47 -4.23 -11.21 9.89
CA ILE A 47 -5.65 -11.57 9.92
C ILE A 47 -6.12 -12.05 8.56
N TYR A 48 -5.53 -11.58 7.45
CA TYR A 48 -6.04 -11.99 6.15
C TYR A 48 -5.88 -13.50 5.96
N GLN A 49 -4.79 -14.05 6.50
CA GLN A 49 -4.49 -15.46 6.36
C GLN A 49 -5.39 -16.30 7.25
N ARG A 50 -6.08 -15.66 8.21
CA ARG A 50 -7.03 -16.33 9.06
C ARG A 50 -8.44 -16.23 8.48
N ILE A 51 -8.70 -15.18 7.69
CA ILE A 51 -9.97 -15.02 6.99
C ILE A 51 -10.04 -16.04 5.87
N GLN A 52 -9.00 -16.08 5.03
CA GLN A 52 -8.95 -16.95 3.87
C GLN A 52 -8.74 -18.42 4.24
N ALA A 53 -8.75 -18.71 5.55
CA ALA A 53 -8.62 -20.06 6.03
C ALA A 53 -9.89 -20.87 5.73
N GLY A 54 -11.02 -20.18 5.44
CA GLY A 54 -12.27 -20.86 5.11
C GLY A 54 -13.46 -20.20 5.80
N LEU A 55 -13.29 -18.98 6.32
CA LEU A 55 -14.29 -18.28 7.11
C LEU A 55 -14.36 -16.81 6.73
N THR A 56 -15.12 -16.04 7.52
CA THR A 56 -15.25 -14.59 7.34
C THR A 56 -15.25 -13.91 8.70
N ALA A 57 -15.30 -12.57 8.72
CA ALA A 57 -15.24 -11.80 9.96
C ALA A 57 -16.24 -12.32 11.00
N PRO A 58 -15.87 -12.25 12.28
CA PRO A 58 -16.67 -12.76 13.38
C PRO A 58 -17.93 -11.95 13.62
N ASP A 59 -17.95 -10.68 13.21
CA ASP A 59 -19.08 -9.81 13.47
C ASP A 59 -19.02 -8.56 12.60
N MET C 1 -11.87 5.65 3.09
CA MET C 1 -10.44 5.30 3.15
C MET C 1 -10.17 4.49 4.41
N LEU C 2 -9.43 3.38 4.27
CA LEU C 2 -9.19 2.46 5.37
C LEU C 2 -7.79 2.71 5.94
N ILE C 3 -7.70 3.42 7.06
CA ILE C 3 -6.44 3.70 7.72
C ILE C 3 -6.05 2.51 8.59
N LEU C 4 -4.75 2.27 8.70
CA LEU C 4 -4.18 1.24 9.56
C LEU C 4 -2.87 1.75 10.12
N THR C 5 -2.33 1.02 11.10
CA THR C 5 -1.08 1.37 11.75
C THR C 5 -0.21 0.12 11.71
N ARG C 6 1.08 0.29 11.47
CA ARG C 6 1.99 -0.82 11.25
C ARG C 6 3.34 -0.50 11.89
N LYS C 7 4.27 -1.45 11.91
CA LYS C 7 5.57 -1.23 12.52
C LYS C 7 6.66 -1.83 11.65
N VAL C 8 7.88 -1.29 11.76
CA VAL C 8 9.01 -1.72 10.95
C VAL C 8 9.18 -3.23 11.03
N GLY C 9 9.00 -3.91 9.90
CA GLY C 9 9.17 -5.36 9.83
C GLY C 9 7.84 -6.11 9.69
N GLU C 10 6.75 -5.39 9.42
CA GLU C 10 5.43 -5.98 9.29
C GLU C 10 4.82 -5.64 7.93
N SER C 11 3.60 -6.13 7.66
CA SER C 11 3.00 -6.00 6.35
C SER C 11 1.46 -6.02 6.39
N ILE C 12 0.88 -5.67 5.25
CA ILE C 12 -0.56 -5.54 5.01
C ILE C 12 -0.88 -6.22 3.68
N ASN C 13 -2.16 -6.50 3.40
CA ASN C 13 -2.55 -7.25 2.21
C ASN C 13 -3.73 -6.59 1.50
N ILE C 14 -3.78 -6.75 0.16
CA ILE C 14 -4.81 -6.17 -0.69
C ILE C 14 -5.24 -7.22 -1.71
N GLY C 15 -6.52 -7.24 -2.07
CA GLY C 15 -7.03 -8.19 -3.05
C GLY C 15 -6.70 -9.62 -2.62
N ASP C 16 -6.23 -10.42 -3.58
CA ASP C 16 -5.79 -11.79 -3.33
C ASP C 16 -4.42 -12.03 -3.97
N ASP C 17 -3.80 -10.98 -4.51
CA ASP C 17 -2.53 -11.07 -5.22
C ASP C 17 -1.63 -9.86 -4.95
N ILE C 18 -1.94 -9.06 -3.92
CA ILE C 18 -1.17 -7.87 -3.62
C ILE C 18 -0.87 -7.82 -2.13
N THR C 19 0.37 -7.42 -1.78
CA THR C 19 0.80 -7.31 -0.40
C THR C 19 1.74 -6.11 -0.28
N ILE C 20 1.84 -5.52 0.91
CA ILE C 20 2.62 -4.30 1.13
C ILE C 20 3.43 -4.47 2.42
N THR C 21 4.59 -3.83 2.51
CA THR C 21 5.50 -4.03 3.65
C THR C 21 6.18 -2.72 4.03
N ILE C 22 6.52 -2.58 5.32
CA ILE C 22 7.23 -1.42 5.84
C ILE C 22 8.65 -1.85 6.23
N LEU C 23 9.61 -1.59 5.34
CA LEU C 23 10.98 -2.04 5.53
C LEU C 23 11.67 -1.25 6.64
N GLY C 24 11.28 0.01 6.84
CA GLY C 24 11.84 0.84 7.89
C GLY C 24 11.45 2.31 7.76
N VAL C 25 12.07 3.15 8.59
CA VAL C 25 11.81 4.57 8.63
C VAL C 25 13.12 5.35 8.63
N SER C 26 13.04 6.65 8.33
CA SER C 26 14.21 7.52 8.22
C SER C 26 13.82 8.94 8.60
N GLY C 27 13.35 9.12 9.83
CA GLY C 27 12.87 10.41 10.29
C GLY C 27 11.52 10.72 9.62
N GLN C 28 11.39 11.91 9.05
CA GLN C 28 10.20 12.31 8.34
C GLN C 28 10.05 11.52 7.04
N GLN C 29 11.02 10.67 6.70
CA GLN C 29 10.96 9.82 5.53
C GLN C 29 10.60 8.39 5.93
N VAL C 30 10.23 7.59 4.93
CA VAL C 30 9.75 6.22 5.13
C VAL C 30 10.22 5.34 3.97
N ARG C 31 10.46 4.06 4.26
CA ARG C 31 10.93 3.09 3.27
C ARG C 31 9.97 1.91 3.26
N ILE C 32 9.30 1.70 2.13
CA ILE C 32 8.22 0.73 2.01
C ILE C 32 8.34 -0.04 0.71
N GLY C 33 7.71 -1.23 0.69
CA GLY C 33 7.74 -2.10 -0.47
C GLY C 33 6.35 -2.55 -0.85
N ILE C 34 6.22 -3.06 -2.07
CA ILE C 34 4.97 -3.53 -2.65
C ILE C 34 5.25 -4.88 -3.29
N ASN C 35 4.30 -5.82 -3.15
CA ASN C 35 4.47 -7.17 -3.65
C ASN C 35 3.25 -7.56 -4.47
N ALA C 36 3.21 -7.01 -5.67
CA ALA C 36 2.19 -7.25 -6.67
C ALA C 36 2.89 -7.67 -7.97
N PRO C 37 2.18 -8.34 -8.87
CA PRO C 37 2.73 -8.74 -10.16
C PRO C 37 2.81 -7.53 -11.06
N LYS C 38 3.70 -7.55 -12.06
CA LYS C 38 3.78 -6.48 -13.03
C LYS C 38 2.56 -6.48 -13.96
N ASP C 39 1.65 -7.44 -13.75
CA ASP C 39 0.37 -7.46 -14.41
C ASP C 39 -0.51 -6.32 -13.89
N VAL C 40 -0.11 -5.68 -12.79
CA VAL C 40 -0.75 -4.47 -12.31
C VAL C 40 0.28 -3.37 -12.11
N ALA C 41 -0.14 -2.13 -12.39
CA ALA C 41 0.73 -0.97 -12.32
C ALA C 41 1.02 -0.61 -10.86
N VAL C 42 2.24 -0.15 -10.60
CA VAL C 42 2.66 0.33 -9.29
C VAL C 42 3.66 1.45 -9.50
N HIS C 43 3.30 2.67 -9.07
CA HIS C 43 4.13 3.87 -9.26
C HIS C 43 3.94 4.86 -8.12
N ARG C 44 4.81 5.87 -8.05
CA ARG C 44 4.69 6.95 -7.09
C ARG C 44 3.55 7.89 -7.51
N GLU C 45 3.06 8.73 -6.59
CA GLU C 45 1.97 9.64 -6.91
C GLU C 45 2.41 10.77 -7.82
N GLU C 46 3.71 11.10 -7.81
CA GLU C 46 4.27 12.18 -8.62
C GLU C 46 4.35 11.78 -10.10
N ILE C 47 4.12 10.51 -10.42
CA ILE C 47 4.24 10.01 -11.79
C ILE C 47 3.02 9.20 -12.18
N TYR C 48 2.29 8.62 -11.22
CA TYR C 48 1.12 7.85 -11.61
C TYR C 48 0.09 8.74 -12.29
N GLN C 49 0.01 10.00 -11.83
CA GLN C 49 -0.97 10.94 -12.35
C GLN C 49 -0.55 11.47 -13.73
N ARG C 50 0.70 11.24 -14.13
CA ARG C 50 1.18 11.62 -15.45
C ARG C 50 1.02 10.47 -16.43
N ILE C 51 1.04 9.23 -15.93
CA ILE C 51 0.80 8.04 -16.73
C ILE C 51 -0.68 7.98 -17.08
N GLN C 52 -1.54 8.16 -16.08
CA GLN C 52 -2.98 8.07 -16.27
C GLN C 52 -3.51 9.32 -16.98
N ALA C 53 -2.61 10.19 -17.43
CA ALA C 53 -2.98 11.37 -18.19
C ALA C 53 -3.40 10.98 -19.62
N GLY C 54 -3.02 9.78 -20.07
CA GLY C 54 -3.37 9.31 -21.41
C GLY C 54 -2.16 8.71 -22.13
N LEU C 55 -1.11 8.36 -21.40
CA LEU C 55 0.16 7.89 -21.94
C LEU C 55 0.75 6.76 -21.10
N THR C 56 1.97 6.33 -21.42
CA THR C 56 2.64 5.27 -20.69
C THR C 56 4.13 5.59 -20.51
N ALA C 57 4.84 4.76 -19.75
CA ALA C 57 6.25 4.94 -19.46
C ALA C 57 7.08 5.09 -20.74
N PRO C 58 8.21 5.80 -20.67
CA PRO C 58 9.11 6.01 -21.78
C PRO C 58 9.85 4.75 -22.19
N ASP C 59 10.75 4.90 -23.17
CA ASP C 59 11.48 3.79 -23.76
C ASP C 59 12.92 4.18 -24.09
N MET A 1 9.81 -7.37 -5.86
CA MET A 1 9.13 -6.43 -4.95
C MET A 1 9.61 -5.01 -5.25
N LEU A 2 8.68 -4.10 -5.57
CA LEU A 2 9.03 -2.72 -5.82
C LEU A 2 9.19 -1.99 -4.48
N ILE A 3 10.20 -1.13 -4.35
CA ILE A 3 10.39 -0.29 -3.18
C ILE A 3 10.37 1.15 -3.64
N LEU A 4 9.71 2.00 -2.85
CA LEU A 4 9.60 3.42 -3.13
C LEU A 4 9.80 4.17 -1.82
N THR A 5 10.01 5.48 -1.90
CA THR A 5 10.24 6.31 -0.72
C THR A 5 9.28 7.48 -0.77
N ARG A 6 8.69 7.83 0.38
CA ARG A 6 7.65 8.84 0.47
C ARG A 6 7.87 9.68 1.71
N LYS A 7 7.05 10.73 1.86
CA LYS A 7 7.13 11.62 2.99
C LYS A 7 5.72 11.92 3.48
N VAL A 8 5.58 12.28 4.76
CA VAL A 8 4.28 12.52 5.37
C VAL A 8 3.49 13.51 4.51
N GLY A 9 2.38 13.05 3.94
CA GLY A 9 1.52 13.91 3.12
C GLY A 9 1.56 13.54 1.64
N GLU A 10 2.17 12.40 1.29
CA GLU A 10 2.29 11.96 -0.10
C GLU A 10 1.61 10.61 -0.29
N SER A 11 1.59 10.11 -1.54
CA SER A 11 0.82 8.93 -1.89
C SER A 11 1.53 8.05 -2.93
N ILE A 12 0.97 6.86 -3.13
CA ILE A 12 1.44 5.83 -4.07
C ILE A 12 0.18 5.28 -4.74
N ASN A 13 0.31 4.63 -5.89
CA ASN A 13 -0.83 4.16 -6.64
C ASN A 13 -0.62 2.70 -7.06
N ILE A 14 -1.72 1.96 -7.14
CA ILE A 14 -1.72 0.53 -7.43
C ILE A 14 -2.85 0.18 -8.39
N GLY A 15 -2.64 -0.81 -9.25
CA GLY A 15 -3.65 -1.29 -10.18
C GLY A 15 -4.20 -0.14 -11.01
N ASP A 16 -5.53 -0.09 -11.14
CA ASP A 16 -6.22 0.94 -11.90
C ASP A 16 -7.35 1.55 -11.07
N ASP A 17 -7.47 1.15 -9.79
CA ASP A 17 -8.55 1.57 -8.93
C ASP A 17 -8.11 1.70 -7.47
N ILE A 18 -6.79 1.69 -7.20
CA ILE A 18 -6.30 1.72 -5.83
C ILE A 18 -5.23 2.81 -5.66
N THR A 19 -5.23 3.45 -4.49
CA THR A 19 -4.25 4.47 -4.11
C THR A 19 -3.95 4.32 -2.63
N ILE A 20 -2.75 4.72 -2.20
CA ILE A 20 -2.28 4.55 -0.84
C ILE A 20 -1.63 5.86 -0.37
N THR A 21 -1.68 6.16 0.94
CA THR A 21 -1.17 7.43 1.46
C THR A 21 -0.47 7.24 2.80
N ILE A 22 0.48 8.13 3.09
CA ILE A 22 1.23 8.14 4.34
C ILE A 22 0.78 9.35 5.15
N LEU A 23 -0.15 9.12 6.08
CA LEU A 23 -0.77 10.17 6.86
C LEU A 23 0.19 10.76 7.89
N GLY A 24 1.18 9.97 8.33
CA GLY A 24 2.17 10.45 9.26
C GLY A 24 2.96 9.32 9.92
N VAL A 25 3.79 9.69 10.90
CA VAL A 25 4.62 8.73 11.62
C VAL A 25 4.49 8.97 13.12
N SER A 26 4.89 7.98 13.91
CA SER A 26 4.80 8.01 15.36
C SER A 26 5.96 7.20 15.94
N GLY A 27 7.19 7.61 15.58
CA GLY A 27 8.38 6.88 15.99
C GLY A 27 8.49 5.60 15.17
N GLN A 28 8.67 4.47 15.85
CA GLN A 28 8.73 3.17 15.21
C GLN A 28 7.34 2.76 14.69
N GLN A 29 6.29 3.52 15.02
CA GLN A 29 4.96 3.26 14.51
C GLN A 29 4.68 4.17 13.32
N VAL A 30 3.66 3.81 12.52
CA VAL A 30 3.34 4.49 11.28
C VAL A 30 1.82 4.53 11.08
N ARG A 31 1.32 5.62 10.48
CA ARG A 31 -0.09 5.82 10.20
C ARG A 31 -0.25 5.99 8.69
N ILE A 32 -0.98 5.06 8.07
CA ILE A 32 -1.14 5.00 6.61
C ILE A 32 -2.60 4.72 6.28
N GLY A 33 -3.00 5.06 5.06
CA GLY A 33 -4.37 4.87 4.61
C GLY A 33 -4.42 4.25 3.23
N ILE A 34 -5.60 3.74 2.85
CA ILE A 34 -5.82 3.05 1.60
C ILE A 34 -7.10 3.60 0.97
N ASN A 35 -7.08 3.70 -0.36
CA ASN A 35 -8.16 4.27 -1.15
C ASN A 35 -8.55 3.28 -2.24
N ALA A 36 -9.26 2.22 -1.83
CA ALA A 36 -9.78 1.20 -2.73
C ALA A 36 -11.27 1.02 -2.46
N PRO A 37 -12.03 0.54 -3.45
CA PRO A 37 -13.44 0.27 -3.29
C PRO A 37 -13.60 -1.01 -2.47
N LYS A 38 -14.71 -1.15 -1.75
CA LYS A 38 -14.95 -2.37 -0.97
C LYS A 38 -15.22 -3.57 -1.87
N ASP A 39 -15.19 -3.35 -3.18
CA ASP A 39 -15.20 -4.43 -4.16
C ASP A 39 -13.87 -5.18 -4.12
N VAL A 40 -12.86 -4.61 -3.45
CA VAL A 40 -11.61 -5.28 -3.18
C VAL A 40 -11.28 -5.12 -1.69
N ALA A 41 -10.67 -6.16 -1.12
CA ALA A 41 -10.39 -6.21 0.30
C ALA A 41 -9.09 -5.49 0.68
N VAL A 42 -9.04 -5.00 1.91
CA VAL A 42 -7.82 -4.49 2.53
C VAL A 42 -7.92 -4.77 4.03
N HIS A 43 -6.88 -5.44 4.54
CA HIS A 43 -6.78 -5.87 5.93
C HIS A 43 -5.32 -5.89 6.38
N ARG A 44 -5.11 -6.01 7.70
CA ARG A 44 -3.78 -6.15 8.26
C ARG A 44 -3.24 -7.55 7.95
N GLU A 45 -1.93 -7.76 8.06
CA GLU A 45 -1.33 -9.04 7.72
C GLU A 45 -1.58 -10.11 8.79
N GLU A 46 -1.89 -9.68 10.03
CA GLU A 46 -2.20 -10.60 11.13
C GLU A 46 -3.57 -11.27 10.94
N ILE A 47 -4.37 -10.77 9.99
CA ILE A 47 -5.74 -11.22 9.83
C ILE A 47 -6.02 -11.58 8.37
N TYR A 48 -5.23 -11.08 7.41
CA TYR A 48 -5.45 -11.50 6.04
C TYR A 48 -5.24 -13.01 5.93
N GLN A 49 -4.25 -13.52 6.68
CA GLN A 49 -3.89 -14.93 6.62
C GLN A 49 -4.96 -15.80 7.27
N ARG A 50 -5.84 -15.21 8.08
CA ARG A 50 -6.92 -15.96 8.73
C ARG A 50 -8.20 -15.86 7.92
N ILE A 51 -8.38 -14.75 7.19
CA ILE A 51 -9.53 -14.53 6.32
C ILE A 51 -9.49 -15.50 5.15
N GLN A 52 -8.44 -15.43 4.34
CA GLN A 52 -8.36 -16.22 3.13
C GLN A 52 -7.96 -17.66 3.42
N ALA A 53 -7.97 -18.03 4.71
CA ALA A 53 -7.75 -19.41 5.12
C ALA A 53 -8.94 -20.29 4.71
N GLY A 54 -10.11 -19.68 4.46
CA GLY A 54 -11.29 -20.42 4.03
C GLY A 54 -12.59 -19.85 4.60
N LEU A 55 -12.53 -18.66 5.21
CA LEU A 55 -13.67 -18.04 5.88
C LEU A 55 -13.76 -16.55 5.56
N THR A 56 -14.62 -15.81 6.27
CA THR A 56 -14.78 -14.37 6.07
C THR A 56 -14.95 -13.67 7.41
N ALA A 57 -14.99 -12.33 7.37
CA ALA A 57 -15.11 -11.49 8.56
C ALA A 57 -16.32 -11.88 9.43
N PRO A 58 -16.25 -11.60 10.73
CA PRO A 58 -17.32 -11.89 11.68
C PRO A 58 -18.53 -10.98 11.47
N ASP A 59 -19.51 -11.14 12.35
CA ASP A 59 -20.80 -10.47 12.26
C ASP A 59 -21.35 -10.20 13.67
N MET C 1 -12.21 6.14 3.33
CA MET C 1 -10.79 5.76 3.28
C MET C 1 -10.44 4.92 4.50
N LEU C 2 -9.81 3.75 4.30
CA LEU C 2 -9.41 2.91 5.43
C LEU C 2 -8.06 3.39 5.93
N ILE C 3 -7.88 3.47 7.25
CA ILE C 3 -6.61 3.81 7.88
C ILE C 3 -6.22 2.64 8.76
N LEU C 4 -4.93 2.28 8.73
CA LEU C 4 -4.40 1.22 9.54
C LEU C 4 -3.10 1.72 10.15
N THR C 5 -2.63 1.03 11.21
CA THR C 5 -1.42 1.41 11.91
C THR C 5 -0.46 0.22 11.85
N ARG C 6 0.82 0.53 11.66
CA ARG C 6 1.85 -0.47 11.40
C ARG C 6 3.14 -0.04 12.08
N LYS C 7 4.16 -0.89 12.08
CA LYS C 7 5.47 -0.56 12.62
C LYS C 7 6.55 -1.11 11.71
N VAL C 8 7.75 -0.53 11.81
CA VAL C 8 8.89 -0.93 10.99
C VAL C 8 9.10 -2.44 11.08
N GLY C 9 8.95 -3.15 9.96
CA GLY C 9 9.18 -4.59 9.90
C GLY C 9 7.90 -5.40 9.79
N GLU C 10 6.76 -4.74 9.56
CA GLU C 10 5.47 -5.41 9.45
C GLU C 10 4.84 -5.11 8.09
N SER C 11 3.65 -5.67 7.83
CA SER C 11 3.02 -5.60 6.52
C SER C 11 1.51 -5.40 6.58
N ILE C 12 0.92 -5.11 5.42
CA ILE C 12 -0.51 -4.91 5.19
C ILE C 12 -0.85 -5.65 3.90
N ASN C 13 -2.13 -5.92 3.64
CA ASN C 13 -2.52 -6.70 2.47
C ASN C 13 -3.75 -6.10 1.78
N ILE C 14 -3.84 -6.33 0.47
CA ILE C 14 -4.92 -5.83 -0.37
C ILE C 14 -5.30 -6.90 -1.40
N GLY C 15 -6.57 -6.96 -1.79
CA GLY C 15 -7.04 -7.92 -2.76
C GLY C 15 -6.71 -9.35 -2.32
N ASP C 16 -6.25 -10.16 -3.26
CA ASP C 16 -5.84 -11.53 -3.01
C ASP C 16 -4.46 -11.79 -3.62
N ASP C 17 -3.83 -10.73 -4.16
CA ASP C 17 -2.54 -10.84 -4.85
C ASP C 17 -1.64 -9.63 -4.59
N ILE C 18 -1.98 -8.78 -3.61
CA ILE C 18 -1.18 -7.59 -3.33
C ILE C 18 -0.86 -7.51 -1.85
N THR C 19 0.39 -7.14 -1.52
CA THR C 19 0.84 -7.00 -0.16
C THR C 19 1.78 -5.81 -0.08
N ILE C 20 1.84 -5.14 1.08
CA ILE C 20 2.62 -3.93 1.27
C ILE C 20 3.43 -4.05 2.56
N THR C 21 4.60 -3.42 2.62
CA THR C 21 5.49 -3.56 3.77
C THR C 21 6.14 -2.22 4.11
N ILE C 22 6.46 -2.02 5.40
CA ILE C 22 7.11 -0.81 5.90
C ILE C 22 8.55 -1.17 6.30
N LEU C 23 9.48 -0.93 5.37
CA LEU C 23 10.86 -1.30 5.55
C LEU C 23 11.54 -0.45 6.63
N GLY C 24 11.05 0.78 6.83
CA GLY C 24 11.58 1.65 7.86
C GLY C 24 11.10 3.09 7.73
N VAL C 25 11.64 3.96 8.58
CA VAL C 25 11.29 5.37 8.62
C VAL C 25 12.56 6.22 8.63
N SER C 26 12.43 7.50 8.29
CA SER C 26 13.55 8.42 8.23
C SER C 26 13.05 9.83 8.53
N GLY C 27 12.51 10.03 9.73
CA GLY C 27 11.95 11.31 10.13
C GLY C 27 10.63 11.54 9.40
N GLN C 28 10.48 12.71 8.79
CA GLN C 28 9.29 13.03 8.01
C GLN C 28 9.25 12.21 6.70
N GLN C 29 10.22 11.31 6.50
CA GLN C 29 10.24 10.46 5.32
C GLN C 29 10.06 9.00 5.71
N VAL C 30 9.71 8.17 4.74
CA VAL C 30 9.29 6.79 4.96
C VAL C 30 9.77 5.92 3.81
N ARG C 31 10.09 4.65 4.11
CA ARG C 31 10.60 3.68 3.14
C ARG C 31 9.69 2.47 3.16
N ILE C 32 9.03 2.20 2.04
CA ILE C 32 8.01 1.17 1.94
C ILE C 32 8.19 0.35 0.67
N GLY C 33 7.61 -0.86 0.67
CA GLY C 33 7.68 -1.75 -0.47
C GLY C 33 6.29 -2.26 -0.83
N ILE C 34 6.17 -2.76 -2.06
CA ILE C 34 4.93 -3.25 -2.61
C ILE C 34 5.23 -4.61 -3.24
N ASN C 35 4.34 -5.57 -3.01
CA ASN C 35 4.51 -6.94 -3.45
C ASN C 35 3.27 -7.37 -4.23
N ALA C 36 3.19 -6.85 -5.44
CA ALA C 36 2.14 -7.16 -6.41
C ALA C 36 2.79 -7.71 -7.69
N PRO C 37 2.05 -8.48 -8.49
CA PRO C 37 2.55 -8.99 -9.75
C PRO C 37 2.54 -7.85 -10.76
N LYS C 38 3.40 -7.93 -11.78
CA LYS C 38 3.43 -6.89 -12.79
C LYS C 38 2.18 -6.93 -13.67
N ASP C 39 1.26 -7.85 -13.40
CA ASP C 39 -0.06 -7.87 -14.00
C ASP C 39 -0.87 -6.68 -13.48
N VAL C 40 -0.41 -6.04 -12.40
CA VAL C 40 -0.98 -4.81 -11.90
C VAL C 40 0.14 -3.79 -11.67
N ALA C 41 -0.16 -2.52 -11.92
CA ALA C 41 0.83 -1.47 -11.87
C ALA C 41 1.06 -0.97 -10.44
N VAL C 42 2.25 -0.41 -10.21
CA VAL C 42 2.56 0.33 -8.99
C VAL C 42 3.58 1.40 -9.33
N HIS C 43 3.23 2.64 -9.00
CA HIS C 43 4.05 3.83 -9.22
C HIS C 43 3.75 4.87 -8.16
N ARG C 44 4.59 5.90 -8.06
CA ARG C 44 4.37 7.02 -7.15
C ARG C 44 3.21 7.88 -7.64
N GLU C 45 2.65 8.72 -6.77
CA GLU C 45 1.53 9.57 -7.17
C GLU C 45 1.99 10.71 -8.07
N GLU C 46 3.27 11.09 -7.99
CA GLU C 46 3.84 12.16 -8.77
C GLU C 46 3.94 11.80 -10.26
N ILE C 47 3.81 10.50 -10.59
CA ILE C 47 4.01 10.01 -11.95
C ILE C 47 2.86 9.11 -12.38
N TYR C 48 2.14 8.48 -11.44
CA TYR C 48 1.05 7.60 -11.85
C TYR C 48 -0.01 8.41 -12.57
N GLN C 49 -0.22 9.66 -12.13
CA GLN C 49 -1.23 10.52 -12.71
C GLN C 49 -0.82 11.01 -14.10
N ARG C 50 0.46 10.86 -14.46
CA ARG C 50 0.95 11.23 -15.77
C ARG C 50 0.92 10.02 -16.71
N ILE C 51 1.08 8.81 -16.16
CA ILE C 51 0.96 7.58 -16.92
C ILE C 51 -0.50 7.39 -17.32
N GLN C 52 -1.40 7.59 -16.37
CA GLN C 52 -2.83 7.40 -16.61
C GLN C 52 -3.43 8.58 -17.37
N ALA C 53 -2.59 9.51 -17.81
CA ALA C 53 -3.04 10.63 -18.62
C ALA C 53 -3.37 10.16 -20.04
N GLY C 54 -2.90 8.97 -20.44
CA GLY C 54 -3.17 8.42 -21.76
C GLY C 54 -1.88 7.98 -22.46
N LEU C 55 -0.80 7.77 -21.70
CA LEU C 55 0.52 7.48 -22.24
C LEU C 55 1.24 6.44 -21.38
N THR C 56 2.51 6.20 -21.68
CA THR C 56 3.34 5.27 -20.90
C THR C 56 4.75 5.82 -20.76
N ALA C 57 5.54 5.24 -19.85
CA ALA C 57 6.90 5.67 -19.58
C ALA C 57 7.77 5.62 -20.84
N PRO C 58 8.80 6.47 -20.92
CA PRO C 58 9.72 6.51 -22.04
C PRO C 58 10.67 5.33 -22.04
N ASP C 59 11.32 5.12 -23.18
CA ASP C 59 12.30 4.07 -23.38
C ASP C 59 13.63 4.40 -22.69
N MET A 1 10.16 -7.50 -6.15
CA MET A 1 9.47 -6.61 -5.20
C MET A 1 9.83 -5.16 -5.52
N LEU A 2 8.83 -4.27 -5.53
CA LEU A 2 9.04 -2.89 -5.93
C LEU A 2 9.08 -2.00 -4.69
N ILE A 3 10.19 -1.29 -4.49
CA ILE A 3 10.39 -0.40 -3.36
C ILE A 3 10.29 1.04 -3.83
N LEU A 4 9.78 1.91 -2.96
CA LEU A 4 9.70 3.34 -3.20
C LEU A 4 9.94 4.05 -1.87
N THR A 5 10.12 5.37 -1.93
CA THR A 5 10.36 6.18 -0.75
C THR A 5 9.38 7.34 -0.77
N ARG A 6 8.86 7.68 0.40
CA ARG A 6 7.85 8.72 0.54
C ARG A 6 8.15 9.52 1.80
N LYS A 7 7.41 10.59 2.02
CA LYS A 7 7.53 11.42 3.21
C LYS A 7 6.13 11.63 3.77
N VAL A 8 6.00 11.82 5.09
CA VAL A 8 4.67 11.87 5.68
C VAL A 8 3.85 13.00 5.09
N GLY A 9 2.77 12.62 4.39
CA GLY A 9 1.92 13.56 3.68
C GLY A 9 1.83 13.25 2.19
N GLU A 10 2.43 12.14 1.75
CA GLU A 10 2.45 11.76 0.34
C GLU A 10 1.75 10.42 0.13
N SER A 11 1.73 9.93 -1.12
CA SER A 11 0.97 8.74 -1.49
C SER A 11 1.55 8.00 -2.69
N ILE A 12 1.01 6.79 -2.91
CA ILE A 12 1.42 5.85 -3.95
C ILE A 12 0.16 5.30 -4.63
N ASN A 13 0.29 4.63 -5.77
CA ASN A 13 -0.86 4.19 -6.55
C ASN A 13 -0.64 2.77 -7.10
N ILE A 14 -1.72 2.00 -7.23
CA ILE A 14 -1.68 0.63 -7.73
C ILE A 14 -2.91 0.35 -8.62
N GLY A 15 -2.72 -0.49 -9.63
CA GLY A 15 -3.80 -0.87 -10.52
C GLY A 15 -4.43 0.36 -11.17
N ASP A 16 -5.76 0.37 -11.22
CA ASP A 16 -6.54 1.48 -11.76
C ASP A 16 -7.64 1.88 -10.77
N ASP A 17 -7.65 1.27 -9.58
CA ASP A 17 -8.69 1.46 -8.58
C ASP A 17 -8.12 1.45 -7.16
N ILE A 18 -6.79 1.53 -6.99
CA ILE A 18 -6.19 1.48 -5.66
C ILE A 18 -5.17 2.60 -5.49
N THR A 19 -5.18 3.22 -4.31
CA THR A 19 -4.23 4.27 -3.96
C THR A 19 -3.92 4.13 -2.47
N ILE A 20 -2.70 4.52 -2.05
CA ILE A 20 -2.23 4.32 -0.69
C ILE A 20 -1.59 5.61 -0.21
N THR A 21 -1.66 5.90 1.10
CA THR A 21 -1.17 7.15 1.65
C THR A 21 -0.45 6.94 2.99
N ILE A 22 0.53 7.79 3.28
CA ILE A 22 1.28 7.76 4.54
C ILE A 22 0.89 8.98 5.37
N LEU A 23 -0.05 8.80 6.31
CA LEU A 23 -0.55 9.91 7.11
C LEU A 23 0.54 10.43 8.05
N GLY A 24 1.41 9.52 8.51
CA GLY A 24 2.58 9.92 9.27
C GLY A 24 3.22 8.77 10.04
N VAL A 25 4.14 9.13 10.94
CA VAL A 25 4.95 8.17 11.66
C VAL A 25 4.94 8.51 13.16
N SER A 26 5.19 7.49 13.99
CA SER A 26 5.14 7.61 15.43
C SER A 26 6.23 6.73 16.03
N GLY A 27 7.49 7.02 15.68
CA GLY A 27 8.62 6.24 16.15
C GLY A 27 8.61 4.84 15.53
N GLN A 28 8.54 3.82 16.38
CA GLN A 28 8.52 2.43 15.94
C GLN A 28 7.22 2.09 15.22
N GLN A 29 6.22 2.97 15.27
CA GLN A 29 4.93 2.72 14.65
C GLN A 29 4.67 3.70 13.50
N VAL A 30 3.67 3.37 12.70
CA VAL A 30 3.32 4.11 11.49
C VAL A 30 1.80 4.20 11.33
N ARG A 31 1.34 5.27 10.66
CA ARG A 31 -0.07 5.53 10.42
C ARG A 31 -0.26 5.72 8.92
N ILE A 32 -1.05 4.85 8.30
CA ILE A 32 -1.21 4.80 6.86
C ILE A 32 -2.68 4.60 6.48
N GLY A 33 -3.02 5.00 5.26
CA GLY A 33 -4.37 4.88 4.73
C GLY A 33 -4.37 4.12 3.41
N ILE A 34 -5.54 3.60 3.04
CA ILE A 34 -5.73 2.81 1.83
C ILE A 34 -7.01 3.29 1.17
N ASN A 35 -6.96 3.50 -0.13
CA ASN A 35 -8.07 4.06 -0.88
C ASN A 35 -8.41 3.13 -2.04
N ALA A 36 -9.03 2.03 -1.66
CA ALA A 36 -9.57 1.03 -2.56
C ALA A 36 -11.05 0.85 -2.23
N PRO A 37 -11.85 0.34 -3.18
CA PRO A 37 -13.26 0.13 -2.97
C PRO A 37 -13.46 -1.12 -2.11
N LYS A 38 -14.59 -1.20 -1.41
CA LYS A 38 -14.89 -2.40 -0.62
C LYS A 38 -15.22 -3.58 -1.54
N ASP A 39 -15.19 -3.34 -2.85
CA ASP A 39 -15.30 -4.39 -3.83
C ASP A 39 -14.04 -5.27 -3.81
N VAL A 40 -12.98 -4.81 -3.13
CA VAL A 40 -11.81 -5.63 -2.87
C VAL A 40 -11.49 -5.62 -1.37
N ALA A 41 -11.02 -6.77 -0.88
CA ALA A 41 -10.72 -6.97 0.53
C ALA A 41 -9.44 -6.23 0.92
N VAL A 42 -9.39 -5.75 2.17
CA VAL A 42 -8.22 -5.09 2.71
C VAL A 42 -8.10 -5.46 4.18
N HIS A 43 -6.94 -5.96 4.61
CA HIS A 43 -6.71 -6.36 5.99
C HIS A 43 -5.23 -6.28 6.36
N ARG A 44 -4.93 -6.29 7.66
CA ARG A 44 -3.54 -6.30 8.14
C ARG A 44 -2.96 -7.69 7.92
N GLU A 45 -1.63 -7.82 7.91
CA GLU A 45 -1.02 -9.15 7.89
C GLU A 45 -1.34 -9.88 9.20
N GLU A 46 -1.64 -9.09 10.23
CA GLU A 46 -2.00 -9.53 11.57
C GLU A 46 -3.36 -10.24 11.59
N ILE A 47 -4.15 -10.13 10.51
CA ILE A 47 -5.49 -10.69 10.46
C ILE A 47 -5.75 -11.37 9.12
N TYR A 48 -5.08 -10.98 8.03
CA TYR A 48 -5.37 -11.57 6.75
C TYR A 48 -5.05 -13.07 6.76
N GLN A 49 -4.00 -13.43 7.51
CA GLN A 49 -3.56 -14.82 7.59
C GLN A 49 -4.50 -15.65 8.46
N ARG A 50 -5.38 -14.99 9.23
CA ARG A 50 -6.38 -15.68 10.03
C ARG A 50 -7.68 -15.80 9.24
N ILE A 51 -7.92 -14.89 8.31
CA ILE A 51 -9.09 -14.94 7.42
C ILE A 51 -8.89 -16.06 6.42
N GLN A 52 -7.73 -16.07 5.75
CA GLN A 52 -7.44 -17.03 4.70
C GLN A 52 -7.16 -18.42 5.27
N ALA A 53 -7.34 -18.59 6.59
CA ALA A 53 -7.19 -19.87 7.24
C ALA A 53 -8.33 -20.81 6.85
N GLY A 54 -9.44 -20.25 6.35
CA GLY A 54 -10.59 -21.05 5.91
C GLY A 54 -11.92 -20.45 6.36
N LEU A 55 -11.92 -19.19 6.77
CA LEU A 55 -13.09 -18.52 7.33
C LEU A 55 -13.22 -17.11 6.79
N THR A 56 -14.15 -16.33 7.35
CA THR A 56 -14.37 -14.94 6.98
C THR A 56 -14.62 -14.10 8.24
N ALA A 57 -14.78 -12.79 8.08
CA ALA A 57 -14.97 -11.87 9.19
C ALA A 57 -16.09 -12.33 10.14
N PRO A 58 -15.94 -12.07 11.44
CA PRO A 58 -16.90 -12.44 12.46
C PRO A 58 -18.13 -11.55 12.45
N ASP A 59 -18.96 -11.71 13.49
CA ASP A 59 -20.20 -10.99 13.67
C ASP A 59 -20.35 -10.53 15.12
N MET C 1 -11.88 6.04 3.25
CA MET C 1 -10.49 5.57 3.21
C MET C 1 -10.21 4.70 4.44
N LEU C 2 -9.57 3.53 4.26
CA LEU C 2 -9.34 2.60 5.35
C LEU C 2 -7.97 2.85 5.98
N ILE C 3 -7.94 3.53 7.13
CA ILE C 3 -6.70 3.79 7.85
C ILE C 3 -6.37 2.60 8.73
N LEU C 4 -5.07 2.36 8.93
CA LEU C 4 -4.59 1.30 9.78
C LEU C 4 -3.32 1.77 10.47
N THR C 5 -2.92 1.04 11.52
CA THR C 5 -1.73 1.35 12.30
C THR C 5 -0.91 0.08 12.39
N ARG C 6 0.40 0.21 12.12
CA ARG C 6 1.30 -0.92 12.01
C ARG C 6 2.69 -0.49 12.48
N LYS C 7 3.63 -1.42 12.58
CA LYS C 7 4.99 -1.08 13.00
C LYS C 7 5.97 -1.46 11.91
N VAL C 8 7.15 -0.84 11.91
CA VAL C 8 8.12 -1.11 10.87
C VAL C 8 8.59 -2.57 10.96
N GLY C 9 8.66 -3.24 9.80
CA GLY C 9 9.04 -4.64 9.73
C GLY C 9 7.81 -5.54 9.51
N GLU C 10 6.62 -4.94 9.49
CA GLU C 10 5.37 -5.68 9.28
C GLU C 10 4.78 -5.38 7.89
N SER C 11 3.57 -5.89 7.63
CA SER C 11 2.95 -5.82 6.32
C SER C 11 1.43 -5.63 6.39
N ILE C 12 0.83 -5.35 5.24
CA ILE C 12 -0.60 -5.17 5.04
C ILE C 12 -0.99 -5.91 3.75
N ASN C 13 -2.29 -6.12 3.51
CA ASN C 13 -2.73 -6.90 2.37
C ASN C 13 -3.96 -6.29 1.71
N ILE C 14 -4.07 -6.47 0.38
CA ILE C 14 -5.18 -5.96 -0.42
C ILE C 14 -5.56 -6.98 -1.50
N GLY C 15 -6.84 -7.04 -1.85
CA GLY C 15 -7.34 -7.95 -2.87
C GLY C 15 -6.99 -9.39 -2.52
N ASP C 16 -6.55 -10.15 -3.53
CA ASP C 16 -6.14 -11.53 -3.37
C ASP C 16 -4.77 -11.75 -4.02
N ASP C 17 -4.14 -10.67 -4.49
CA ASP C 17 -2.88 -10.72 -5.22
C ASP C 17 -1.97 -9.54 -4.89
N ILE C 18 -2.29 -8.75 -3.85
CA ILE C 18 -1.49 -7.59 -3.49
C ILE C 18 -1.16 -7.62 -2.00
N THR C 19 0.09 -7.29 -1.67
CA THR C 19 0.56 -7.22 -0.29
C THR C 19 1.56 -6.07 -0.22
N ILE C 20 1.65 -5.40 0.93
CA ILE C 20 2.46 -4.19 1.08
C ILE C 20 3.30 -4.34 2.34
N THR C 21 4.49 -3.73 2.36
CA THR C 21 5.41 -3.86 3.48
C THR C 21 6.03 -2.52 3.83
N ILE C 22 6.30 -2.31 5.12
CA ILE C 22 6.92 -1.11 5.64
C ILE C 22 8.34 -1.46 6.11
N LEU C 23 9.33 -1.18 5.25
CA LEU C 23 10.71 -1.54 5.54
C LEU C 23 11.25 -0.75 6.73
N GLY C 24 10.80 0.49 6.91
CA GLY C 24 11.08 1.25 8.12
C GLY C 24 11.17 2.75 7.91
N VAL C 25 11.41 3.46 9.02
CA VAL C 25 11.50 4.92 9.05
C VAL C 25 12.83 5.40 8.46
N SER C 26 12.86 6.67 8.04
CA SER C 26 14.06 7.33 7.57
C SER C 26 13.92 8.84 7.77
N GLY C 27 13.75 9.26 9.02
CA GLY C 27 13.54 10.67 9.33
C GLY C 27 12.10 11.06 9.00
N GLN C 28 11.91 12.22 8.38
CA GLN C 28 10.60 12.64 7.91
C GLN C 28 10.17 11.76 6.73
N GLN C 29 11.08 10.92 6.24
CA GLN C 29 10.82 10.03 5.11
C GLN C 29 10.51 8.61 5.60
N VAL C 30 10.06 7.78 4.66
CA VAL C 30 9.68 6.40 4.92
C VAL C 30 10.05 5.52 3.74
N ARG C 31 10.48 4.29 4.03
CA ARG C 31 10.83 3.28 3.03
C ARG C 31 9.79 2.18 3.07
N ILE C 32 9.13 1.95 1.94
CA ILE C 32 8.08 0.95 1.80
C ILE C 32 8.27 0.12 0.53
N GLY C 33 7.66 -1.06 0.51
CA GLY C 33 7.71 -1.95 -0.63
C GLY C 33 6.33 -2.45 -1.00
N ILE C 34 6.20 -3.04 -2.19
CA ILE C 34 4.92 -3.49 -2.72
C ILE C 34 5.13 -4.88 -3.32
N ASN C 35 4.13 -5.74 -3.15
CA ASN C 35 4.17 -7.12 -3.59
C ASN C 35 2.92 -7.42 -4.41
N ALA C 36 2.91 -6.90 -5.63
CA ALA C 36 1.83 -7.11 -6.59
C ALA C 36 2.46 -7.66 -7.87
N PRO C 37 1.66 -8.34 -8.71
CA PRO C 37 2.17 -8.94 -9.92
C PRO C 37 2.56 -7.82 -10.88
N LYS C 38 3.58 -8.07 -11.70
CA LYS C 38 4.03 -7.08 -12.67
C LYS C 38 2.98 -6.89 -13.76
N ASP C 39 1.89 -7.65 -13.67
CA ASP C 39 0.73 -7.53 -14.54
C ASP C 39 -0.16 -6.35 -14.12
N VAL C 40 0.05 -5.77 -12.94
CA VAL C 40 -0.67 -4.56 -12.53
C VAL C 40 0.31 -3.43 -12.27
N ALA C 41 -0.11 -2.21 -12.60
CA ALA C 41 0.70 -1.02 -12.49
C ALA C 41 0.92 -0.64 -11.03
N VAL C 42 2.12 -0.15 -10.72
CA VAL C 42 2.50 0.32 -9.40
C VAL C 42 3.48 1.48 -9.58
N HIS C 43 3.06 2.70 -9.21
CA HIS C 43 3.88 3.90 -9.33
C HIS C 43 3.53 4.90 -8.22
N ARG C 44 4.39 5.91 -8.05
CA ARG C 44 4.16 7.03 -7.16
C ARG C 44 3.03 7.90 -7.72
N GLU C 45 2.29 8.60 -6.86
CA GLU C 45 1.23 9.49 -7.32
C GLU C 45 1.79 10.67 -8.08
N GLU C 46 3.01 11.07 -7.72
CA GLU C 46 3.73 12.16 -8.35
C GLU C 46 4.02 11.90 -9.84
N ILE C 47 3.78 10.67 -10.31
CA ILE C 47 4.04 10.30 -11.70
C ILE C 47 2.89 9.47 -12.27
N TYR C 48 2.10 8.78 -11.45
CA TYR C 48 1.04 7.95 -11.99
C TYR C 48 0.01 8.81 -12.72
N GLN C 49 -0.20 10.03 -12.21
CA GLN C 49 -1.16 10.95 -12.78
C GLN C 49 -0.66 11.52 -14.09
N ARG C 50 0.63 11.36 -14.38
CA ARG C 50 1.22 11.80 -15.63
C ARG C 50 1.23 10.65 -16.64
N ILE C 51 1.31 9.40 -16.16
CA ILE C 51 1.21 8.21 -17.01
C ILE C 51 -0.21 8.12 -17.55
N GLN C 52 -1.18 8.23 -16.65
CA GLN C 52 -2.59 8.10 -17.01
C GLN C 52 -3.09 9.35 -17.73
N ALA C 53 -2.20 10.29 -18.03
CA ALA C 53 -2.57 11.50 -18.74
C ALA C 53 -2.83 11.23 -20.23
N GLY C 54 -2.35 10.09 -20.75
CA GLY C 54 -2.53 9.73 -22.14
C GLY C 54 -1.24 9.25 -22.79
N LEU C 55 -0.25 8.89 -21.97
CA LEU C 55 1.08 8.50 -22.43
C LEU C 55 1.59 7.29 -21.67
N THR C 56 2.86 6.93 -21.87
CA THR C 56 3.48 5.80 -21.18
C THR C 56 4.91 6.13 -20.78
N ALA C 57 5.52 5.26 -19.96
CA ALA C 57 6.86 5.43 -19.45
C ALA C 57 7.90 5.59 -20.56
N PRO C 58 9.03 6.24 -20.25
CA PRO C 58 10.15 6.41 -21.16
C PRO C 58 10.89 5.08 -21.36
N ASP C 59 11.71 5.04 -22.40
CA ASP C 59 12.51 3.87 -22.76
C ASP C 59 13.48 3.50 -21.64
N MET A 1 10.21 -7.45 -5.18
CA MET A 1 9.50 -6.41 -4.39
C MET A 1 9.94 -5.03 -4.85
N LEU A 2 8.98 -4.13 -5.11
CA LEU A 2 9.28 -2.77 -5.51
C LEU A 2 9.37 -1.91 -4.26
N ILE A 3 10.37 -1.02 -4.17
CA ILE A 3 10.54 -0.13 -3.03
C ILE A 3 10.48 1.33 -3.48
N LEU A 4 9.82 2.16 -2.69
CA LEU A 4 9.69 3.60 -2.92
C LEU A 4 10.11 4.33 -1.64
N THR A 5 10.40 5.62 -1.80
CA THR A 5 10.77 6.49 -0.71
C THR A 5 9.98 7.79 -0.86
N ARG A 6 9.22 8.14 0.18
CA ARG A 6 8.35 9.31 0.19
C ARG A 6 8.35 9.89 1.58
N LYS A 7 7.72 11.06 1.76
CA LYS A 7 7.67 11.71 3.06
C LYS A 7 6.24 11.72 3.57
N VAL A 8 6.07 11.92 4.88
CA VAL A 8 4.76 11.91 5.48
C VAL A 8 3.92 13.04 4.90
N GLY A 9 2.85 12.68 4.17
CA GLY A 9 1.99 13.62 3.48
C GLY A 9 1.91 13.33 1.99
N GLU A 10 2.57 12.26 1.53
CA GLU A 10 2.59 11.86 0.13
C GLU A 10 1.86 10.54 -0.07
N SER A 11 1.78 10.07 -1.32
CA SER A 11 0.98 8.91 -1.69
C SER A 11 1.67 8.04 -2.73
N ILE A 12 1.09 6.86 -2.96
CA ILE A 12 1.53 5.84 -3.92
C ILE A 12 0.28 5.33 -4.63
N ASN A 13 0.43 4.63 -5.76
CA ASN A 13 -0.71 4.18 -6.55
C ASN A 13 -0.50 2.77 -7.08
N ILE A 14 -1.58 2.00 -7.22
CA ILE A 14 -1.56 0.62 -7.66
C ILE A 14 -2.76 0.32 -8.56
N GLY A 15 -2.56 -0.58 -9.53
CA GLY A 15 -3.61 -0.98 -10.44
C GLY A 15 -4.22 0.21 -11.17
N ASP A 16 -5.56 0.24 -11.24
CA ASP A 16 -6.31 1.31 -11.86
C ASP A 16 -7.42 1.81 -10.94
N ASP A 17 -7.47 1.28 -9.71
CA ASP A 17 -8.53 1.58 -8.75
C ASP A 17 -7.99 1.63 -7.31
N ILE A 18 -6.68 1.66 -7.12
CA ILE A 18 -6.12 1.65 -5.77
C ILE A 18 -5.09 2.76 -5.61
N THR A 19 -5.13 3.45 -4.47
CA THR A 19 -4.19 4.51 -4.12
C THR A 19 -3.93 4.42 -2.62
N ILE A 20 -2.71 4.77 -2.18
CA ILE A 20 -2.28 4.58 -0.80
C ILE A 20 -1.61 5.86 -0.32
N THR A 21 -1.68 6.13 0.99
CA THR A 21 -1.15 7.36 1.57
C THR A 21 -0.44 7.07 2.89
N ILE A 22 0.56 7.90 3.21
CA ILE A 22 1.30 7.80 4.47
C ILE A 22 0.93 9.00 5.33
N LEU A 23 0.09 8.78 6.35
CA LEU A 23 -0.42 9.87 7.16
C LEU A 23 0.67 10.44 8.06
N GLY A 24 1.56 9.59 8.57
CA GLY A 24 2.75 10.07 9.25
C GLY A 24 3.36 9.08 10.24
N VAL A 25 4.49 9.48 10.80
CA VAL A 25 5.25 8.67 11.75
C VAL A 25 4.59 8.65 13.13
N SER A 26 4.98 7.68 13.95
CA SER A 26 4.55 7.53 15.32
C SER A 26 5.69 6.83 16.08
N GLY A 27 6.92 7.34 15.91
CA GLY A 27 8.09 6.69 16.44
C GLY A 27 8.45 5.52 15.54
N GLN A 28 8.74 4.36 16.13
CA GLN A 28 8.96 3.14 15.38
C GLN A 28 7.62 2.67 14.78
N GLN A 29 6.51 3.31 15.13
CA GLN A 29 5.21 3.02 14.56
C GLN A 29 4.90 4.00 13.45
N VAL A 30 3.87 3.69 12.65
CA VAL A 30 3.50 4.41 11.46
C VAL A 30 1.99 4.27 11.24
N ARG A 31 1.33 5.35 10.79
CA ARG A 31 -0.06 5.27 10.39
C ARG A 31 -0.15 5.60 8.90
N ILE A 32 -0.93 4.77 8.20
CA ILE A 32 -1.10 4.81 6.76
C ILE A 32 -2.58 4.71 6.40
N GLY A 33 -2.94 5.21 5.22
CA GLY A 33 -4.31 5.18 4.74
C GLY A 33 -4.39 4.55 3.36
N ILE A 34 -5.60 4.16 2.97
CA ILE A 34 -5.83 3.41 1.74
C ILE A 34 -7.09 3.95 1.05
N ASN A 35 -7.04 3.98 -0.27
CA ASN A 35 -8.11 4.50 -1.11
C ASN A 35 -8.42 3.49 -2.20
N ALA A 36 -9.09 2.41 -1.79
CA ALA A 36 -9.58 1.37 -2.67
C ALA A 36 -11.06 1.16 -2.37
N PRO A 37 -11.83 0.61 -3.32
CA PRO A 37 -13.24 0.36 -3.13
C PRO A 37 -13.42 -0.89 -2.26
N LYS A 38 -14.56 -1.00 -1.58
CA LYS A 38 -14.86 -2.19 -0.80
C LYS A 38 -15.14 -3.38 -1.72
N ASP A 39 -15.08 -3.13 -3.03
CA ASP A 39 -15.14 -4.18 -4.03
C ASP A 39 -13.86 -5.02 -4.01
N VAL A 40 -12.82 -4.55 -3.30
CA VAL A 40 -11.62 -5.32 -3.07
C VAL A 40 -11.30 -5.33 -1.57
N ALA A 41 -10.79 -6.48 -1.10
CA ALA A 41 -10.48 -6.69 0.29
C ALA A 41 -9.28 -5.86 0.73
N VAL A 42 -9.31 -5.37 1.97
CA VAL A 42 -8.21 -4.65 2.57
C VAL A 42 -8.21 -4.92 4.07
N HIS A 43 -7.16 -5.58 4.57
CA HIS A 43 -7.05 -5.96 5.98
C HIS A 43 -5.59 -5.99 6.44
N ARG A 44 -5.40 -6.04 7.75
CA ARG A 44 -4.09 -6.25 8.36
C ARG A 44 -3.59 -7.65 8.04
N GLU A 45 -2.27 -7.85 7.97
CA GLU A 45 -1.74 -9.19 7.66
C GLU A 45 -2.00 -10.17 8.81
N GLU A 46 -2.21 -9.66 10.02
CA GLU A 46 -2.43 -10.47 11.21
C GLU A 46 -3.84 -11.09 11.23
N ILE A 47 -4.70 -10.71 10.28
CA ILE A 47 -6.08 -11.19 10.23
C ILE A 47 -6.42 -11.64 8.82
N TYR A 48 -5.76 -11.13 7.79
CA TYR A 48 -6.13 -11.52 6.44
C TYR A 48 -5.91 -13.02 6.24
N GLN A 49 -4.88 -13.55 6.89
CA GLN A 49 -4.52 -14.96 6.78
C GLN A 49 -5.52 -15.84 7.52
N ARG A 50 -6.35 -15.25 8.38
CA ARG A 50 -7.40 -15.97 9.09
C ARG A 50 -8.71 -15.87 8.32
N ILE A 51 -8.88 -14.83 7.50
CA ILE A 51 -10.04 -14.68 6.64
C ILE A 51 -9.96 -15.69 5.52
N GLN A 52 -8.81 -15.72 4.83
CA GLN A 52 -8.59 -16.58 3.68
C GLN A 52 -8.40 -18.04 4.11
N ALA A 53 -8.58 -18.33 5.39
CA ALA A 53 -8.47 -19.68 5.91
C ALA A 53 -9.69 -20.53 5.48
N GLY A 54 -10.77 -19.89 5.04
CA GLY A 54 -11.96 -20.59 4.58
C GLY A 54 -13.25 -19.95 5.08
N LEU A 55 -13.18 -18.71 5.57
CA LEU A 55 -14.31 -18.02 6.19
C LEU A 55 -14.36 -16.56 5.76
N THR A 56 -15.23 -15.77 6.38
CA THR A 56 -15.36 -14.34 6.12
C THR A 56 -15.53 -13.57 7.42
N ALA A 57 -15.48 -12.24 7.34
CA ALA A 57 -15.56 -11.38 8.51
C ALA A 57 -16.81 -11.66 9.36
N PRO A 58 -16.70 -11.46 10.69
CA PRO A 58 -17.79 -11.67 11.63
C PRO A 58 -18.80 -10.53 11.57
N ASP A 59 -19.98 -10.81 12.13
CA ASP A 59 -21.06 -9.86 12.28
C ASP A 59 -20.70 -8.85 13.37
N MET C 1 -12.03 6.41 3.53
CA MET C 1 -10.62 6.02 3.52
C MET C 1 -10.34 5.05 4.66
N LEU C 2 -9.75 3.89 4.36
CA LEU C 2 -9.43 2.92 5.40
C LEU C 2 -8.05 3.25 5.95
N ILE C 3 -7.89 3.21 7.27
CA ILE C 3 -6.61 3.42 7.93
C ILE C 3 -6.24 2.19 8.73
N LEU C 4 -4.95 1.91 8.81
CA LEU C 4 -4.39 0.89 9.66
C LEU C 4 -3.08 1.42 10.22
N THR C 5 -2.58 0.79 11.29
CA THR C 5 -1.38 1.24 11.96
C THR C 5 -0.42 0.07 12.04
N ARG C 6 0.86 0.37 11.82
CA ARG C 6 1.91 -0.62 11.71
C ARG C 6 3.21 -0.09 12.33
N LYS C 7 4.25 -0.92 12.36
CA LYS C 7 5.59 -0.52 12.76
C LYS C 7 6.60 -1.21 11.85
N VAL C 8 7.84 -0.72 11.86
CA VAL C 8 8.89 -1.19 10.96
C VAL C 8 8.94 -2.72 10.92
N GLY C 9 8.87 -3.30 9.71
CA GLY C 9 8.93 -4.73 9.50
C GLY C 9 7.53 -5.36 9.32
N GLU C 10 6.47 -4.59 9.60
CA GLU C 10 5.09 -5.08 9.50
C GLU C 10 4.59 -5.05 8.05
N SER C 11 3.42 -5.65 7.81
CA SER C 11 2.83 -5.70 6.47
C SER C 11 1.31 -5.56 6.54
N ILE C 12 0.71 -5.27 5.38
CA ILE C 12 -0.72 -5.10 5.18
C ILE C 12 -1.08 -5.80 3.86
N ASN C 13 -2.36 -6.05 3.59
CA ASN C 13 -2.77 -6.83 2.43
C ASN C 13 -3.97 -6.21 1.72
N ILE C 14 -4.03 -6.38 0.40
CA ILE C 14 -5.08 -5.85 -0.46
C ILE C 14 -5.44 -6.86 -1.54
N GLY C 15 -6.71 -6.88 -1.94
CA GLY C 15 -7.18 -7.79 -2.98
C GLY C 15 -6.87 -9.23 -2.60
N ASP C 16 -6.41 -10.00 -3.59
CA ASP C 16 -6.00 -11.38 -3.39
C ASP C 16 -4.62 -11.62 -4.02
N ASP C 17 -3.98 -10.54 -4.50
CA ASP C 17 -2.70 -10.61 -5.18
C ASP C 17 -1.79 -9.43 -4.81
N ILE C 18 -2.13 -8.68 -3.76
CA ILE C 18 -1.35 -7.51 -3.39
C ILE C 18 -1.07 -7.52 -1.87
N THR C 19 0.15 -7.17 -1.51
CA THR C 19 0.59 -7.07 -0.13
C THR C 19 1.57 -5.90 -0.04
N ILE C 20 1.64 -5.25 1.13
CA ILE C 20 2.44 -4.04 1.30
C ILE C 20 3.26 -4.18 2.58
N THR C 21 4.44 -3.55 2.62
CA THR C 21 5.36 -3.70 3.75
C THR C 21 6.07 -2.39 4.05
N ILE C 22 6.43 -2.19 5.32
CA ILE C 22 7.22 -1.04 5.75
C ILE C 22 8.64 -1.52 6.01
N LEU C 23 9.62 -0.74 5.57
CA LEU C 23 11.01 -1.15 5.68
C LEU C 23 11.75 -0.32 6.72
N GLY C 24 11.23 0.88 7.00
CA GLY C 24 11.73 1.70 8.08
C GLY C 24 11.39 3.17 7.90
N VAL C 25 11.99 4.01 8.73
CA VAL C 25 11.74 5.45 8.71
C VAL C 25 13.07 6.19 8.62
N SER C 26 13.00 7.46 8.20
CA SER C 26 14.17 8.30 7.99
C SER C 26 13.80 9.75 8.33
N GLY C 27 13.28 9.95 9.54
CA GLY C 27 12.83 11.26 9.96
C GLY C 27 11.52 11.59 9.25
N GLN C 28 11.45 12.75 8.60
CA GLN C 28 10.29 13.14 7.82
C GLN C 28 10.12 12.25 6.59
N GLN C 29 11.13 11.44 6.26
CA GLN C 29 11.06 10.52 5.12
C GLN C 29 10.70 9.11 5.60
N VAL C 30 10.27 8.28 4.66
CA VAL C 30 9.82 6.91 4.93
C VAL C 30 10.25 5.99 3.80
N ARG C 31 10.47 4.70 4.11
CA ARG C 31 10.91 3.69 3.17
C ARG C 31 9.93 2.51 3.24
N ILE C 32 9.24 2.25 2.14
CA ILE C 32 8.18 1.27 2.05
C ILE C 32 8.29 0.48 0.74
N GLY C 33 7.63 -0.69 0.68
CA GLY C 33 7.67 -1.55 -0.48
C GLY C 33 6.30 -2.15 -0.78
N ILE C 34 6.20 -2.76 -1.98
CA ILE C 34 4.95 -3.33 -2.47
C ILE C 34 5.23 -4.73 -3.03
N ASN C 35 4.27 -5.63 -2.84
CA ASN C 35 4.36 -7.03 -3.24
C ASN C 35 3.16 -7.37 -4.12
N ALA C 36 3.22 -6.90 -5.36
CA ALA C 36 2.21 -7.15 -6.38
C ALA C 36 2.91 -7.62 -7.65
N PRO C 37 2.20 -8.32 -8.55
CA PRO C 37 2.77 -8.77 -9.79
C PRO C 37 2.87 -7.60 -10.76
N LYS C 38 3.79 -7.67 -11.72
CA LYS C 38 3.92 -6.63 -12.74
C LYS C 38 2.73 -6.70 -13.71
N ASP C 39 1.83 -7.65 -13.48
CA ASP C 39 0.57 -7.73 -14.19
C ASP C 39 -0.35 -6.58 -13.75
N VAL C 40 0.01 -5.88 -12.66
CA VAL C 40 -0.67 -4.66 -12.25
C VAL C 40 0.33 -3.54 -12.03
N ALA C 41 -0.07 -2.32 -12.36
CA ALA C 41 0.78 -1.15 -12.28
C ALA C 41 1.06 -0.80 -10.82
N VAL C 42 2.28 -0.33 -10.55
CA VAL C 42 2.69 0.16 -9.24
C VAL C 42 3.70 1.27 -9.46
N HIS C 43 3.34 2.51 -9.08
CA HIS C 43 4.21 3.67 -9.28
C HIS C 43 3.99 4.71 -8.18
N ARG C 44 4.89 5.68 -8.10
CA ARG C 44 4.78 6.87 -7.25
C ARG C 44 3.61 7.72 -7.73
N GLU C 45 2.91 8.41 -6.83
CA GLU C 45 1.81 9.28 -7.22
C GLU C 45 2.32 10.45 -8.07
N GLU C 46 3.61 10.76 -7.94
CA GLU C 46 4.27 11.86 -8.63
C GLU C 46 4.48 11.57 -10.12
N ILE C 47 4.20 10.34 -10.56
CA ILE C 47 4.37 9.94 -11.95
C ILE C 47 3.16 9.15 -12.44
N TYR C 48 2.37 8.53 -11.55
CA TYR C 48 1.25 7.73 -12.02
C TYR C 48 0.25 8.62 -12.76
N GLN C 49 0.14 9.87 -12.32
CA GLN C 49 -0.78 10.82 -12.92
C GLN C 49 -0.30 11.29 -14.29
N ARG C 50 0.97 11.02 -14.62
CA ARG C 50 1.53 11.35 -15.92
C ARG C 50 1.41 10.15 -16.86
N ILE C 51 1.41 8.93 -16.31
CA ILE C 51 1.20 7.70 -17.08
C ILE C 51 -0.24 7.67 -17.55
N GLN C 52 -1.18 7.92 -16.64
CA GLN C 52 -2.60 7.88 -16.94
C GLN C 52 -3.04 9.12 -17.71
N ALA C 53 -2.10 10.00 -18.08
CA ALA C 53 -2.41 11.18 -18.86
C ALA C 53 -2.74 10.83 -20.31
N GLY C 54 -2.35 9.63 -20.77
CA GLY C 54 -2.61 9.20 -22.14
C GLY C 54 -1.38 8.59 -22.80
N LEU C 55 -0.38 8.19 -21.99
CA LEU C 55 0.90 7.71 -22.48
C LEU C 55 1.37 6.52 -21.65
N THR C 56 2.61 6.06 -21.87
CA THR C 56 3.17 4.93 -21.15
C THR C 56 4.63 5.18 -20.80
N ALA C 57 5.22 4.28 -20.00
CA ALA C 57 6.60 4.39 -19.53
C ALA C 57 7.59 4.49 -20.69
N PRO C 58 8.78 5.07 -20.42
CA PRO C 58 9.86 5.18 -21.37
C PRO C 58 10.52 3.83 -21.64
N ASP C 59 11.67 3.88 -22.30
CA ASP C 59 12.40 2.71 -22.75
C ASP C 59 13.87 2.87 -22.40
N MET A 1 10.23 -7.80 -6.40
CA MET A 1 9.52 -6.90 -5.46
C MET A 1 9.92 -5.46 -5.72
N LEU A 2 8.95 -4.55 -5.69
CA LEU A 2 9.19 -3.14 -5.98
C LEU A 2 9.24 -2.38 -4.65
N ILE A 3 10.26 -1.53 -4.47
CA ILE A 3 10.44 -0.74 -3.26
C ILE A 3 10.43 0.74 -3.63
N LEU A 4 9.95 1.58 -2.72
CA LEU A 4 9.88 3.02 -2.92
C LEU A 4 10.16 3.72 -1.59
N THR A 5 10.47 5.01 -1.65
CA THR A 5 10.75 5.81 -0.47
C THR A 5 9.87 7.05 -0.50
N ARG A 6 9.29 7.38 0.65
CA ARG A 6 8.34 8.47 0.79
C ARG A 6 8.57 9.17 2.12
N LYS A 7 7.86 10.28 2.35
CA LYS A 7 7.84 10.94 3.64
C LYS A 7 6.44 11.44 3.92
N VAL A 8 6.17 11.77 5.19
CA VAL A 8 4.85 12.13 5.66
C VAL A 8 4.19 13.16 4.72
N GLY A 9 3.05 12.78 4.13
CA GLY A 9 2.30 13.69 3.27
C GLY A 9 2.30 13.26 1.79
N GLU A 10 2.96 12.14 1.46
CA GLU A 10 3.06 11.67 0.09
C GLU A 10 2.23 10.38 -0.11
N SER A 11 2.21 9.85 -1.33
CA SER A 11 1.34 8.72 -1.66
C SER A 11 1.98 7.79 -2.71
N ILE A 12 1.36 6.63 -2.88
CA ILE A 12 1.76 5.57 -3.82
C ILE A 12 0.48 5.09 -4.51
N ASN A 13 0.59 4.40 -5.65
CA ASN A 13 -0.60 3.98 -6.37
C ASN A 13 -0.39 2.60 -7.00
N ILE A 14 -1.48 1.83 -7.13
CA ILE A 14 -1.46 0.49 -7.70
C ILE A 14 -2.68 0.30 -8.58
N GLY A 15 -2.50 -0.43 -9.69
CA GLY A 15 -3.58 -0.73 -10.63
C GLY A 15 -4.19 0.57 -11.15
N ASP A 16 -5.52 0.60 -11.19
CA ASP A 16 -6.28 1.75 -11.64
C ASP A 16 -7.37 2.12 -10.63
N ASP A 17 -7.37 1.45 -9.47
CA ASP A 17 -8.41 1.62 -8.46
C ASP A 17 -7.86 1.60 -7.03
N ILE A 18 -6.53 1.61 -6.84
CA ILE A 18 -5.96 1.61 -5.50
C ILE A 18 -4.91 2.70 -5.34
N THR A 19 -4.94 3.35 -4.18
CA THR A 19 -3.97 4.39 -3.82
C THR A 19 -3.62 4.24 -2.33
N ILE A 20 -2.39 4.59 -1.95
CA ILE A 20 -1.90 4.43 -0.60
C ILE A 20 -1.24 5.74 -0.16
N THR A 21 -1.27 6.06 1.14
CA THR A 21 -0.77 7.33 1.65
C THR A 21 -0.06 7.13 2.99
N ILE A 22 0.91 8.00 3.28
CA ILE A 22 1.66 7.98 4.53
C ILE A 22 1.26 9.19 5.37
N LEU A 23 0.26 8.98 6.24
CA LEU A 23 -0.32 10.03 7.05
C LEU A 23 0.67 10.54 8.11
N GLY A 24 1.62 9.70 8.51
CA GLY A 24 2.66 10.10 9.46
C GLY A 24 3.51 8.94 9.95
N VAL A 25 4.49 9.25 10.79
CA VAL A 25 5.42 8.27 11.35
C VAL A 25 5.82 8.69 12.76
N SER A 26 5.97 7.71 13.66
CA SER A 26 6.34 7.95 15.05
C SER A 26 7.10 6.73 15.57
N GLY A 27 8.31 6.93 16.08
CA GLY A 27 9.11 5.83 16.60
C GLY A 27 9.19 4.69 15.60
N GLN A 28 9.08 3.45 16.11
CA GLN A 28 9.12 2.25 15.30
C GLN A 28 7.75 1.98 14.64
N GLN A 29 6.86 2.98 14.66
CA GLN A 29 5.51 2.82 14.13
C GLN A 29 5.26 3.79 12.98
N VAL A 30 4.19 3.52 12.22
CA VAL A 30 3.85 4.24 11.00
C VAL A 30 2.33 4.29 10.86
N ARG A 31 1.81 5.43 10.40
CA ARG A 31 0.38 5.67 10.21
C ARG A 31 0.13 5.87 8.73
N ILE A 32 -0.70 5.01 8.14
CA ILE A 32 -0.92 5.00 6.70
C ILE A 32 -2.40 4.82 6.36
N GLY A 33 -2.76 5.18 5.13
CA GLY A 33 -4.11 5.02 4.64
C GLY A 33 -4.11 4.23 3.34
N ILE A 34 -5.25 3.65 3.00
CA ILE A 34 -5.43 2.80 1.83
C ILE A 34 -6.74 3.22 1.17
N ASN A 35 -6.74 3.33 -0.15
CA ASN A 35 -7.86 3.84 -0.89
C ASN A 35 -8.17 2.91 -2.06
N ALA A 36 -8.66 1.72 -1.69
CA ALA A 36 -9.16 0.71 -2.59
C ALA A 36 -10.68 0.59 -2.35
N PRO A 37 -11.43 0.07 -3.32
CA PRO A 37 -12.86 -0.11 -3.18
C PRO A 37 -13.12 -1.34 -2.33
N LYS A 38 -14.26 -1.40 -1.65
CA LYS A 38 -14.62 -2.58 -0.87
C LYS A 38 -14.98 -3.74 -1.80
N ASP A 39 -14.93 -3.50 -3.10
CA ASP A 39 -15.05 -4.55 -4.11
C ASP A 39 -13.82 -5.46 -4.05
N VAL A 40 -12.76 -5.03 -3.35
CA VAL A 40 -11.60 -5.87 -3.08
C VAL A 40 -11.28 -5.88 -1.59
N ALA A 41 -10.82 -7.03 -1.10
CA ALA A 41 -10.52 -7.22 0.31
C ALA A 41 -9.28 -6.43 0.70
N VAL A 42 -9.25 -5.93 1.93
CA VAL A 42 -8.11 -5.22 2.49
C VAL A 42 -8.02 -5.51 3.98
N HIS A 43 -6.98 -6.23 4.38
CA HIS A 43 -6.70 -6.56 5.78
C HIS A 43 -5.20 -6.70 5.99
N ARG A 44 -4.78 -6.71 7.26
CA ARG A 44 -3.39 -6.95 7.64
C ARG A 44 -3.02 -8.41 7.39
N GLU A 45 -1.74 -8.70 7.14
CA GLU A 45 -1.30 -10.08 6.91
C GLU A 45 -1.48 -10.94 8.15
N GLU A 46 -1.29 -10.33 9.32
CA GLU A 46 -1.44 -10.99 10.61
C GLU A 46 -2.86 -11.50 10.85
N ILE A 47 -3.82 -11.13 9.98
CA ILE A 47 -5.20 -11.54 10.12
C ILE A 47 -5.77 -12.03 8.80
N TYR A 48 -5.25 -11.59 7.65
CA TYR A 48 -5.81 -11.99 6.38
C TYR A 48 -5.68 -13.49 6.19
N GLN A 49 -4.56 -14.05 6.68
CA GLN A 49 -4.27 -15.46 6.56
C GLN A 49 -5.17 -16.28 7.48
N ARG A 50 -5.83 -15.62 8.44
CA ARG A 50 -6.77 -16.28 9.34
C ARG A 50 -8.18 -16.17 8.77
N ILE A 51 -8.45 -15.15 7.96
CA ILE A 51 -9.73 -14.97 7.29
C ILE A 51 -9.84 -16.00 6.18
N GLN A 52 -8.82 -16.06 5.32
CA GLN A 52 -8.81 -16.93 4.16
C GLN A 52 -8.60 -18.39 4.55
N ALA A 53 -8.56 -18.67 5.86
CA ALA A 53 -8.46 -20.02 6.35
C ALA A 53 -9.75 -20.80 6.08
N GLY A 54 -10.86 -20.09 5.81
CA GLY A 54 -12.14 -20.72 5.50
C GLY A 54 -13.32 -20.03 6.19
N LEU A 55 -13.11 -18.80 6.68
CA LEU A 55 -14.09 -18.09 7.47
C LEU A 55 -14.14 -16.61 7.10
N THR A 56 -14.89 -15.82 7.88
CA THR A 56 -14.97 -14.37 7.71
C THR A 56 -14.97 -13.70 9.08
N ALA A 57 -15.05 -12.36 9.10
CA ALA A 57 -14.96 -11.60 10.34
C ALA A 57 -15.88 -12.15 11.43
N PRO A 58 -15.44 -12.10 12.69
CA PRO A 58 -16.11 -12.69 13.85
C PRO A 58 -17.36 -11.93 14.27
N ASP A 59 -17.67 -10.81 13.60
CA ASP A 59 -18.73 -9.94 14.06
C ASP A 59 -19.36 -9.13 12.93
N MET C 1 -11.86 5.57 3.12
CA MET C 1 -10.42 5.26 3.15
C MET C 1 -10.08 4.50 4.43
N LEU C 2 -9.41 3.35 4.32
CA LEU C 2 -9.05 2.54 5.48
C LEU C 2 -7.70 3.02 6.00
N ILE C 3 -7.55 3.17 7.32
CA ILE C 3 -6.30 3.61 7.93
C ILE C 3 -5.79 2.55 8.90
N LEU C 4 -4.47 2.33 8.88
CA LEU C 4 -3.79 1.39 9.75
C LEU C 4 -2.63 2.12 10.43
N THR C 5 -2.14 1.53 11.51
CA THR C 5 -1.02 2.03 12.29
C THR C 5 -0.04 0.88 12.44
N ARG C 6 0.71 0.63 11.37
CA ARG C 6 1.62 -0.49 11.27
C ARG C 6 2.93 -0.17 11.98
N LYS C 7 3.82 -1.16 12.08
CA LYS C 7 5.12 -1.00 12.70
C LYS C 7 6.17 -1.67 11.82
N VAL C 8 7.44 -1.27 11.95
CA VAL C 8 8.51 -1.80 11.11
C VAL C 8 8.48 -3.33 11.13
N GLY C 9 8.42 -3.93 9.93
CA GLY C 9 8.38 -5.38 9.76
C GLY C 9 6.96 -5.88 9.50
N GLU C 10 5.95 -5.03 9.70
CA GLU C 10 4.57 -5.38 9.46
C GLU C 10 4.26 -5.49 7.97
N SER C 11 3.13 -6.09 7.62
CA SER C 11 2.69 -6.21 6.24
C SER C 11 1.17 -6.16 6.18
N ILE C 12 0.64 -5.76 5.01
CA ILE C 12 -0.79 -5.61 4.76
C ILE C 12 -1.09 -6.30 3.43
N ASN C 13 -2.37 -6.56 3.15
CA ASN C 13 -2.77 -7.32 1.97
C ASN C 13 -3.97 -6.67 1.30
N ILE C 14 -4.03 -6.77 -0.03
CA ILE C 14 -5.09 -6.20 -0.85
C ILE C 14 -5.48 -7.18 -1.96
N GLY C 15 -6.77 -7.21 -2.30
CA GLY C 15 -7.25 -8.10 -3.35
C GLY C 15 -6.93 -9.55 -3.04
N ASP C 16 -6.45 -10.27 -4.04
CA ASP C 16 -6.07 -11.67 -3.92
C ASP C 16 -4.68 -11.90 -4.50
N ASP C 17 -3.99 -10.82 -4.92
CA ASP C 17 -2.70 -10.90 -5.57
C ASP C 17 -1.79 -9.74 -5.21
N ILE C 18 -2.12 -8.95 -4.18
CA ILE C 18 -1.31 -7.80 -3.80
C ILE C 18 -1.01 -7.83 -2.30
N THR C 19 0.24 -7.50 -1.95
CA THR C 19 0.68 -7.45 -0.56
C THR C 19 1.67 -6.31 -0.40
N ILE C 20 1.71 -5.69 0.78
CA ILE C 20 2.52 -4.50 1.03
C ILE C 20 3.30 -4.69 2.35
N THR C 21 4.47 -4.07 2.47
CA THR C 21 5.32 -4.23 3.65
C THR C 21 6.02 -2.93 4.01
N ILE C 22 6.39 -2.77 5.29
CA ILE C 22 7.14 -1.63 5.79
C ILE C 22 8.56 -2.10 6.15
N LEU C 23 9.51 -1.85 5.26
CA LEU C 23 10.89 -2.30 5.46
C LEU C 23 11.54 -1.55 6.62
N GLY C 24 11.11 -0.31 6.86
CA GLY C 24 11.61 0.46 7.98
C GLY C 24 11.31 1.96 7.84
N VAL C 25 11.93 2.76 8.71
CA VAL C 25 11.72 4.20 8.73
C VAL C 25 13.06 4.92 8.70
N SER C 26 13.02 6.23 8.41
CA SER C 26 14.21 7.06 8.28
C SER C 26 13.86 8.47 8.71
N GLY C 27 13.44 8.62 9.96
CA GLY C 27 12.98 9.91 10.46
C GLY C 27 11.60 10.22 9.86
N GLN C 28 11.43 11.44 9.35
CA GLN C 28 10.22 11.84 8.67
C GLN C 28 10.03 11.06 7.36
N GLN C 29 11.04 10.27 6.96
CA GLN C 29 10.97 9.46 5.76
C GLN C 29 10.58 8.02 6.11
N VAL C 30 10.20 7.26 5.08
CA VAL C 30 9.63 5.93 5.21
C VAL C 30 10.09 5.06 4.04
N ARG C 31 10.38 3.79 4.32
CA ARG C 31 10.86 2.83 3.32
C ARG C 31 9.89 1.66 3.27
N ILE C 32 9.21 1.51 2.13
CA ILE C 32 8.14 0.55 1.97
C ILE C 32 8.27 -0.19 0.66
N GLY C 33 7.68 -1.38 0.59
CA GLY C 33 7.74 -2.23 -0.59
C GLY C 33 6.35 -2.71 -0.99
N ILE C 34 6.26 -3.23 -2.22
CA ILE C 34 5.01 -3.68 -2.79
C ILE C 34 5.25 -5.03 -3.43
N ASN C 35 4.28 -5.94 -3.31
CA ASN C 35 4.40 -7.30 -3.80
C ASN C 35 3.14 -7.65 -4.59
N ALA C 36 3.09 -7.07 -5.79
CA ALA C 36 2.03 -7.26 -6.77
C ALA C 36 2.65 -7.80 -8.05
N PRO C 37 1.86 -8.45 -8.90
CA PRO C 37 2.35 -9.01 -10.12
C PRO C 37 2.74 -7.88 -11.06
N LYS C 38 3.77 -8.11 -11.89
CA LYS C 38 4.23 -7.12 -12.83
C LYS C 38 3.17 -6.90 -13.93
N ASP C 39 2.07 -7.65 -13.84
CA ASP C 39 0.93 -7.52 -14.72
C ASP C 39 0.03 -6.35 -14.29
N VAL C 40 0.23 -5.79 -13.09
CA VAL C 40 -0.50 -4.59 -12.67
C VAL C 40 0.47 -3.46 -12.39
N ALA C 41 0.02 -2.24 -12.70
CA ALA C 41 0.84 -1.03 -12.57
C ALA C 41 1.09 -0.69 -11.11
N VAL C 42 2.30 -0.18 -10.83
CA VAL C 42 2.70 0.27 -9.50
C VAL C 42 3.69 1.41 -9.67
N HIS C 43 3.34 2.61 -9.20
CA HIS C 43 4.15 3.82 -9.33
C HIS C 43 3.95 4.71 -8.10
N ARG C 44 4.60 5.88 -8.09
CA ARG C 44 4.42 6.84 -7.01
C ARG C 44 3.68 8.10 -7.48
N GLU C 45 3.01 8.80 -6.56
CA GLU C 45 2.09 9.88 -6.91
C GLU C 45 2.74 11.03 -7.67
N GLU C 46 4.05 11.21 -7.52
CA GLU C 46 4.79 12.26 -8.21
C GLU C 46 4.81 12.00 -9.72
N ILE C 47 4.44 10.79 -10.15
CA ILE C 47 4.50 10.39 -11.56
C ILE C 47 3.23 9.67 -11.98
N TYR C 48 2.48 9.05 -11.07
CA TYR C 48 1.32 8.29 -11.48
C TYR C 48 0.30 9.21 -12.15
N GLN C 49 0.25 10.47 -11.69
CA GLN C 49 -0.69 11.46 -12.19
C GLN C 49 -0.27 11.95 -13.58
N ARG C 50 0.96 11.61 -14.00
CA ARG C 50 1.45 11.95 -15.32
C ARG C 50 1.18 10.80 -16.30
N ILE C 51 1.20 9.57 -15.79
CA ILE C 51 0.91 8.37 -16.59
C ILE C 51 -0.58 8.40 -16.96
N GLN C 52 -1.43 8.65 -15.98
CA GLN C 52 -2.88 8.65 -16.16
C GLN C 52 -3.35 9.91 -16.87
N ALA C 53 -2.42 10.76 -17.30
CA ALA C 53 -2.76 11.94 -18.06
C ALA C 53 -3.18 11.58 -19.49
N GLY C 54 -2.87 10.36 -19.94
CA GLY C 54 -3.25 9.89 -21.27
C GLY C 54 -2.06 9.31 -22.02
N LEU C 55 -0.98 8.96 -21.31
CA LEU C 55 0.27 8.53 -21.91
C LEU C 55 0.89 7.36 -21.13
N THR C 56 2.11 6.98 -21.49
CA THR C 56 2.84 5.91 -20.82
C THR C 56 4.32 6.27 -20.74
N ALA C 57 5.11 5.46 -20.02
CA ALA C 57 6.52 5.73 -19.81
C ALA C 57 7.28 5.90 -21.14
N PRO C 58 8.29 6.76 -21.16
CA PRO C 58 9.11 7.04 -22.33
C PRO C 58 10.16 5.96 -22.54
N ASP C 59 10.78 5.97 -23.72
CA ASP C 59 11.86 5.07 -24.08
C ASP C 59 13.13 5.43 -23.32
N MET A 1 10.55 -7.75 -5.53
CA MET A 1 9.84 -6.80 -4.65
C MET A 1 10.19 -5.38 -5.06
N LEU A 2 9.18 -4.52 -5.24
CA LEU A 2 9.41 -3.13 -5.60
C LEU A 2 9.52 -2.31 -4.30
N ILE A 3 10.51 -1.43 -4.21
CA ILE A 3 10.68 -0.55 -3.05
C ILE A 3 10.63 0.89 -3.52
N LEU A 4 10.13 1.77 -2.66
CA LEU A 4 10.02 3.19 -2.95
C LEU A 4 10.30 3.96 -1.66
N THR A 5 10.57 5.26 -1.81
CA THR A 5 10.82 6.13 -0.66
C THR A 5 9.78 7.24 -0.71
N ARG A 6 9.29 7.61 0.48
CA ARG A 6 8.18 8.54 0.62
C ARG A 6 8.40 9.39 1.86
N LYS A 7 7.57 10.43 2.06
CA LYS A 7 7.64 11.27 3.24
C LYS A 7 6.24 11.53 3.76
N VAL A 8 6.13 11.89 5.04
CA VAL A 8 4.84 12.10 5.70
C VAL A 8 3.96 13.05 4.89
N GLY A 9 2.81 12.53 4.44
CA GLY A 9 1.80 13.30 3.73
C GLY A 9 1.73 12.94 2.26
N GLU A 10 2.78 12.30 1.72
CA GLU A 10 2.82 11.91 0.31
C GLU A 10 2.13 10.56 0.09
N SER A 11 2.07 10.12 -1.17
CA SER A 11 1.28 8.95 -1.56
C SER A 11 2.00 8.06 -2.58
N ILE A 12 1.40 6.89 -2.83
CA ILE A 12 1.85 5.86 -3.74
C ILE A 12 0.60 5.34 -4.45
N ASN A 13 0.74 4.63 -5.57
CA ASN A 13 -0.41 4.18 -6.33
C ASN A 13 -0.25 2.75 -6.81
N ILE A 14 -1.40 2.07 -6.98
CA ILE A 14 -1.47 0.67 -7.36
C ILE A 14 -2.64 0.48 -8.32
N GLY A 15 -2.51 -0.50 -9.23
CA GLY A 15 -3.56 -0.85 -10.17
C GLY A 15 -4.06 0.36 -10.95
N ASP A 16 -5.37 0.43 -11.18
CA ASP A 16 -5.99 1.52 -11.92
C ASP A 16 -7.07 2.19 -11.08
N ASP A 17 -7.21 1.78 -9.81
CA ASP A 17 -8.26 2.27 -8.93
C ASP A 17 -7.80 2.31 -7.47
N ILE A 18 -6.50 2.20 -7.18
CA ILE A 18 -6.02 2.16 -5.81
C ILE A 18 -4.92 3.19 -5.57
N THR A 19 -4.90 3.74 -4.35
CA THR A 19 -3.92 4.71 -3.90
C THR A 19 -3.59 4.44 -2.44
N ILE A 20 -2.37 4.76 -2.01
CA ILE A 20 -1.88 4.50 -0.67
C ILE A 20 -1.21 5.77 -0.14
N THR A 21 -1.24 5.99 1.18
CA THR A 21 -0.72 7.22 1.75
C THR A 21 -0.03 6.95 3.08
N ILE A 22 0.97 7.78 3.41
CA ILE A 22 1.72 7.69 4.66
C ILE A 22 1.31 8.90 5.51
N LEU A 23 0.31 8.69 6.37
CA LEU A 23 -0.30 9.77 7.14
C LEU A 23 0.68 10.32 8.18
N GLY A 24 1.65 9.51 8.61
CA GLY A 24 2.66 9.95 9.55
C GLY A 24 3.38 8.79 10.21
N VAL A 25 4.19 9.12 11.22
CA VAL A 25 4.98 8.14 11.95
C VAL A 25 4.90 8.45 13.44
N SER A 26 5.13 7.43 14.27
CA SER A 26 4.96 7.52 15.72
C SER A 26 6.05 6.68 16.39
N GLY A 27 7.31 7.03 16.14
CA GLY A 27 8.43 6.25 16.66
C GLY A 27 8.52 4.96 15.88
N GLN A 28 8.62 3.83 16.58
CA GLN A 28 8.66 2.52 15.96
C GLN A 28 7.30 2.18 15.32
N GLN A 29 6.27 2.99 15.58
CA GLN A 29 4.94 2.77 15.00
C GLN A 29 4.75 3.67 13.78
N VAL A 30 3.78 3.33 12.94
CA VAL A 30 3.50 4.04 11.70
C VAL A 30 1.99 4.12 11.45
N ARG A 31 1.55 5.23 10.82
CA ARG A 31 0.15 5.49 10.48
C ARG A 31 0.05 5.61 8.95
N ILE A 32 -0.69 4.70 8.35
CA ILE A 32 -0.82 4.61 6.90
C ILE A 32 -2.26 4.33 6.51
N GLY A 33 -2.63 4.68 5.28
CA GLY A 33 -3.99 4.50 4.80
C GLY A 33 -4.01 3.89 3.41
N ILE A 34 -5.20 3.47 2.98
CA ILE A 34 -5.42 2.79 1.71
C ILE A 34 -6.71 3.34 1.12
N ASN A 35 -6.68 3.62 -0.18
CA ASN A 35 -7.80 4.24 -0.88
C ASN A 35 -8.14 3.41 -2.12
N ALA A 36 -8.76 2.27 -1.84
CA ALA A 36 -9.24 1.32 -2.82
C ALA A 36 -10.76 1.20 -2.66
N PRO A 37 -11.46 0.74 -3.70
CA PRO A 37 -12.90 0.57 -3.65
C PRO A 37 -13.21 -0.61 -2.74
N LYS A 38 -14.39 -0.61 -2.12
CA LYS A 38 -14.79 -1.72 -1.27
C LYS A 38 -15.11 -2.95 -2.11
N ASP A 39 -15.00 -2.81 -3.43
CA ASP A 39 -15.09 -3.90 -4.37
C ASP A 39 -13.84 -4.79 -4.29
N VAL A 40 -12.78 -4.31 -3.63
CA VAL A 40 -11.60 -5.13 -3.35
C VAL A 40 -11.29 -5.16 -1.86
N ALA A 41 -10.81 -6.32 -1.42
CA ALA A 41 -10.49 -6.57 -0.02
C ALA A 41 -9.26 -5.77 0.41
N VAL A 42 -9.27 -5.29 1.66
CA VAL A 42 -8.16 -4.56 2.25
C VAL A 42 -8.13 -4.86 3.75
N HIS A 43 -7.07 -5.52 4.22
CA HIS A 43 -6.92 -5.92 5.61
C HIS A 43 -5.45 -5.93 6.03
N ARG A 44 -5.22 -6.03 7.35
CA ARG A 44 -3.90 -6.19 7.93
C ARG A 44 -3.36 -7.59 7.65
N GLU A 45 -2.03 -7.76 7.66
CA GLU A 45 -1.45 -9.08 7.44
C GLU A 45 -1.76 -10.01 8.62
N GLU A 46 -2.04 -9.44 9.79
CA GLU A 46 -2.31 -10.17 11.01
C GLU A 46 -3.67 -10.87 10.98
N ILE A 47 -4.52 -10.54 9.99
CA ILE A 47 -5.86 -11.11 9.90
C ILE A 47 -6.17 -11.59 8.49
N TYR A 48 -5.50 -11.07 7.46
CA TYR A 48 -5.81 -11.51 6.12
C TYR A 48 -5.51 -12.99 5.97
N GLN A 49 -4.49 -13.48 6.68
CA GLN A 49 -4.08 -14.86 6.61
C GLN A 49 -5.05 -15.76 7.37
N ARG A 50 -5.92 -15.17 8.19
CA ARG A 50 -6.96 -15.92 8.89
C ARG A 50 -8.25 -15.89 8.09
N ILE A 51 -8.45 -14.85 7.28
CA ILE A 51 -9.61 -14.76 6.39
C ILE A 51 -9.47 -15.78 5.28
N GLN A 52 -8.31 -15.79 4.64
CA GLN A 52 -8.04 -16.67 3.51
C GLN A 52 -7.80 -18.11 3.96
N ALA A 53 -7.98 -18.39 5.26
CA ALA A 53 -7.81 -19.73 5.77
C ALA A 53 -8.97 -20.64 5.33
N GLY A 54 -10.09 -20.06 4.89
CA GLY A 54 -11.24 -20.82 4.41
C GLY A 54 -12.57 -20.25 4.89
N LEU A 55 -12.55 -19.00 5.39
CA LEU A 55 -13.72 -18.36 5.98
C LEU A 55 -13.83 -16.90 5.52
N THR A 56 -14.72 -16.14 6.13
CA THR A 56 -14.90 -14.73 5.83
C THR A 56 -15.13 -13.92 7.11
N ALA A 57 -15.07 -12.59 7.00
CA ALA A 57 -15.22 -11.68 8.12
C ALA A 57 -16.54 -11.91 8.88
N PRO A 58 -16.58 -11.54 10.17
CA PRO A 58 -17.76 -11.63 11.01
C PRO A 58 -18.87 -10.68 10.55
N ASP A 59 -19.94 -10.62 11.34
CA ASP A 59 -21.15 -9.89 11.01
C ASP A 59 -21.65 -9.07 12.21
N MET C 1 -12.06 6.03 3.42
CA MET C 1 -10.65 5.64 3.32
C MET C 1 -10.25 4.81 4.54
N LEU C 2 -9.57 3.68 4.33
CA LEU C 2 -9.24 2.75 5.41
C LEU C 2 -7.82 3.06 5.92
N ILE C 3 -7.65 3.17 7.24
CA ILE C 3 -6.38 3.45 7.89
C ILE C 3 -6.02 2.31 8.81
N LEU C 4 -4.71 2.08 8.99
CA LEU C 4 -4.20 1.06 9.89
C LEU C 4 -2.94 1.58 10.56
N THR C 5 -2.59 0.98 11.70
CA THR C 5 -1.45 1.40 12.49
C THR C 5 -0.63 0.16 12.84
N ARG C 6 0.61 0.11 12.35
CA ARG C 6 1.49 -1.03 12.55
C ARG C 6 2.90 -0.53 12.79
N LYS C 7 3.82 -1.43 13.13
CA LYS C 7 5.19 -1.05 13.41
C LYS C 7 6.09 -1.50 12.28
N VAL C 8 7.27 -0.89 12.17
CA VAL C 8 8.19 -1.21 11.09
C VAL C 8 8.57 -2.69 11.15
N GLY C 9 8.50 -3.38 10.02
CA GLY C 9 8.75 -4.80 9.92
C GLY C 9 7.47 -5.59 9.64
N GLU C 10 6.30 -4.93 9.68
CA GLU C 10 5.02 -5.59 9.44
C GLU C 10 4.51 -5.31 8.02
N SER C 11 3.33 -5.83 7.69
CA SER C 11 2.79 -5.78 6.34
C SER C 11 1.26 -5.55 6.34
N ILE C 12 0.73 -5.27 5.16
CA ILE C 12 -0.68 -5.04 4.89
C ILE C 12 -1.04 -5.84 3.63
N ASN C 13 -2.33 -6.05 3.34
CA ASN C 13 -2.73 -6.87 2.21
C ASN C 13 -3.92 -6.25 1.48
N ILE C 14 -3.95 -6.43 0.15
CA ILE C 14 -5.00 -5.88 -0.71
C ILE C 14 -5.38 -6.90 -1.79
N GLY C 15 -6.63 -6.88 -2.22
CA GLY C 15 -7.12 -7.75 -3.27
C GLY C 15 -6.89 -9.21 -2.92
N ASP C 16 -6.42 -9.99 -3.90
CA ASP C 16 -6.11 -11.40 -3.72
C ASP C 16 -4.72 -11.71 -4.27
N ASP C 17 -3.97 -10.67 -4.68
CA ASP C 17 -2.65 -10.83 -5.28
C ASP C 17 -1.72 -9.68 -4.90
N ILE C 18 -2.07 -8.88 -3.89
CA ILE C 18 -1.26 -7.72 -3.53
C ILE C 18 -0.98 -7.71 -2.02
N THR C 19 0.26 -7.38 -1.66
CA THR C 19 0.69 -7.26 -0.28
C THR C 19 1.71 -6.14 -0.19
N ILE C 20 1.77 -5.45 0.95
CA ILE C 20 2.61 -4.27 1.12
C ILE C 20 3.39 -4.40 2.42
N THR C 21 4.57 -3.79 2.50
CA THR C 21 5.43 -3.91 3.67
C THR C 21 6.09 -2.57 4.00
N ILE C 22 6.34 -2.34 5.30
CA ILE C 22 6.99 -1.14 5.80
C ILE C 22 8.39 -1.52 6.28
N LEU C 23 9.39 -1.23 5.46
CA LEU C 23 10.76 -1.63 5.75
C LEU C 23 11.30 -0.87 6.97
N GLY C 24 10.91 0.40 7.11
CA GLY C 24 11.20 1.14 8.33
C GLY C 24 11.22 2.65 8.15
N VAL C 25 11.44 3.35 9.26
CA VAL C 25 11.46 4.81 9.32
C VAL C 25 12.76 5.36 8.74
N SER C 26 12.74 6.65 8.39
CA SER C 26 13.90 7.38 7.89
C SER C 26 13.76 8.84 8.29
N GLY C 27 13.38 9.10 9.55
CA GLY C 27 13.08 10.45 9.99
C GLY C 27 11.71 10.86 9.47
N GLN C 28 11.59 12.07 8.93
CA GLN C 28 10.36 12.50 8.29
C GLN C 28 10.14 11.72 6.98
N GLN C 29 11.13 10.93 6.58
CA GLN C 29 11.03 10.07 5.41
C GLN C 29 10.69 8.64 5.83
N VAL C 30 10.30 7.82 4.86
CA VAL C 30 9.89 6.44 5.09
C VAL C 30 10.32 5.56 3.92
N ARG C 31 10.60 4.28 4.22
CA ARG C 31 11.00 3.28 3.23
C ARG C 31 9.98 2.15 3.27
N ILE C 32 9.34 1.90 2.13
CA ILE C 32 8.26 0.93 1.99
C ILE C 32 8.45 0.09 0.73
N GLY C 33 7.86 -1.11 0.72
CA GLY C 33 7.95 -2.02 -0.41
C GLY C 33 6.60 -2.60 -0.77
N ILE C 34 6.51 -3.22 -1.94
CA ILE C 34 5.28 -3.75 -2.50
C ILE C 34 5.54 -5.15 -3.03
N ASN C 35 4.54 -6.03 -2.87
CA ASN C 35 4.60 -7.42 -3.28
C ASN C 35 3.38 -7.73 -4.15
N ALA C 36 3.45 -7.27 -5.40
CA ALA C 36 2.42 -7.46 -6.41
C ALA C 36 3.09 -7.88 -7.70
N PRO C 37 2.36 -8.55 -8.61
CA PRO C 37 2.88 -8.94 -9.90
C PRO C 37 2.93 -7.73 -10.81
N LYS C 38 3.81 -7.74 -11.81
CA LYS C 38 3.85 -6.66 -12.79
C LYS C 38 2.62 -6.68 -13.68
N ASP C 39 1.73 -7.64 -13.45
CA ASP C 39 0.42 -7.69 -14.09
C ASP C 39 -0.47 -6.58 -13.54
N VAL C 40 -0.06 -5.93 -12.45
CA VAL C 40 -0.71 -4.73 -11.95
C VAL C 40 0.29 -3.61 -11.77
N ALA C 41 -0.15 -2.39 -12.05
CA ALA C 41 0.70 -1.21 -12.02
C ALA C 41 1.07 -0.84 -10.59
N VAL C 42 2.31 -0.38 -10.39
CA VAL C 42 2.80 0.09 -9.11
C VAL C 42 3.79 1.22 -9.38
N HIS C 43 3.42 2.44 -8.98
CA HIS C 43 4.19 3.66 -9.24
C HIS C 43 4.03 4.64 -8.09
N ARG C 44 4.68 5.82 -8.18
CA ARG C 44 4.56 6.83 -7.13
C ARG C 44 3.72 8.00 -7.59
N GLU C 45 3.07 8.71 -6.67
CA GLU C 45 2.10 9.74 -7.00
C GLU C 45 2.66 10.88 -7.85
N GLU C 46 3.99 11.11 -7.79
CA GLU C 46 4.65 12.13 -8.58
C GLU C 46 4.58 11.81 -10.07
N ILE C 47 4.26 10.56 -10.40
CA ILE C 47 4.28 10.08 -11.78
C ILE C 47 3.00 9.32 -12.12
N TYR C 48 2.33 8.71 -11.16
CA TYR C 48 1.16 7.91 -11.46
C TYR C 48 0.06 8.78 -12.08
N GLN C 49 -0.01 10.04 -11.66
CA GLN C 49 -1.00 10.98 -12.15
C GLN C 49 -0.69 11.40 -13.59
N ARG C 50 0.51 11.08 -14.06
CA ARG C 50 0.92 11.36 -15.44
C ARG C 50 0.66 10.12 -16.31
N ILE C 51 0.73 8.93 -15.72
CA ILE C 51 0.43 7.68 -16.42
C ILE C 51 -1.06 7.63 -16.71
N GLN C 52 -1.87 7.92 -15.69
CA GLN C 52 -3.31 7.87 -15.79
C GLN C 52 -3.86 9.06 -16.57
N ALA C 53 -2.96 9.90 -17.12
CA ALA C 53 -3.37 11.03 -17.92
C ALA C 53 -3.83 10.57 -19.32
N GLY C 54 -3.49 9.35 -19.72
CA GLY C 54 -3.89 8.81 -21.01
C GLY C 54 -2.73 8.16 -21.76
N LEU C 55 -1.65 7.82 -21.03
CA LEU C 55 -0.42 7.30 -21.62
C LEU C 55 0.16 6.18 -20.76
N THR C 56 1.37 5.71 -21.09
CA THR C 56 2.02 4.64 -20.35
C THR C 56 3.52 4.91 -20.19
N ALA C 57 4.19 4.09 -19.39
CA ALA C 57 5.61 4.21 -19.11
C ALA C 57 6.46 4.15 -20.38
N PRO C 58 7.65 4.75 -20.35
CA PRO C 58 8.61 4.74 -21.44
C PRO C 58 9.27 3.36 -21.57
N ASP C 59 10.38 3.32 -22.32
CA ASP C 59 11.08 2.10 -22.64
C ASP C 59 12.59 2.31 -22.45
N MET A 1 9.93 -7.54 -5.54
CA MET A 1 9.26 -6.52 -4.70
C MET A 1 9.73 -5.13 -5.11
N LEU A 2 8.79 -4.23 -5.45
CA LEU A 2 9.14 -2.86 -5.76
C LEU A 2 9.29 -2.10 -4.45
N ILE A 3 10.29 -1.23 -4.33
CA ILE A 3 10.47 -0.37 -3.17
C ILE A 3 10.43 1.08 -3.64
N LEU A 4 9.76 1.93 -2.87
CA LEU A 4 9.60 3.34 -3.17
C LEU A 4 9.81 4.12 -1.87
N THR A 5 10.06 5.43 -1.99
CA THR A 5 10.37 6.27 -0.84
C THR A 5 9.46 7.48 -0.84
N ARG A 6 8.94 7.82 0.34
CA ARG A 6 7.94 8.87 0.53
C ARG A 6 8.18 9.55 1.87
N LYS A 7 7.39 10.59 2.14
CA LYS A 7 7.42 11.28 3.42
C LYS A 7 6.01 11.41 3.96
N VAL A 8 5.88 11.70 5.26
CA VAL A 8 4.60 11.91 5.89
C VAL A 8 3.80 12.93 5.09
N GLY A 9 2.68 12.49 4.51
CA GLY A 9 1.80 13.37 3.75
C GLY A 9 1.84 13.11 2.25
N GLU A 10 2.43 11.98 1.83
CA GLU A 10 2.55 11.64 0.41
C GLU A 10 1.91 10.28 0.14
N SER A 11 1.86 9.88 -1.13
CA SER A 11 1.10 8.72 -1.56
C SER A 11 1.82 7.88 -2.60
N ILE A 12 1.24 6.70 -2.89
CA ILE A 12 1.70 5.72 -3.86
C ILE A 12 0.45 5.20 -4.55
N ASN A 13 0.60 4.57 -5.73
CA ASN A 13 -0.55 4.14 -6.50
C ASN A 13 -0.34 2.72 -7.02
N ILE A 14 -1.44 1.98 -7.19
CA ILE A 14 -1.42 0.60 -7.64
C ILE A 14 -2.65 0.33 -8.53
N GLY A 15 -2.49 -0.58 -9.50
CA GLY A 15 -3.56 -0.94 -10.40
C GLY A 15 -4.13 0.28 -11.10
N ASP A 16 -5.45 0.36 -11.21
CA ASP A 16 -6.17 1.48 -11.81
C ASP A 16 -7.29 1.98 -10.88
N ASP A 17 -7.37 1.43 -9.67
CA ASP A 17 -8.39 1.80 -8.70
C ASP A 17 -7.86 1.78 -7.26
N ILE A 18 -6.53 1.71 -7.06
CA ILE A 18 -5.97 1.64 -5.72
C ILE A 18 -4.93 2.73 -5.50
N THR A 19 -4.94 3.32 -4.30
CA THR A 19 -3.99 4.36 -3.89
C THR A 19 -3.68 4.15 -2.42
N ILE A 20 -2.45 4.49 -2.01
CA ILE A 20 -1.97 4.26 -0.65
C ILE A 20 -1.31 5.54 -0.14
N THR A 21 -1.34 5.78 1.16
CA THR A 21 -0.82 7.03 1.73
C THR A 21 -0.13 6.77 3.07
N ILE A 22 0.84 7.63 3.40
CA ILE A 22 1.56 7.59 4.67
C ILE A 22 1.09 8.80 5.49
N LEU A 23 0.14 8.55 6.38
CA LEU A 23 -0.54 9.62 7.11
C LEU A 23 0.35 10.19 8.21
N GLY A 24 1.31 9.39 8.70
CA GLY A 24 2.27 9.85 9.67
C GLY A 24 3.04 8.69 10.30
N VAL A 25 3.90 9.00 11.27
CA VAL A 25 4.79 8.03 11.89
C VAL A 25 4.94 8.31 13.39
N SER A 26 5.33 7.28 14.13
CA SER A 26 5.48 7.33 15.58
C SER A 26 6.64 6.42 15.98
N GLY A 27 7.84 6.71 15.47
CA GLY A 27 9.03 5.94 15.79
C GLY A 27 8.95 4.54 15.18
N GLN A 28 8.97 3.53 16.04
CA GLN A 28 8.92 2.13 15.61
C GLN A 28 7.54 1.76 15.06
N GLN A 29 6.56 2.67 15.13
CA GLN A 29 5.22 2.42 14.61
C GLN A 29 4.84 3.47 13.59
N VAL A 30 3.80 3.19 12.81
CA VAL A 30 3.39 4.03 11.68
C VAL A 30 1.89 4.00 11.49
N ARG A 31 1.31 5.08 10.93
CA ARG A 31 -0.08 5.08 10.49
C ARG A 31 -0.11 5.34 8.99
N ILE A 32 -0.73 4.40 8.28
CA ILE A 32 -0.85 4.40 6.83
C ILE A 32 -2.30 4.15 6.45
N GLY A 33 -2.70 4.59 5.26
CA GLY A 33 -4.07 4.44 4.81
C GLY A 33 -4.11 3.82 3.43
N ILE A 34 -5.30 3.34 3.05
CA ILE A 34 -5.52 2.66 1.78
C ILE A 34 -6.79 3.24 1.18
N ASN A 35 -6.78 3.43 -0.14
CA ASN A 35 -7.87 4.02 -0.86
C ASN A 35 -8.19 3.17 -2.08
N ALA A 36 -8.81 2.04 -1.80
CA ALA A 36 -9.28 1.05 -2.76
C ALA A 36 -10.80 0.95 -2.62
N PRO A 37 -11.49 0.44 -3.64
CA PRO A 37 -12.93 0.33 -3.61
C PRO A 37 -13.30 -0.70 -2.56
N LYS A 38 -14.46 -0.51 -1.92
CA LYS A 38 -14.92 -1.43 -0.89
C LYS A 38 -15.34 -2.77 -1.52
N ASP A 39 -15.22 -2.84 -2.85
CA ASP A 39 -15.45 -4.05 -3.62
C ASP A 39 -14.23 -4.98 -3.56
N VAL A 40 -13.07 -4.49 -3.10
CA VAL A 40 -11.91 -5.35 -2.89
C VAL A 40 -11.51 -5.36 -1.42
N ALA A 41 -11.04 -6.51 -0.95
CA ALA A 41 -10.68 -6.74 0.43
C ALA A 41 -9.42 -5.96 0.81
N VAL A 42 -9.38 -5.47 2.05
CA VAL A 42 -8.24 -4.76 2.60
C VAL A 42 -8.18 -5.05 4.10
N HIS A 43 -7.07 -5.68 4.55
CA HIS A 43 -6.88 -6.06 5.95
C HIS A 43 -5.40 -5.98 6.30
N ARG A 44 -5.03 -6.38 7.53
CA ARG A 44 -3.63 -6.40 7.96
C ARG A 44 -3.14 -7.82 8.19
N GLU A 45 -1.82 -8.03 8.08
CA GLU A 45 -1.22 -9.36 8.07
C GLU A 45 -1.46 -10.16 9.35
N GLU A 46 -1.73 -9.48 10.47
CA GLU A 46 -2.01 -10.13 11.74
C GLU A 46 -3.34 -10.89 11.68
N ILE A 47 -4.15 -10.64 10.63
CA ILE A 47 -5.46 -11.26 10.51
C ILE A 47 -5.70 -11.78 9.09
N TYR A 48 -5.03 -11.24 8.08
CA TYR A 48 -5.32 -11.68 6.72
C TYR A 48 -5.01 -13.17 6.56
N GLN A 49 -4.01 -13.65 7.30
CA GLN A 49 -3.59 -15.03 7.24
C GLN A 49 -4.60 -15.93 7.94
N ARG A 50 -5.52 -15.34 8.71
CA ARG A 50 -6.60 -16.08 9.35
C ARG A 50 -7.85 -16.06 8.47
N ILE A 51 -8.01 -15.01 7.65
CA ILE A 51 -9.12 -14.91 6.73
C ILE A 51 -8.95 -15.94 5.62
N GLN A 52 -7.77 -15.95 5.00
CA GLN A 52 -7.48 -16.81 3.87
C GLN A 52 -7.28 -18.26 4.30
N ALA A 53 -7.51 -18.55 5.58
CA ALA A 53 -7.40 -19.91 6.09
C ALA A 53 -8.57 -20.78 5.61
N GLY A 54 -9.66 -20.16 5.13
CA GLY A 54 -10.80 -20.88 4.62
C GLY A 54 -12.14 -20.29 5.08
N LEU A 55 -12.12 -19.05 5.59
CA LEU A 55 -13.29 -18.40 6.15
C LEU A 55 -13.36 -16.94 5.73
N THR A 56 -14.30 -16.18 6.32
CA THR A 56 -14.46 -14.76 6.04
C THR A 56 -14.73 -14.01 7.34
N ALA A 57 -14.75 -12.66 7.27
CA ALA A 57 -14.93 -11.80 8.43
C ALA A 57 -16.21 -12.15 9.20
N PRO A 58 -16.19 -11.94 10.52
CA PRO A 58 -17.33 -12.18 11.41
C PRO A 58 -18.38 -11.08 11.27
N ASP A 59 -19.34 -11.08 12.19
CA ASP A 59 -20.45 -10.16 12.19
C ASP A 59 -20.67 -9.55 13.60
N MET C 1 -12.06 5.93 3.35
CA MET C 1 -10.66 5.50 3.34
C MET C 1 -10.36 4.66 4.57
N LEU C 2 -9.72 3.50 4.38
CA LEU C 2 -9.40 2.59 5.47
C LEU C 2 -7.99 2.93 5.98
N ILE C 3 -7.79 2.99 7.30
CA ILE C 3 -6.50 3.24 7.91
C ILE C 3 -6.11 2.07 8.80
N LEU C 4 -4.82 1.76 8.79
CA LEU C 4 -4.22 0.75 9.64
C LEU C 4 -3.04 1.38 10.37
N THR C 5 -2.53 0.66 11.36
CA THR C 5 -1.35 1.06 12.11
C THR C 5 -0.41 -0.14 12.07
N ARG C 6 0.86 0.12 11.79
CA ARG C 6 1.81 -0.94 11.51
C ARG C 6 3.13 -0.59 12.17
N LYS C 7 4.08 -1.53 12.19
CA LYS C 7 5.38 -1.29 12.80
C LYS C 7 6.45 -1.73 11.82
N VAL C 8 7.62 -1.08 11.85
CA VAL C 8 8.63 -1.33 10.84
C VAL C 8 9.09 -2.79 10.87
N GLY C 9 8.82 -3.50 9.77
CA GLY C 9 9.13 -4.92 9.64
C GLY C 9 7.87 -5.77 9.44
N GLU C 10 6.70 -5.15 9.25
CA GLU C 10 5.43 -5.85 9.09
C GLU C 10 4.78 -5.48 7.76
N SER C 11 3.57 -5.98 7.51
CA SER C 11 2.91 -5.81 6.22
C SER C 11 1.40 -5.65 6.30
N ILE C 12 0.80 -5.34 5.14
CA ILE C 12 -0.61 -5.08 4.94
C ILE C 12 -1.01 -5.81 3.65
N ASN C 13 -2.31 -6.03 3.40
CA ASN C 13 -2.73 -6.81 2.25
C ASN C 13 -3.98 -6.22 1.58
N ILE C 14 -4.09 -6.40 0.26
CA ILE C 14 -5.19 -5.89 -0.54
C ILE C 14 -5.58 -6.91 -1.61
N GLY C 15 -6.86 -6.95 -1.96
CA GLY C 15 -7.37 -7.86 -2.99
C GLY C 15 -7.03 -9.30 -2.65
N ASP C 16 -6.58 -10.05 -3.66
CA ASP C 16 -6.18 -11.44 -3.51
C ASP C 16 -4.80 -11.66 -4.14
N ASP C 17 -4.15 -10.59 -4.61
CA ASP C 17 -2.88 -10.65 -5.32
C ASP C 17 -1.98 -9.47 -4.99
N ILE C 18 -2.29 -8.68 -3.96
CA ILE C 18 -1.48 -7.52 -3.61
C ILE C 18 -1.16 -7.53 -2.11
N THR C 19 0.09 -7.20 -1.78
CA THR C 19 0.55 -7.11 -0.40
C THR C 19 1.56 -5.97 -0.31
N ILE C 20 1.64 -5.31 0.84
CA ILE C 20 2.45 -4.11 1.02
C ILE C 20 3.28 -4.27 2.29
N THR C 21 4.48 -3.66 2.34
CA THR C 21 5.38 -3.85 3.46
C THR C 21 6.03 -2.52 3.86
N ILE C 22 6.30 -2.35 5.14
CA ILE C 22 6.96 -1.18 5.69
C ILE C 22 8.37 -1.56 6.13
N LEU C 23 9.36 -1.26 5.27
CA LEU C 23 10.74 -1.64 5.53
C LEU C 23 11.31 -0.85 6.69
N GLY C 24 10.84 0.39 6.87
CA GLY C 24 11.20 1.19 8.04
C GLY C 24 11.09 2.69 7.79
N VAL C 25 11.65 3.47 8.72
CA VAL C 25 11.53 4.91 8.76
C VAL C 25 12.90 5.56 8.71
N SER C 26 12.94 6.81 8.25
CA SER C 26 14.17 7.58 8.09
C SER C 26 13.85 9.05 8.38
N GLY C 27 13.45 9.34 9.63
CA GLY C 27 13.04 10.68 10.00
C GLY C 27 11.67 10.97 9.42
N GLN C 28 11.51 12.15 8.80
CA GLN C 28 10.28 12.53 8.14
C GLN C 28 10.03 11.66 6.90
N GLN C 29 11.03 10.88 6.47
CA GLN C 29 10.89 10.01 5.31
C GLN C 29 10.61 8.57 5.73
N VAL C 30 10.18 7.76 4.77
CA VAL C 30 9.77 6.39 4.98
C VAL C 30 10.18 5.52 3.79
N ARG C 31 10.46 4.24 4.05
CA ARG C 31 10.83 3.25 3.05
C ARG C 31 9.80 2.13 3.08
N ILE C 32 9.13 1.91 1.96
CA ILE C 32 8.05 0.94 1.83
C ILE C 32 8.19 0.14 0.54
N GLY C 33 7.57 -1.03 0.49
CA GLY C 33 7.64 -1.90 -0.68
C GLY C 33 6.27 -2.46 -1.02
N ILE C 34 6.15 -3.00 -2.24
CA ILE C 34 4.89 -3.50 -2.77
C ILE C 34 5.11 -4.87 -3.39
N ASN C 35 4.13 -5.75 -3.23
CA ASN C 35 4.19 -7.13 -3.70
C ASN C 35 2.96 -7.43 -4.55
N ALA C 36 2.97 -6.92 -5.79
CA ALA C 36 1.93 -7.17 -6.76
C ALA C 36 2.59 -7.70 -8.04
N PRO C 37 1.86 -8.44 -8.87
CA PRO C 37 2.38 -8.93 -10.12
C PRO C 37 2.45 -7.77 -11.11
N LYS C 38 3.38 -7.83 -12.07
CA LYS C 38 3.50 -6.78 -13.07
C LYS C 38 2.30 -6.77 -14.01
N ASP C 39 1.35 -7.68 -13.81
CA ASP C 39 0.07 -7.66 -14.48
C ASP C 39 -0.75 -6.47 -13.98
N VAL C 40 -0.33 -5.87 -12.85
CA VAL C 40 -0.90 -4.64 -12.34
C VAL C 40 0.23 -3.67 -12.02
N ALA C 41 -0.02 -2.38 -12.23
CA ALA C 41 0.99 -1.35 -12.10
C ALA C 41 1.17 -0.90 -10.66
N VAL C 42 2.35 -0.37 -10.35
CA VAL C 42 2.63 0.33 -9.10
C VAL C 42 3.74 1.35 -9.37
N HIS C 43 3.46 2.61 -9.01
CA HIS C 43 4.37 3.73 -9.20
C HIS C 43 4.17 4.77 -8.09
N ARG C 44 5.12 5.71 -8.00
CA ARG C 44 5.05 6.86 -7.09
C ARG C 44 3.90 7.77 -7.52
N GLU C 45 3.30 8.50 -6.57
CA GLU C 45 2.21 9.40 -6.91
C GLU C 45 2.68 10.57 -7.78
N GLU C 46 3.97 10.90 -7.70
CA GLU C 46 4.56 12.02 -8.44
C GLU C 46 4.66 11.71 -9.94
N ILE C 47 4.41 10.45 -10.34
CA ILE C 47 4.52 10.03 -11.73
C ILE C 47 3.30 9.20 -12.14
N TYR C 48 2.58 8.59 -11.20
CA TYR C 48 1.44 7.79 -11.59
C TYR C 48 0.39 8.65 -12.28
N GLN C 49 0.28 9.91 -11.82
CA GLN C 49 -0.71 10.84 -12.34
C GLN C 49 -0.32 11.34 -13.73
N ARG C 50 0.93 11.09 -14.15
CA ARG C 50 1.39 11.44 -15.48
C ARG C 50 1.22 10.26 -16.43
N ILE C 51 1.29 9.02 -15.90
CA ILE C 51 1.05 7.81 -16.67
C ILE C 51 -0.42 7.74 -17.04
N GLN C 52 -1.28 7.95 -16.05
CA GLN C 52 -2.73 7.86 -16.23
C GLN C 52 -3.27 9.08 -16.96
N ALA C 53 -2.39 9.98 -17.40
CA ALA C 53 -2.81 11.14 -18.18
C ALA C 53 -3.25 10.74 -19.59
N GLY C 54 -2.84 9.55 -20.05
CA GLY C 54 -3.18 9.06 -21.38
C GLY C 54 -1.96 8.57 -22.14
N LEU C 55 -0.86 8.29 -21.42
CA LEU C 55 0.42 7.93 -22.02
C LEU C 55 1.10 6.81 -21.24
N THR C 56 2.34 6.50 -21.59
CA THR C 56 3.14 5.49 -20.90
C THR C 56 4.58 5.95 -20.80
N ALA C 57 5.37 5.25 -19.97
CA ALA C 57 6.75 5.62 -19.70
C ALA C 57 7.60 5.62 -20.97
N PRO C 58 8.65 6.46 -21.01
CA PRO C 58 9.60 6.54 -22.11
C PRO C 58 10.59 5.38 -22.05
N ASP C 59 11.31 5.20 -23.14
CA ASP C 59 12.37 4.20 -23.25
C ASP C 59 13.55 4.58 -22.35
N MET A 1 9.82 -7.48 -5.88
CA MET A 1 9.16 -6.54 -4.95
C MET A 1 9.62 -5.13 -5.22
N LEU A 2 8.69 -4.18 -5.42
CA LEU A 2 9.04 -2.81 -5.77
C LEU A 2 9.11 -2.00 -4.46
N ILE A 3 10.12 -1.14 -4.31
CA ILE A 3 10.29 -0.29 -3.14
C ILE A 3 10.28 1.16 -3.56
N LEU A 4 9.64 2.00 -2.74
CA LEU A 4 9.53 3.44 -2.93
C LEU A 4 9.97 4.15 -1.66
N THR A 5 10.18 5.46 -1.79
CA THR A 5 10.51 6.33 -0.68
C THR A 5 9.52 7.49 -0.75
N ARG A 6 8.96 7.85 0.41
CA ARG A 6 7.86 8.80 0.49
C ARG A 6 8.03 9.63 1.75
N LYS A 7 7.19 10.65 1.93
CA LYS A 7 7.21 11.47 3.14
C LYS A 7 5.79 11.69 3.65
N VAL A 8 5.68 12.04 4.93
CA VAL A 8 4.40 12.29 5.58
C VAL A 8 3.60 13.31 4.78
N GLY A 9 2.45 12.89 4.24
CA GLY A 9 1.57 13.78 3.50
C GLY A 9 1.56 13.51 2.01
N GLU A 10 2.19 12.42 1.57
CA GLU A 10 2.26 12.05 0.16
C GLU A 10 1.64 10.68 -0.06
N SER A 11 1.58 10.23 -1.33
CA SER A 11 0.84 9.02 -1.68
C SER A 11 1.51 8.24 -2.82
N ILE A 12 1.03 7.02 -3.05
CA ILE A 12 1.49 6.07 -4.06
C ILE A 12 0.26 5.45 -4.72
N ASN A 13 0.43 4.77 -5.87
CA ASN A 13 -0.71 4.27 -6.63
C ASN A 13 -0.48 2.82 -7.09
N ILE A 14 -1.57 2.06 -7.21
CA ILE A 14 -1.54 0.66 -7.63
C ILE A 14 -2.76 0.36 -8.51
N GLY A 15 -2.59 -0.54 -9.47
CA GLY A 15 -3.68 -0.94 -10.35
C GLY A 15 -4.25 0.26 -11.10
N ASP A 16 -5.57 0.33 -11.16
CA ASP A 16 -6.27 1.43 -11.82
C ASP A 16 -7.35 2.01 -10.90
N ASP A 17 -7.41 1.54 -9.66
CA ASP A 17 -8.45 1.94 -8.71
C ASP A 17 -7.93 2.01 -7.28
N ILE A 18 -6.64 1.80 -7.03
CA ILE A 18 -6.10 1.80 -5.68
C ILE A 18 -5.08 2.93 -5.50
N THR A 19 -5.11 3.56 -4.33
CA THR A 19 -4.13 4.57 -3.95
C THR A 19 -3.79 4.37 -2.49
N ILE A 20 -2.55 4.70 -2.10
CA ILE A 20 -2.05 4.48 -0.74
C ILE A 20 -1.45 5.77 -0.21
N THR A 21 -1.50 6.00 1.10
CA THR A 21 -1.07 7.26 1.69
C THR A 21 -0.31 7.04 2.99
N ILE A 22 0.64 7.95 3.28
CA ILE A 22 1.42 7.94 4.51
C ILE A 22 0.97 9.13 5.36
N LEU A 23 0.05 8.87 6.28
CA LEU A 23 -0.61 9.90 7.07
C LEU A 23 0.34 10.50 8.11
N GLY A 24 1.37 9.74 8.51
CA GLY A 24 2.35 10.24 9.47
C GLY A 24 3.22 9.13 10.06
N VAL A 25 4.07 9.51 11.01
CA VAL A 25 4.99 8.60 11.67
C VAL A 25 4.89 8.79 13.18
N SER A 26 5.31 7.76 13.92
CA SER A 26 5.23 7.73 15.37
C SER A 26 6.40 6.92 15.91
N GLY A 27 7.62 7.29 15.51
CA GLY A 27 8.81 6.55 15.90
C GLY A 27 8.87 5.24 15.11
N GLN A 28 9.03 4.12 15.82
CA GLN A 28 9.03 2.81 15.19
C GLN A 28 7.62 2.44 14.69
N GLN A 29 6.61 3.24 15.06
CA GLN A 29 5.26 3.01 14.56
C GLN A 29 4.99 3.94 13.39
N VAL A 30 3.95 3.62 12.61
CA VAL A 30 3.60 4.33 11.39
C VAL A 30 2.08 4.37 11.22
N ARG A 31 1.56 5.46 10.66
CA ARG A 31 0.14 5.65 10.38
C ARG A 31 -0.03 5.78 8.88
N ILE A 32 -0.77 4.84 8.28
CA ILE A 32 -0.92 4.76 6.83
C ILE A 32 -2.38 4.44 6.48
N GLY A 33 -2.77 4.80 5.26
CA GLY A 33 -4.13 4.59 4.80
C GLY A 33 -4.13 3.90 3.44
N ILE A 34 -5.29 3.38 3.07
CA ILE A 34 -5.48 2.63 1.84
C ILE A 34 -6.76 3.15 1.19
N ASN A 35 -6.73 3.31 -0.13
CA ASN A 35 -7.82 3.88 -0.89
C ASN A 35 -8.10 3.01 -2.12
N ALA A 36 -8.25 1.71 -1.86
CA ALA A 36 -8.74 0.72 -2.81
C ALA A 36 -10.26 0.77 -2.74
N PRO A 37 -10.95 0.28 -3.79
CA PRO A 37 -12.40 0.29 -3.80
C PRO A 37 -12.90 -0.70 -2.76
N LYS A 38 -14.07 -0.43 -2.18
CA LYS A 38 -14.63 -1.32 -1.18
C LYS A 38 -15.07 -2.63 -1.82
N ASP A 39 -14.91 -2.72 -3.13
CA ASP A 39 -15.15 -3.94 -3.90
C ASP A 39 -13.99 -4.92 -3.78
N VAL A 40 -12.85 -4.51 -3.21
CA VAL A 40 -11.75 -5.42 -2.93
C VAL A 40 -11.40 -5.40 -1.45
N ALA A 41 -10.99 -6.56 -0.95
CA ALA A 41 -10.63 -6.76 0.44
C ALA A 41 -9.39 -5.97 0.82
N VAL A 42 -9.36 -5.46 2.06
CA VAL A 42 -8.22 -4.74 2.61
C VAL A 42 -8.19 -5.00 4.11
N HIS A 43 -7.12 -5.64 4.61
CA HIS A 43 -6.98 -5.98 6.01
C HIS A 43 -5.52 -5.93 6.46
N ARG A 44 -5.30 -5.97 7.77
CA ARG A 44 -4.00 -6.05 8.42
C ARG A 44 -3.40 -7.45 8.21
N GLU A 45 -2.07 -7.59 8.29
CA GLU A 45 -1.45 -8.87 7.98
C GLU A 45 -1.64 -9.92 9.07
N GLU A 46 -1.85 -9.52 10.33
CA GLU A 46 -2.03 -10.48 11.42
C GLU A 46 -3.46 -11.01 11.46
N ILE A 47 -4.31 -10.63 10.50
CA ILE A 47 -5.68 -11.12 10.43
C ILE A 47 -6.00 -11.57 9.01
N TYR A 48 -5.36 -11.03 7.98
CA TYR A 48 -5.68 -11.46 6.63
C TYR A 48 -5.38 -12.94 6.46
N GLN A 49 -4.32 -13.41 7.13
CA GLN A 49 -3.88 -14.79 7.05
C GLN A 49 -4.84 -15.72 7.79
N ARG A 50 -5.72 -15.16 8.64
CA ARG A 50 -6.72 -15.94 9.33
C ARG A 50 -8.04 -15.94 8.54
N ILE A 51 -8.26 -14.91 7.73
CA ILE A 51 -9.42 -14.83 6.86
C ILE A 51 -9.25 -15.84 5.73
N GLN A 52 -8.12 -15.79 5.05
CA GLN A 52 -7.84 -16.63 3.90
C GLN A 52 -7.58 -18.07 4.31
N ALA A 53 -7.74 -18.38 5.60
CA ALA A 53 -7.59 -19.74 6.09
C ALA A 53 -8.75 -20.62 5.61
N GLY A 54 -9.86 -20.01 5.17
CA GLY A 54 -10.99 -20.75 4.65
C GLY A 54 -12.33 -20.16 5.12
N LEU A 55 -12.32 -18.93 5.66
CA LEU A 55 -13.48 -18.31 6.26
C LEU A 55 -13.57 -16.83 5.89
N THR A 56 -14.48 -16.09 6.53
CA THR A 56 -14.64 -14.66 6.32
C THR A 56 -14.88 -13.96 7.66
N ALA A 57 -14.96 -12.62 7.63
CA ALA A 57 -15.15 -11.82 8.83
C ALA A 57 -16.35 -12.32 9.65
N PRO A 58 -16.31 -12.15 10.98
CA PRO A 58 -17.34 -12.61 11.89
C PRO A 58 -18.64 -11.83 11.71
N ASP A 59 -18.57 -10.59 11.22
CA ASP A 59 -19.75 -9.77 11.07
C ASP A 59 -19.47 -8.56 10.17
N MET C 1 -12.11 6.04 3.39
CA MET C 1 -10.72 5.55 3.33
C MET C 1 -10.40 4.71 4.55
N LEU C 2 -9.74 3.56 4.36
CA LEU C 2 -9.39 2.67 5.46
C LEU C 2 -7.99 3.02 5.97
N ILE C 3 -7.82 3.15 7.28
CA ILE C 3 -6.54 3.47 7.90
C ILE C 3 -6.15 2.35 8.84
N LEU C 4 -4.85 2.13 8.99
CA LEU C 4 -4.29 1.14 9.88
C LEU C 4 -3.00 1.68 10.48
N THR C 5 -2.50 1.01 11.51
CA THR C 5 -1.26 1.37 12.17
C THR C 5 -0.34 0.17 12.10
N ARG C 6 0.95 0.44 11.87
CA ARG C 6 1.92 -0.58 11.55
C ARG C 6 3.26 -0.19 12.17
N LYS C 7 4.25 -1.09 12.12
CA LYS C 7 5.58 -0.79 12.62
C LYS C 7 6.63 -1.32 11.65
N VAL C 8 7.84 -0.79 11.74
CA VAL C 8 8.95 -1.19 10.89
C VAL C 8 9.13 -2.70 10.90
N GLY C 9 8.91 -3.35 9.76
CA GLY C 9 9.10 -4.79 9.65
C GLY C 9 7.78 -5.56 9.57
N GLU C 10 6.66 -4.86 9.37
CA GLU C 10 5.35 -5.48 9.28
C GLU C 10 4.68 -5.12 7.96
N SER C 11 3.49 -5.67 7.70
CA SER C 11 2.82 -5.52 6.41
C SER C 11 1.31 -5.36 6.52
N ILE C 12 0.70 -5.13 5.35
CA ILE C 12 -0.72 -4.95 5.14
C ILE C 12 -1.09 -5.69 3.85
N ASN C 13 -2.38 -5.94 3.59
CA ASN C 13 -2.78 -6.72 2.43
C ASN C 13 -3.99 -6.12 1.72
N ILE C 14 -4.08 -6.33 0.41
CA ILE C 14 -5.16 -5.83 -0.45
C ILE C 14 -5.52 -6.90 -1.48
N GLY C 15 -6.80 -6.94 -1.87
CA GLY C 15 -7.28 -7.88 -2.86
C GLY C 15 -6.94 -9.32 -2.44
N ASP C 16 -6.51 -10.11 -3.41
CA ASP C 16 -6.07 -11.49 -3.19
C ASP C 16 -4.70 -11.73 -3.83
N ASP C 17 -4.08 -10.68 -4.37
CA ASP C 17 -2.78 -10.76 -5.03
C ASP C 17 -1.88 -9.56 -4.72
N ILE C 18 -2.24 -8.72 -3.73
CA ILE C 18 -1.46 -7.54 -3.41
C ILE C 18 -1.13 -7.51 -1.92
N THR C 19 0.13 -7.16 -1.60
CA THR C 19 0.58 -7.03 -0.22
C THR C 19 1.54 -5.85 -0.16
N ILE C 20 1.61 -5.19 1.00
CA ILE C 20 2.39 -3.96 1.18
C ILE C 20 3.20 -4.10 2.47
N THR C 21 4.38 -3.48 2.55
CA THR C 21 5.27 -3.64 3.68
C THR C 21 5.94 -2.30 4.03
N ILE C 22 6.30 -2.12 5.30
CA ILE C 22 6.96 -0.91 5.77
C ILE C 22 8.37 -1.30 6.22
N LEU C 23 9.36 -1.05 5.36
CA LEU C 23 10.72 -1.51 5.56
C LEU C 23 11.46 -0.69 6.61
N GLY C 24 11.08 0.58 6.78
CA GLY C 24 11.68 1.42 7.80
C GLY C 24 11.28 2.88 7.67
N VAL C 25 11.88 3.72 8.52
CA VAL C 25 11.59 5.15 8.57
C VAL C 25 12.88 5.94 8.53
N SER C 26 12.77 7.23 8.21
CA SER C 26 13.92 8.13 8.08
C SER C 26 13.47 9.55 8.43
N GLY C 27 12.92 9.71 9.64
CA GLY C 27 12.39 11.00 10.08
C GLY C 27 11.09 11.29 9.35
N GLN C 28 11.01 12.45 8.70
CA GLN C 28 9.85 12.84 7.92
C GLN C 28 9.73 11.99 6.66
N GLN C 29 10.78 11.20 6.33
CA GLN C 29 10.73 10.31 5.19
C GLN C 29 10.39 8.89 5.66
N VAL C 30 9.98 8.05 4.71
CA VAL C 30 9.54 6.69 4.98
C VAL C 30 9.99 5.78 3.84
N ARG C 31 10.25 4.50 4.17
CA ARG C 31 10.68 3.49 3.21
C ARG C 31 9.67 2.36 3.24
N ILE C 32 9.02 2.12 2.11
CA ILE C 32 7.94 1.14 2.00
C ILE C 32 8.10 0.33 0.72
N GLY C 33 7.50 -0.87 0.72
CA GLY C 33 7.58 -1.77 -0.41
C GLY C 33 6.20 -2.29 -0.78
N ILE C 34 6.11 -2.89 -1.98
CA ILE C 34 4.86 -3.34 -2.55
C ILE C 34 5.11 -4.71 -3.18
N ASN C 35 4.14 -5.60 -3.04
CA ASN C 35 4.25 -6.97 -3.53
C ASN C 35 2.99 -7.34 -4.28
N ALA C 36 2.88 -6.75 -5.47
CA ALA C 36 1.81 -7.00 -6.42
C ALA C 36 2.42 -7.59 -7.69
N PRO C 37 1.62 -8.25 -8.53
CA PRO C 37 2.10 -8.84 -9.76
C PRO C 37 2.34 -7.72 -10.76
N LYS C 38 3.26 -7.94 -11.70
CA LYS C 38 3.54 -6.95 -12.73
C LYS C 38 2.39 -6.88 -13.73
N ASP C 39 1.37 -7.73 -13.53
CA ASP C 39 0.12 -7.67 -14.27
C ASP C 39 -0.70 -6.45 -13.85
N VAL C 40 -0.33 -5.80 -12.74
CA VAL C 40 -0.93 -4.53 -12.34
C VAL C 40 0.14 -3.46 -12.16
N ALA C 41 -0.22 -2.23 -12.53
CA ALA C 41 0.68 -1.10 -12.49
C ALA C 41 0.96 -0.67 -11.06
N VAL C 42 2.17 -0.16 -10.82
CA VAL C 42 2.58 0.34 -9.52
C VAL C 42 3.55 1.50 -9.75
N HIS C 43 3.15 2.70 -9.35
CA HIS C 43 3.93 3.93 -9.54
C HIS C 43 3.62 4.95 -8.45
N ARG C 44 4.46 5.99 -8.36
CA ARG C 44 4.21 7.13 -7.48
C ARG C 44 3.10 8.00 -8.09
N GLU C 45 2.49 8.87 -7.28
CA GLU C 45 1.37 9.69 -7.74
C GLU C 45 1.81 10.77 -8.73
N GLU C 46 2.96 11.38 -8.48
CA GLU C 46 3.48 12.44 -9.35
C GLU C 46 3.94 11.91 -10.71
N ILE C 47 3.73 10.62 -10.99
CA ILE C 47 4.03 10.04 -12.29
C ILE C 47 2.87 9.18 -12.78
N TYR C 48 2.05 8.61 -11.89
CA TYR C 48 0.97 7.77 -12.37
C TYR C 48 -0.01 8.61 -13.18
N GLN C 49 -0.16 9.88 -12.79
CA GLN C 49 -1.10 10.78 -13.43
C GLN C 49 -0.57 11.26 -14.78
N ARG C 50 0.74 11.03 -15.05
CA ARG C 50 1.34 11.39 -16.33
C ARG C 50 1.31 10.18 -17.28
N ILE C 51 1.34 8.97 -16.72
CA ILE C 51 1.20 7.73 -17.48
C ILE C 51 -0.22 7.63 -18.01
N GLN C 52 -1.19 7.85 -17.12
CA GLN C 52 -2.59 7.75 -17.47
C GLN C 52 -3.06 8.96 -18.27
N ALA C 53 -2.13 9.85 -18.64
CA ALA C 53 -2.45 11.00 -19.47
C ALA C 53 -2.70 10.59 -20.93
N GLY C 54 -2.24 9.40 -21.32
CA GLY C 54 -2.43 8.91 -22.68
C GLY C 54 -1.14 8.32 -23.27
N LEU C 55 -0.17 7.99 -22.41
CA LEU C 55 1.16 7.55 -22.81
C LEU C 55 1.66 6.42 -21.91
N THR C 56 2.92 6.02 -22.06
CA THR C 56 3.51 4.97 -21.25
C THR C 56 4.94 5.33 -20.87
N ALA C 57 5.57 4.50 -20.03
CA ALA C 57 6.93 4.71 -19.56
C ALA C 57 7.90 4.85 -20.73
N PRO C 58 9.03 5.53 -20.50
CA PRO C 58 10.07 5.72 -21.50
C PRO C 58 10.78 4.42 -21.88
N ASP C 59 11.79 4.55 -22.73
CA ASP C 59 12.50 3.44 -23.33
C ASP C 59 13.97 3.81 -23.56
N MET A 1 10.09 -7.43 -5.42
CA MET A 1 9.35 -6.46 -4.59
C MET A 1 9.75 -5.04 -4.98
N LEU A 2 8.76 -4.20 -5.32
CA LEU A 2 9.03 -2.81 -5.69
C LEU A 2 9.12 -1.97 -4.41
N ILE A 3 10.07 -1.05 -4.35
CA ILE A 3 10.21 -0.11 -3.23
C ILE A 3 10.13 1.31 -3.75
N LEU A 4 9.63 2.21 -2.90
CA LEU A 4 9.56 3.63 -3.17
C LEU A 4 9.83 4.37 -1.87
N THR A 5 10.12 5.66 -1.97
CA THR A 5 10.45 6.50 -0.83
C THR A 5 9.57 7.73 -0.87
N ARG A 6 9.04 8.10 0.29
CA ARG A 6 8.07 9.17 0.43
C ARG A 6 8.35 9.92 1.72
N LYS A 7 7.63 11.03 1.94
CA LYS A 7 7.66 11.76 3.18
C LYS A 7 6.23 11.88 3.68
N VAL A 8 6.05 12.11 4.99
CA VAL A 8 4.69 12.12 5.52
C VAL A 8 3.86 13.23 4.87
N GLY A 9 2.81 12.81 4.15
CA GLY A 9 1.94 13.72 3.42
C GLY A 9 1.87 13.38 1.93
N GLU A 10 2.55 12.32 1.48
CA GLU A 10 2.59 11.93 0.07
C GLU A 10 1.87 10.59 -0.14
N SER A 11 1.83 10.12 -1.40
CA SER A 11 1.03 8.95 -1.76
C SER A 11 1.71 8.06 -2.80
N ILE A 12 1.08 6.92 -3.07
CA ILE A 12 1.52 5.87 -3.98
C ILE A 12 0.28 5.33 -4.71
N ASN A 13 0.43 4.60 -5.82
CA ASN A 13 -0.71 4.15 -6.61
C ASN A 13 -0.52 2.71 -7.09
N ILE A 14 -1.64 1.99 -7.23
CA ILE A 14 -1.65 0.59 -7.67
C ILE A 14 -2.88 0.34 -8.56
N GLY A 15 -2.73 -0.58 -9.52
CA GLY A 15 -3.80 -0.96 -10.42
C GLY A 15 -4.39 0.24 -11.15
N ASP A 16 -5.72 0.30 -11.22
CA ASP A 16 -6.45 1.38 -11.86
C ASP A 16 -7.54 1.92 -10.92
N ASP A 17 -7.57 1.41 -9.69
CA ASP A 17 -8.61 1.77 -8.71
C ASP A 17 -8.07 1.82 -7.28
N ILE A 18 -6.75 1.80 -7.08
CA ILE A 18 -6.18 1.76 -5.74
C ILE A 18 -5.12 2.86 -5.57
N THR A 19 -5.15 3.52 -4.41
CA THR A 19 -4.18 4.54 -4.06
C THR A 19 -3.88 4.41 -2.57
N ILE A 20 -2.64 4.73 -2.16
CA ILE A 20 -2.18 4.56 -0.80
C ILE A 20 -1.51 5.84 -0.33
N THR A 21 -1.55 6.12 0.98
CA THR A 21 -1.02 7.37 1.52
C THR A 21 -0.30 7.13 2.85
N ILE A 22 0.69 7.98 3.14
CA ILE A 22 1.45 7.93 4.38
C ILE A 22 1.05 9.14 5.23
N LEU A 23 0.08 8.93 6.12
CA LEU A 23 -0.50 10.00 6.91
C LEU A 23 0.52 10.58 7.90
N GLY A 24 1.45 9.75 8.36
CA GLY A 24 2.57 10.21 9.16
C GLY A 24 3.28 9.09 9.91
N VAL A 25 4.13 9.49 10.84
CA VAL A 25 5.00 8.58 11.58
C VAL A 25 4.91 8.86 13.08
N SER A 26 5.22 7.84 13.89
CA SER A 26 5.12 7.89 15.33
C SER A 26 6.25 7.06 15.92
N GLY A 27 7.49 7.45 15.61
CA GLY A 27 8.65 6.69 16.05
C GLY A 27 8.76 5.44 15.19
N GLN A 28 8.95 4.28 15.84
CA GLN A 28 8.98 2.99 15.15
C GLN A 28 7.60 2.63 14.62
N GLN A 29 6.55 3.38 15.00
CA GLN A 29 5.21 3.13 14.51
C GLN A 29 4.91 4.06 13.33
N VAL A 30 3.89 3.71 12.53
CA VAL A 30 3.54 4.42 11.31
C VAL A 30 2.03 4.44 11.11
N ARG A 31 1.51 5.51 10.53
CA ARG A 31 0.09 5.71 10.23
C ARG A 31 -0.07 5.85 8.73
N ILE A 32 -0.82 4.94 8.13
CA ILE A 32 -1.00 4.90 6.68
C ILE A 32 -2.48 4.69 6.34
N GLY A 33 -2.86 5.12 5.14
CA GLY A 33 -4.23 5.01 4.68
C GLY A 33 -4.30 4.36 3.32
N ILE A 34 -5.50 3.92 2.94
CA ILE A 34 -5.73 3.15 1.73
C ILE A 34 -7.00 3.69 1.08
N ASN A 35 -6.99 3.83 -0.24
CA ASN A 35 -8.08 4.39 -1.00
C ASN A 35 -8.39 3.48 -2.18
N ALA A 36 -8.96 2.32 -1.83
CA ALA A 36 -9.46 1.32 -2.75
C ALA A 36 -10.97 1.24 -2.57
N PRO A 37 -11.69 0.74 -3.57
CA PRO A 37 -13.14 0.65 -3.50
C PRO A 37 -13.51 -0.42 -2.49
N LYS A 38 -14.64 -0.25 -1.81
CA LYS A 38 -15.09 -1.21 -0.81
C LYS A 38 -15.51 -2.50 -1.49
N ASP A 39 -15.41 -2.54 -2.83
CA ASP A 39 -15.66 -3.74 -3.63
C ASP A 39 -14.45 -4.67 -3.63
N VAL A 40 -13.28 -4.21 -3.16
CA VAL A 40 -12.12 -5.07 -3.01
C VAL A 40 -11.68 -5.14 -1.54
N ALA A 41 -11.20 -6.31 -1.13
CA ALA A 41 -10.81 -6.57 0.24
C ALA A 41 -9.54 -5.81 0.61
N VAL A 42 -9.49 -5.34 1.86
CA VAL A 42 -8.36 -4.62 2.41
C VAL A 42 -8.28 -4.93 3.90
N HIS A 43 -7.15 -5.48 4.34
CA HIS A 43 -6.94 -5.97 5.71
C HIS A 43 -5.49 -5.81 6.13
N ARG A 44 -5.14 -6.23 7.35
CA ARG A 44 -3.75 -6.21 7.80
C ARG A 44 -3.19 -7.62 7.87
N GLU A 45 -1.87 -7.79 7.78
CA GLU A 45 -1.26 -9.10 7.66
C GLU A 45 -1.54 -10.01 8.86
N GLU A 46 -1.82 -9.41 10.02
CA GLU A 46 -2.16 -10.13 11.23
C GLU A 46 -3.53 -10.80 11.11
N ILE A 47 -4.25 -10.48 10.03
CA ILE A 47 -5.64 -10.89 9.87
C ILE A 47 -5.92 -11.51 8.51
N TYR A 48 -5.06 -11.26 7.52
CA TYR A 48 -5.28 -11.85 6.20
C TYR A 48 -5.10 -13.36 6.28
N GLN A 49 -4.23 -13.81 7.19
CA GLN A 49 -3.94 -15.21 7.40
C GLN A 49 -5.15 -15.93 8.00
N ARG A 50 -6.11 -15.15 8.54
CA ARG A 50 -7.35 -15.69 9.08
C ARG A 50 -8.34 -15.92 7.94
N ILE A 51 -8.46 -14.88 7.11
CA ILE A 51 -9.48 -14.75 6.09
C ILE A 51 -9.28 -15.75 4.97
N GLN A 52 -8.10 -15.78 4.36
CA GLN A 52 -7.87 -16.61 3.18
C GLN A 52 -7.54 -18.05 3.57
N ALA A 53 -7.74 -18.41 4.84
CA ALA A 53 -7.62 -19.78 5.29
C ALA A 53 -8.80 -20.62 4.80
N GLY A 54 -9.92 -19.97 4.43
CA GLY A 54 -11.08 -20.68 3.91
C GLY A 54 -12.40 -20.09 4.39
N LEU A 55 -12.38 -18.90 4.97
CA LEU A 55 -13.55 -18.26 5.58
C LEU A 55 -13.61 -16.77 5.23
N THR A 56 -14.47 -16.02 5.92
CA THR A 56 -14.58 -14.58 5.73
C THR A 56 -14.79 -13.88 7.08
N ALA A 57 -14.81 -12.55 7.08
CA ALA A 57 -14.94 -11.74 8.29
C ALA A 57 -16.14 -12.16 9.14
N PRO A 58 -16.04 -12.00 10.46
CA PRO A 58 -17.09 -12.32 11.41
C PRO A 58 -18.16 -11.25 11.41
N ASP A 59 -19.30 -11.57 12.05
CA ASP A 59 -20.38 -10.64 12.28
C ASP A 59 -19.91 -9.50 13.19
N MET C 1 -12.45 6.13 3.64
CA MET C 1 -11.03 5.75 3.48
C MET C 1 -10.58 4.89 4.65
N LEU C 2 -9.84 3.80 4.39
CA LEU C 2 -9.45 2.87 5.44
C LEU C 2 -8.04 3.22 5.92
N ILE C 3 -7.83 3.31 7.23
CA ILE C 3 -6.53 3.62 7.83
C ILE C 3 -6.12 2.46 8.72
N LEU C 4 -4.81 2.23 8.83
CA LEU C 4 -4.25 1.17 9.64
C LEU C 4 -2.94 1.67 10.25
N THR C 5 -2.44 0.94 11.26
CA THR C 5 -1.22 1.31 11.95
C THR C 5 -0.29 0.10 11.96
N ARG C 6 0.99 0.37 11.73
CA ARG C 6 2.02 -0.65 11.58
C ARG C 6 3.32 -0.15 12.20
N LYS C 7 4.31 -1.03 12.25
CA LYS C 7 5.65 -0.67 12.69
C LYS C 7 6.65 -1.23 11.70
N VAL C 8 7.89 -0.72 11.73
CA VAL C 8 8.92 -1.15 10.81
C VAL C 8 9.03 -2.67 10.78
N GLY C 9 8.71 -3.26 9.63
CA GLY C 9 8.81 -4.71 9.42
C GLY C 9 7.46 -5.37 9.25
N GLU C 10 6.37 -4.68 9.56
CA GLU C 10 5.02 -5.22 9.46
C GLU C 10 4.44 -4.98 8.06
N SER C 11 3.23 -5.53 7.80
CA SER C 11 2.66 -5.54 6.47
C SER C 11 1.14 -5.36 6.48
N ILE C 12 0.60 -5.14 5.27
CA ILE C 12 -0.80 -4.87 4.99
C ILE C 12 -1.16 -5.69 3.75
N ASN C 13 -2.45 -5.94 3.51
CA ASN C 13 -2.86 -6.78 2.39
C ASN C 13 -4.07 -6.21 1.67
N ILE C 14 -4.17 -6.51 0.38
CA ILE C 14 -5.27 -6.07 -0.48
C ILE C 14 -5.60 -7.18 -1.47
N GLY C 15 -6.89 -7.30 -1.80
CA GLY C 15 -7.35 -8.32 -2.74
C GLY C 15 -6.92 -9.71 -2.27
N ASP C 16 -6.47 -10.53 -3.22
CA ASP C 16 -5.99 -11.89 -2.96
C ASP C 16 -4.63 -12.09 -3.62
N ASP C 17 -4.03 -10.99 -4.10
CA ASP C 17 -2.80 -11.02 -4.88
C ASP C 17 -1.87 -9.85 -4.59
N ILE C 18 -2.18 -9.03 -3.57
CA ILE C 18 -1.39 -7.84 -3.28
C ILE C 18 -1.07 -7.75 -1.80
N THR C 19 0.18 -7.33 -1.50
CA THR C 19 0.65 -7.15 -0.14
C THR C 19 1.55 -5.92 -0.11
N ILE C 20 1.55 -5.19 1.01
CA ILE C 20 2.31 -3.95 1.16
C ILE C 20 3.09 -4.03 2.48
N THR C 21 4.24 -3.36 2.56
CA THR C 21 5.11 -3.47 3.72
C THR C 21 5.76 -2.12 4.05
N ILE C 22 6.09 -1.92 5.32
CA ILE C 22 6.78 -0.72 5.79
C ILE C 22 8.20 -1.15 6.14
N LEU C 23 9.15 -0.88 5.23
CA LEU C 23 10.51 -1.40 5.34
C LEU C 23 11.32 -0.62 6.36
N GLY C 24 10.95 0.63 6.62
CA GLY C 24 11.63 1.42 7.63
C GLY C 24 11.28 2.90 7.53
N VAL C 25 11.96 3.71 8.37
CA VAL C 25 11.74 5.14 8.44
C VAL C 25 13.06 5.88 8.38
N SER C 26 13.01 7.17 8.06
CA SER C 26 14.18 8.02 7.90
C SER C 26 13.81 9.44 8.29
N GLY C 27 13.28 9.61 9.50
CA GLY C 27 12.83 10.91 9.98
C GLY C 27 11.54 11.29 9.29
N GLN C 28 11.50 12.48 8.68
CA GLN C 28 10.36 12.93 7.91
C GLN C 28 10.17 12.09 6.65
N GLN C 29 11.18 11.29 6.28
CA GLN C 29 11.09 10.39 5.13
C GLN C 29 10.76 8.98 5.59
N VAL C 30 10.29 8.15 4.64
CA VAL C 30 9.89 6.78 4.90
C VAL C 30 10.18 5.90 3.68
N ARG C 31 10.50 4.63 3.90
CA ARG C 31 10.66 3.66 2.83
C ARG C 31 9.64 2.56 3.00
N ILE C 32 8.89 2.32 1.93
CA ILE C 32 7.79 1.37 1.86
C ILE C 32 7.92 0.57 0.58
N GLY C 33 7.30 -0.61 0.53
CA GLY C 33 7.39 -1.47 -0.64
C GLY C 33 6.05 -2.11 -0.96
N ILE C 34 5.98 -2.73 -2.14
CA ILE C 34 4.77 -3.34 -2.65
C ILE C 34 5.13 -4.73 -3.16
N ASN C 35 4.23 -5.68 -2.94
CA ASN C 35 4.44 -7.07 -3.30
C ASN C 35 3.24 -7.56 -4.09
N ALA C 36 3.22 -7.10 -5.35
CA ALA C 36 2.20 -7.43 -6.34
C ALA C 36 2.92 -7.88 -7.62
N PRO C 37 2.23 -8.61 -8.50
CA PRO C 37 2.79 -9.05 -9.75
C PRO C 37 2.83 -7.87 -10.72
N LYS C 38 3.74 -7.93 -11.71
CA LYS C 38 3.79 -6.91 -12.74
C LYS C 38 2.58 -7.02 -13.66
N ASP C 39 1.68 -7.97 -13.36
CA ASP C 39 0.39 -8.08 -14.01
C ASP C 39 -0.46 -6.86 -13.67
N VAL C 40 -0.12 -6.17 -12.58
CA VAL C 40 -0.81 -4.96 -12.16
C VAL C 40 0.20 -3.83 -11.98
N ALA C 41 -0.24 -2.62 -12.33
CA ALA C 41 0.60 -1.43 -12.28
C ALA C 41 0.87 -1.02 -10.85
N VAL C 42 2.09 -0.53 -10.60
CA VAL C 42 2.48 -0.02 -9.29
C VAL C 42 3.50 1.10 -9.52
N HIS C 43 3.16 2.32 -9.15
CA HIS C 43 4.01 3.49 -9.32
C HIS C 43 3.77 4.51 -8.21
N ARG C 44 4.66 5.50 -8.10
CA ARG C 44 4.49 6.62 -7.19
C ARG C 44 3.33 7.49 -7.67
N GLU C 45 2.61 8.12 -6.75
CA GLU C 45 1.42 8.91 -7.08
C GLU C 45 1.77 10.15 -7.90
N GLU C 46 2.95 10.73 -7.66
CA GLU C 46 3.41 11.91 -8.38
C GLU C 46 3.80 11.65 -9.84
N ILE C 47 3.69 10.39 -10.28
CA ILE C 47 3.97 10.02 -11.67
C ILE C 47 2.83 9.19 -12.25
N TYR C 48 2.04 8.52 -11.41
CA TYR C 48 0.98 7.67 -11.94
C TYR C 48 -0.03 8.53 -12.71
N GLN C 49 -0.22 9.77 -12.26
CA GLN C 49 -1.16 10.69 -12.88
C GLN C 49 -0.63 11.19 -14.22
N ARG C 50 0.66 10.99 -14.48
CA ARG C 50 1.27 11.38 -15.75
C ARG C 50 1.26 10.19 -16.72
N ILE C 51 1.28 8.97 -16.18
CA ILE C 51 1.16 7.75 -16.98
C ILE C 51 -0.25 7.65 -17.53
N GLN C 52 -1.23 7.80 -16.64
CA GLN C 52 -2.63 7.69 -17.01
C GLN C 52 -3.13 8.91 -17.77
N ALA C 53 -2.21 9.84 -18.10
CA ALA C 53 -2.56 11.02 -18.86
C ALA C 53 -2.84 10.68 -20.32
N GLY C 54 -2.40 9.51 -20.79
CA GLY C 54 -2.62 9.06 -22.16
C GLY C 54 -1.35 8.48 -22.79
N LEU C 55 -0.36 8.13 -21.96
CA LEU C 55 0.94 7.68 -22.42
C LEU C 55 1.42 6.50 -21.57
N THR C 56 2.67 6.08 -21.77
CA THR C 56 3.27 4.99 -21.01
C THR C 56 4.71 5.31 -20.65
N ALA C 57 5.34 4.47 -19.83
CA ALA C 57 6.71 4.68 -19.37
C ALA C 57 7.68 4.87 -20.54
N PRO C 58 8.77 5.64 -20.32
CA PRO C 58 9.79 5.89 -21.30
C PRO C 58 10.70 4.67 -21.47
N ASP C 59 11.50 4.71 -22.54
CA ASP C 59 12.51 3.70 -22.82
C ASP C 59 13.59 3.73 -21.74
N MET A 1 10.17 -7.51 -6.02
CA MET A 1 9.36 -6.60 -5.20
C MET A 1 9.77 -5.16 -5.45
N LEU A 2 8.79 -4.27 -5.65
CA LEU A 2 9.08 -2.86 -5.95
C LEU A 2 9.13 -2.08 -4.63
N ILE A 3 10.17 -1.26 -4.43
CA ILE A 3 10.33 -0.44 -3.23
C ILE A 3 10.37 1.02 -3.64
N LEU A 4 9.89 1.89 -2.75
CA LEU A 4 9.86 3.32 -2.98
C LEU A 4 10.15 4.05 -1.68
N THR A 5 10.55 5.33 -1.78
CA THR A 5 10.86 6.15 -0.62
C THR A 5 10.08 7.44 -0.73
N ARG A 6 9.31 7.76 0.32
CA ARG A 6 8.42 8.91 0.34
C ARG A 6 8.37 9.47 1.76
N LYS A 7 7.68 10.58 1.95
CA LYS A 7 7.61 11.25 3.25
C LYS A 7 6.17 11.40 3.71
N VAL A 8 6.00 11.76 4.97
CA VAL A 8 4.69 11.93 5.58
C VAL A 8 3.82 12.86 4.73
N GLY A 9 2.74 12.33 4.18
CA GLY A 9 1.77 13.09 3.40
C GLY A 9 1.75 12.68 1.93
N GLU A 10 2.77 11.97 1.45
CA GLU A 10 2.84 11.52 0.06
C GLU A 10 2.07 10.21 -0.13
N SER A 11 1.93 9.78 -1.39
CA SER A 11 1.12 8.62 -1.73
C SER A 11 1.77 7.76 -2.81
N ILE A 12 1.20 6.56 -3.00
CA ILE A 12 1.62 5.55 -3.96
C ILE A 12 0.36 5.06 -4.68
N ASN A 13 0.49 4.39 -5.83
CA ASN A 13 -0.67 3.96 -6.59
C ASN A 13 -0.45 2.57 -7.18
N ILE A 14 -1.53 1.79 -7.28
CA ILE A 14 -1.51 0.44 -7.82
C ILE A 14 -2.74 0.23 -8.71
N GLY A 15 -2.57 -0.56 -9.78
CA GLY A 15 -3.67 -0.89 -10.67
C GLY A 15 -4.29 0.37 -11.28
N ASP A 16 -5.62 0.42 -11.32
CA ASP A 16 -6.38 1.56 -11.81
C ASP A 16 -7.46 1.95 -10.81
N ASP A 17 -7.47 1.31 -9.64
CA ASP A 17 -8.50 1.52 -8.63
C ASP A 17 -7.93 1.47 -7.21
N ILE A 18 -6.61 1.49 -7.03
CA ILE A 18 -6.02 1.42 -5.70
C ILE A 18 -4.98 2.52 -5.52
N THR A 19 -5.00 3.14 -4.34
CA THR A 19 -4.06 4.18 -3.97
C THR A 19 -3.73 4.04 -2.49
N ILE A 20 -2.51 4.41 -2.09
CA ILE A 20 -2.02 4.21 -0.72
C ILE A 20 -1.33 5.49 -0.25
N THR A 21 -1.34 5.76 1.05
CA THR A 21 -0.77 7.00 1.59
C THR A 21 -0.06 6.72 2.92
N ILE A 22 0.93 7.56 3.24
CA ILE A 22 1.67 7.49 4.49
C ILE A 22 1.26 8.70 5.35
N LEU A 23 0.32 8.47 6.26
CA LEU A 23 -0.28 9.58 7.00
C LEU A 23 0.67 10.14 8.05
N GLY A 24 1.58 9.30 8.55
CA GLY A 24 2.60 9.76 9.48
C GLY A 24 3.39 8.62 10.11
N VAL A 25 4.24 8.97 11.08
CA VAL A 25 5.12 8.04 11.76
C VAL A 25 5.13 8.32 13.26
N SER A 26 5.44 7.30 14.05
CA SER A 26 5.42 7.34 15.51
C SER A 26 6.53 6.45 16.05
N GLY A 27 7.78 6.77 15.68
CA GLY A 27 8.92 5.96 16.08
C GLY A 27 8.95 4.69 15.26
N GLN A 28 9.04 3.54 15.94
CA GLN A 28 9.03 2.25 15.27
C GLN A 28 7.63 1.94 14.71
N GLN A 29 6.62 2.74 15.10
CA GLN A 29 5.26 2.55 14.60
C GLN A 29 4.97 3.55 13.48
N VAL A 30 3.94 3.26 12.69
CA VAL A 30 3.58 4.02 11.50
C VAL A 30 2.07 3.96 11.28
N ARG A 31 1.48 5.04 10.72
CA ARG A 31 0.09 5.01 10.30
C ARG A 31 0.04 5.28 8.80
N ILE A 32 -0.71 4.43 8.09
CA ILE A 32 -0.84 4.43 6.66
C ILE A 32 -2.31 4.24 6.29
N GLY A 33 -2.68 4.69 5.10
CA GLY A 33 -4.05 4.61 4.64
C GLY A 33 -4.12 3.90 3.29
N ILE A 34 -5.31 3.41 2.96
CA ILE A 34 -5.57 2.66 1.76
C ILE A 34 -6.85 3.18 1.14
N ASN A 35 -6.84 3.35 -0.19
CA ASN A 35 -7.94 3.93 -0.92
C ASN A 35 -8.26 3.04 -2.11
N ALA A 36 -8.89 1.91 -1.78
CA ALA A 36 -9.39 0.92 -2.72
C ALA A 36 -10.90 0.81 -2.53
N PRO A 37 -11.62 0.31 -3.54
CA PRO A 37 -13.06 0.20 -3.45
C PRO A 37 -13.42 -0.87 -2.43
N LYS A 38 -14.54 -0.70 -1.76
CA LYS A 38 -14.99 -1.66 -0.76
C LYS A 38 -15.40 -2.97 -1.42
N ASP A 39 -15.33 -3.00 -2.76
CA ASP A 39 -15.57 -4.19 -3.57
C ASP A 39 -14.36 -5.13 -3.54
N VAL A 40 -13.19 -4.67 -3.07
CA VAL A 40 -12.03 -5.53 -2.90
C VAL A 40 -11.61 -5.56 -1.43
N ALA A 41 -11.14 -6.72 -0.99
CA ALA A 41 -10.75 -6.95 0.39
C ALA A 41 -9.48 -6.18 0.72
N VAL A 42 -9.40 -5.68 1.96
CA VAL A 42 -8.23 -4.96 2.46
C VAL A 42 -8.13 -5.23 3.96
N HIS A 43 -7.04 -5.88 4.39
CA HIS A 43 -6.79 -6.20 5.78
C HIS A 43 -5.29 -6.21 6.06
N ARG A 44 -4.93 -6.20 7.34
CA ARG A 44 -3.55 -6.38 7.80
C ARG A 44 -3.12 -7.83 7.56
N GLU A 45 -1.84 -8.07 7.31
CA GLU A 45 -1.35 -9.44 7.14
C GLU A 45 -1.42 -10.20 8.46
N GLU A 46 -1.39 -9.45 9.55
CA GLU A 46 -1.50 -9.96 10.90
C GLU A 46 -2.85 -10.65 11.15
N ILE A 47 -3.80 -10.51 10.21
CA ILE A 47 -5.11 -11.10 10.32
C ILE A 47 -5.57 -11.69 8.99
N TYR A 48 -5.07 -11.20 7.85
CA TYR A 48 -5.57 -11.68 6.57
C TYR A 48 -5.29 -13.18 6.42
N GLN A 49 -4.17 -13.63 6.95
CA GLN A 49 -3.75 -15.02 6.86
C GLN A 49 -4.63 -15.90 7.75
N ARG A 50 -5.39 -15.28 8.66
CA ARG A 50 -6.33 -15.99 9.52
C ARG A 50 -7.73 -15.98 8.89
N ILE A 51 -8.01 -14.98 8.05
CA ILE A 51 -9.28 -14.90 7.32
C ILE A 51 -9.29 -15.96 6.23
N GLN A 52 -8.24 -15.98 5.42
CA GLN A 52 -8.12 -16.87 4.28
C GLN A 52 -7.84 -18.31 4.73
N ALA A 53 -7.85 -18.55 6.04
CA ALA A 53 -7.64 -19.89 6.56
C ALA A 53 -8.84 -20.79 6.29
N GLY A 54 -10.01 -20.19 5.98
CA GLY A 54 -11.20 -20.96 5.66
C GLY A 54 -12.46 -20.36 6.31
N LEU A 55 -12.37 -19.11 6.77
CA LEU A 55 -13.44 -18.45 7.52
C LEU A 55 -13.62 -17.01 7.06
N THR A 56 -14.46 -16.25 7.77
CA THR A 56 -14.70 -14.84 7.48
C THR A 56 -14.79 -14.04 8.78
N ALA A 57 -14.88 -12.72 8.68
CA ALA A 57 -14.87 -11.83 9.82
C ALA A 57 -15.88 -12.24 10.91
N PRO A 58 -15.49 -12.13 12.19
CA PRO A 58 -16.33 -12.44 13.33
C PRO A 58 -17.72 -11.82 13.26
N ASP A 59 -17.78 -10.54 12.87
CA ASP A 59 -18.98 -9.69 12.76
C ASP A 59 -18.69 -8.30 13.31
N MET C 1 -12.14 5.71 3.36
CA MET C 1 -10.71 5.34 3.28
C MET C 1 -10.33 4.48 4.49
N LEU C 2 -9.79 3.29 4.24
CA LEU C 2 -9.41 2.39 5.33
C LEU C 2 -8.00 2.75 5.79
N ILE C 3 -7.81 2.92 7.09
CA ILE C 3 -6.52 3.27 7.68
C ILE C 3 -6.11 2.19 8.67
N LEU C 4 -4.80 1.99 8.83
CA LEU C 4 -4.27 0.99 9.75
C LEU C 4 -2.98 1.53 10.36
N THR C 5 -2.48 0.82 11.36
CA THR C 5 -1.26 1.18 12.06
C THR C 5 -0.37 -0.06 12.04
N ARG C 6 0.91 0.15 11.76
CA ARG C 6 1.83 -0.95 11.51
C ARG C 6 3.20 -0.59 12.07
N LYS C 7 4.15 -1.52 12.04
CA LYS C 7 5.50 -1.24 12.53
C LYS C 7 6.53 -1.76 11.54
N VAL C 8 7.75 -1.22 11.63
CA VAL C 8 8.85 -1.60 10.75
C VAL C 8 9.01 -3.11 10.74
N GLY C 9 8.81 -3.73 9.58
CA GLY C 9 9.02 -5.16 9.42
C GLY C 9 7.71 -5.94 9.28
N GLU C 10 6.59 -5.25 9.16
CA GLU C 10 5.28 -5.88 9.05
C GLU C 10 4.60 -5.44 7.75
N SER C 11 3.41 -5.96 7.46
CA SER C 11 2.79 -5.76 6.15
C SER C 11 1.27 -5.75 6.18
N ILE C 12 0.68 -5.38 5.04
CA ILE C 12 -0.74 -5.21 4.81
C ILE C 12 -1.10 -5.93 3.51
N ASN C 13 -2.39 -6.16 3.23
CA ASN C 13 -2.81 -6.94 2.07
C ASN C 13 -4.02 -6.32 1.38
N ILE C 14 -4.11 -6.49 0.06
CA ILE C 14 -5.23 -6.00 -0.75
C ILE C 14 -5.59 -7.03 -1.81
N GLY C 15 -6.89 -7.16 -2.09
CA GLY C 15 -7.39 -8.09 -3.08
C GLY C 15 -6.97 -9.52 -2.76
N ASP C 16 -6.49 -10.23 -3.78
CA ASP C 16 -6.02 -11.60 -3.67
C ASP C 16 -4.64 -11.76 -4.29
N ASP C 17 -4.03 -10.64 -4.72
CA ASP C 17 -2.78 -10.67 -5.46
C ASP C 17 -1.86 -9.51 -5.09
N ILE C 18 -2.18 -8.70 -4.07
CA ILE C 18 -1.33 -7.58 -3.70
C ILE C 18 -1.04 -7.58 -2.20
N THR C 19 0.19 -7.20 -1.85
CA THR C 19 0.62 -7.09 -0.47
C THR C 19 1.57 -5.90 -0.37
N ILE C 20 1.58 -5.21 0.79
CA ILE C 20 2.36 -4.00 0.98
C ILE C 20 3.15 -4.12 2.28
N THR C 21 4.33 -3.49 2.36
CA THR C 21 5.20 -3.68 3.50
C THR C 21 5.86 -2.37 3.92
N ILE C 22 6.17 -2.25 5.22
CA ILE C 22 6.87 -1.10 5.80
C ILE C 22 8.27 -1.54 6.18
N LEU C 23 9.21 -1.36 5.25
CA LEU C 23 10.56 -1.86 5.39
C LEU C 23 11.37 -1.10 6.43
N GLY C 24 10.97 0.15 6.71
CA GLY C 24 11.64 0.94 7.73
C GLY C 24 11.26 2.41 7.70
N VAL C 25 11.91 3.20 8.55
CA VAL C 25 11.66 4.63 8.68
C VAL C 25 12.98 5.39 8.65
N SER C 26 12.91 6.68 8.31
CA SER C 26 14.07 7.54 8.17
C SER C 26 13.68 8.97 8.56
N GLY C 27 13.10 9.12 9.75
CA GLY C 27 12.63 10.42 10.20
C GLY C 27 11.35 10.77 9.46
N GLN C 28 11.30 11.98 8.86
CA GLN C 28 10.16 12.40 8.07
C GLN C 28 10.05 11.56 6.78
N GLN C 29 11.10 10.79 6.46
CA GLN C 29 11.10 9.91 5.30
C GLN C 29 10.74 8.49 5.73
N VAL C 30 10.31 7.67 4.77
CA VAL C 30 9.86 6.30 5.01
C VAL C 30 10.26 5.40 3.85
N ARG C 31 10.53 4.12 4.16
CA ARG C 31 10.88 3.08 3.20
C ARG C 31 9.78 2.03 3.19
N ILE C 32 9.11 1.88 2.04
CA ILE C 32 7.99 0.97 1.89
C ILE C 32 8.10 0.22 0.57
N GLY C 33 7.43 -0.94 0.49
CA GLY C 33 7.48 -1.77 -0.69
C GLY C 33 6.10 -2.26 -1.08
N ILE C 34 5.99 -2.80 -2.28
CA ILE C 34 4.74 -3.27 -2.86
C ILE C 34 5.00 -4.61 -3.51
N ASN C 35 4.04 -5.53 -3.39
CA ASN C 35 4.19 -6.88 -3.89
C ASN C 35 2.93 -7.27 -4.65
N ALA C 36 2.81 -6.69 -5.84
CA ALA C 36 1.75 -6.93 -6.81
C ALA C 36 2.40 -7.53 -8.06
N PRO C 37 1.61 -8.20 -8.91
CA PRO C 37 2.13 -8.79 -10.12
C PRO C 37 2.42 -7.68 -11.11
N LYS C 38 3.39 -7.90 -12.01
CA LYS C 38 3.71 -6.91 -13.02
C LYS C 38 2.59 -6.82 -14.07
N ASP C 39 1.57 -7.66 -13.91
CA ASP C 39 0.35 -7.59 -14.69
C ASP C 39 -0.48 -6.37 -14.29
N VAL C 40 -0.15 -5.73 -13.17
CA VAL C 40 -0.78 -4.48 -12.78
C VAL C 40 0.27 -3.41 -12.50
N ALA C 41 -0.08 -2.17 -12.84
CA ALA C 41 0.80 -1.02 -12.70
C ALA C 41 1.06 -0.69 -11.24
N VAL C 42 2.27 -0.24 -10.94
CA VAL C 42 2.68 0.20 -9.61
C VAL C 42 3.69 1.33 -9.77
N HIS C 43 3.32 2.53 -9.30
CA HIS C 43 4.12 3.74 -9.44
C HIS C 43 3.88 4.67 -8.26
N ARG C 44 4.61 5.80 -8.19
CA ARG C 44 4.39 6.76 -7.11
C ARG C 44 3.48 7.90 -7.59
N GLU C 45 2.78 8.57 -6.66
CA GLU C 45 1.79 9.58 -7.02
C GLU C 45 2.40 10.75 -7.77
N GLU C 46 3.70 10.98 -7.59
CA GLU C 46 4.45 12.04 -8.24
C GLU C 46 4.54 11.79 -9.75
N ILE C 47 4.17 10.58 -10.20
CA ILE C 47 4.33 10.18 -11.58
C ILE C 47 3.10 9.43 -12.10
N TYR C 48 2.32 8.79 -11.24
CA TYR C 48 1.19 8.02 -11.75
C TYR C 48 0.20 8.93 -12.47
N GLN C 49 0.09 10.17 -11.99
CA GLN C 49 -0.82 11.15 -12.56
C GLN C 49 -0.31 11.66 -13.90
N ARG C 50 0.95 11.39 -14.21
CA ARG C 50 1.54 11.77 -15.50
C ARG C 50 1.42 10.61 -16.49
N ILE C 51 1.38 9.37 -15.99
CA ILE C 51 1.18 8.19 -16.82
C ILE C 51 -0.26 8.18 -17.32
N GLN C 52 -1.20 8.36 -16.39
CA GLN C 52 -2.62 8.33 -16.70
C GLN C 52 -3.06 9.59 -17.44
N ALA C 53 -2.10 10.46 -17.78
CA ALA C 53 -2.40 11.67 -18.53
C ALA C 53 -2.71 11.35 -19.99
N GLY C 54 -2.33 10.16 -20.47
CA GLY C 54 -2.58 9.74 -21.84
C GLY C 54 -1.35 9.13 -22.50
N LEU C 55 -0.36 8.72 -21.70
CA LEU C 55 0.92 8.22 -22.19
C LEU C 55 1.40 7.02 -21.36
N THR C 56 2.63 6.57 -21.61
CA THR C 56 3.20 5.43 -20.89
C THR C 56 4.67 5.70 -20.56
N ALA C 57 5.28 4.79 -19.78
CA ALA C 57 6.66 4.94 -19.32
C ALA C 57 7.65 5.15 -20.47
N PRO C 58 8.68 5.96 -20.24
CA PRO C 58 9.74 6.23 -21.20
C PRO C 58 10.82 5.16 -21.11
N ASP C 59 11.74 5.20 -22.09
CA ASP C 59 12.93 4.37 -22.09
C ASP C 59 13.86 4.78 -20.95
N MET A 1 9.72 -7.40 -5.77
CA MET A 1 9.05 -6.43 -4.87
C MET A 1 9.55 -5.02 -5.16
N LEU A 2 8.63 -4.09 -5.43
CA LEU A 2 8.99 -2.71 -5.75
C LEU A 2 9.13 -1.92 -4.45
N ILE A 3 10.16 -1.09 -4.31
CA ILE A 3 10.37 -0.25 -3.13
C ILE A 3 10.40 1.21 -3.55
N LEU A 4 9.81 2.06 -2.70
CA LEU A 4 9.73 3.50 -2.90
C LEU A 4 10.17 4.19 -1.61
N THR A 5 10.50 5.47 -1.75
CA THR A 5 10.88 6.32 -0.62
C THR A 5 10.07 7.60 -0.75
N ARG A 6 9.35 7.96 0.33
CA ARG A 6 8.46 9.10 0.36
C ARG A 6 8.51 9.72 1.74
N LYS A 7 7.84 10.87 1.92
CA LYS A 7 7.78 11.54 3.21
C LYS A 7 6.33 11.59 3.67
N VAL A 8 6.11 11.78 4.97
CA VAL A 8 4.74 11.76 5.48
C VAL A 8 3.89 12.84 4.83
N GLY A 9 2.77 12.42 4.23
CA GLY A 9 1.86 13.32 3.53
C GLY A 9 1.74 12.93 2.05
N GLU A 10 2.66 12.11 1.54
CA GLU A 10 2.64 11.68 0.14
C GLU A 10 1.82 10.41 -0.03
N SER A 11 1.73 9.92 -1.27
CA SER A 11 0.90 8.77 -1.63
C SER A 11 1.56 7.93 -2.71
N ILE A 12 1.00 6.73 -2.94
CA ILE A 12 1.44 5.76 -3.93
C ILE A 12 0.19 5.23 -4.64
N ASN A 13 0.33 4.61 -5.81
CA ASN A 13 -0.82 4.15 -6.57
C ASN A 13 -0.60 2.75 -7.13
N ILE A 14 -1.69 2.00 -7.32
CA ILE A 14 -1.66 0.62 -7.80
C ILE A 14 -2.86 0.36 -8.71
N GLY A 15 -2.66 -0.48 -9.72
CA GLY A 15 -3.73 -0.85 -10.65
C GLY A 15 -4.33 0.39 -11.30
N ASP A 16 -5.66 0.43 -11.36
CA ASP A 16 -6.42 1.55 -11.90
C ASP A 16 -7.53 1.96 -10.93
N ASP A 17 -7.56 1.34 -9.74
CA ASP A 17 -8.62 1.53 -8.76
C ASP A 17 -8.10 1.50 -7.33
N ILE A 18 -6.77 1.54 -7.13
CA ILE A 18 -6.20 1.45 -5.80
C ILE A 18 -5.18 2.56 -5.59
N THR A 19 -5.17 3.15 -4.39
CA THR A 19 -4.23 4.18 -4.00
C THR A 19 -3.89 4.00 -2.53
N ILE A 20 -2.68 4.40 -2.12
CA ILE A 20 -2.18 4.20 -0.77
C ILE A 20 -1.57 5.50 -0.28
N THR A 21 -1.61 5.75 1.04
CA THR A 21 -1.15 7.01 1.60
C THR A 21 -0.40 6.78 2.91
N ILE A 22 0.59 7.64 3.19
CA ILE A 22 1.36 7.59 4.41
C ILE A 22 0.98 8.80 5.27
N LEU A 23 0.05 8.58 6.22
CA LEU A 23 -0.49 9.66 7.03
C LEU A 23 0.59 10.23 7.95
N GLY A 24 1.51 9.38 8.40
CA GLY A 24 2.66 9.84 9.15
C GLY A 24 3.40 8.72 9.88
N VAL A 25 4.31 9.12 10.78
CA VAL A 25 5.22 8.21 11.45
C VAL A 25 5.26 8.50 12.94
N SER A 26 5.62 7.48 13.72
CA SER A 26 5.66 7.54 15.17
C SER A 26 6.80 6.67 15.68
N GLY A 27 8.03 7.01 15.28
CA GLY A 27 9.20 6.23 15.67
C GLY A 27 9.20 4.91 14.92
N GLN A 28 9.37 3.81 15.65
CA GLN A 28 9.36 2.47 15.08
C GLN A 28 7.94 2.07 14.62
N GLN A 29 6.98 3.00 14.69
CA GLN A 29 5.62 2.73 14.25
C GLN A 29 5.23 3.65 13.10
N VAL A 30 4.23 3.25 12.32
CA VAL A 30 3.78 4.00 11.14
C VAL A 30 2.26 3.98 11.03
N ARG A 31 1.69 5.05 10.44
CA ARG A 31 0.27 5.23 10.25
C ARG A 31 0.00 5.43 8.76
N ILE A 32 -0.77 4.53 8.16
CA ILE A 32 -0.98 4.48 6.72
C ILE A 32 -2.45 4.22 6.40
N GLY A 33 -2.85 4.62 5.19
CA GLY A 33 -4.21 4.44 4.70
C GLY A 33 -4.22 3.74 3.35
N ILE A 34 -5.39 3.20 2.98
CA ILE A 34 -5.60 2.49 1.74
C ILE A 34 -6.88 3.02 1.13
N ASN A 35 -6.90 3.19 -0.19
CA ASN A 35 -8.03 3.78 -0.89
C ASN A 35 -8.36 2.91 -2.11
N ALA A 36 -8.98 1.78 -1.81
CA ALA A 36 -9.48 0.82 -2.77
C ALA A 36 -10.98 0.69 -2.59
N PRO A 37 -11.71 0.19 -3.59
CA PRO A 37 -13.14 0.01 -3.50
C PRO A 37 -13.42 -1.18 -2.59
N LYS A 38 -14.60 -1.19 -1.97
CA LYS A 38 -14.96 -2.30 -1.10
C LYS A 38 -15.30 -3.54 -1.94
N ASP A 39 -15.22 -3.39 -3.26
CA ASP A 39 -15.32 -4.51 -4.19
C ASP A 39 -14.07 -5.38 -4.10
N VAL A 40 -13.00 -4.89 -3.46
CA VAL A 40 -11.82 -5.69 -3.17
C VAL A 40 -11.52 -5.68 -1.68
N ALA A 41 -11.03 -6.81 -1.19
CA ALA A 41 -10.73 -7.01 0.22
C ALA A 41 -9.50 -6.21 0.61
N VAL A 42 -9.49 -5.70 1.85
CA VAL A 42 -8.36 -4.97 2.40
C VAL A 42 -8.30 -5.25 3.89
N HIS A 43 -7.23 -5.94 4.32
CA HIS A 43 -7.05 -6.30 5.72
C HIS A 43 -5.57 -6.36 6.08
N ARG A 44 -5.33 -6.37 7.39
CA ARG A 44 -4.04 -6.57 8.03
C ARG A 44 -3.52 -7.97 7.70
N GLU A 45 -2.21 -8.14 7.53
CA GLU A 45 -1.64 -9.46 7.24
C GLU A 45 -1.80 -10.41 8.43
N GLU A 46 -1.66 -9.86 9.64
CA GLU A 46 -1.80 -10.62 10.88
C GLU A 46 -3.22 -11.18 11.04
N ILE A 47 -4.14 -10.82 10.13
CA ILE A 47 -5.52 -11.29 10.18
C ILE A 47 -5.97 -11.82 8.82
N TYR A 48 -5.42 -11.34 7.71
CA TYR A 48 -5.88 -11.78 6.41
C TYR A 48 -5.64 -13.28 6.24
N GLN A 49 -4.56 -13.76 6.84
CA GLN A 49 -4.17 -15.16 6.75
C GLN A 49 -5.09 -16.03 7.61
N ARG A 50 -5.85 -15.41 8.52
CA ARG A 50 -6.83 -16.09 9.34
C ARG A 50 -8.20 -16.04 8.67
N ILE A 51 -8.45 -15.01 7.86
CA ILE A 51 -9.68 -14.88 7.09
C ILE A 51 -9.68 -15.94 5.99
N GLN A 52 -8.61 -15.96 5.20
CA GLN A 52 -8.47 -16.86 4.06
C GLN A 52 -8.20 -18.29 4.51
N ALA A 53 -8.25 -18.55 5.81
CA ALA A 53 -8.06 -19.89 6.34
C ALA A 53 -9.27 -20.78 6.02
N GLY A 54 -10.42 -20.17 5.70
CA GLY A 54 -11.62 -20.91 5.34
C GLY A 54 -12.89 -20.27 5.91
N LEU A 55 -12.80 -19.02 6.37
CA LEU A 55 -13.90 -18.33 7.03
C LEU A 55 -13.97 -16.88 6.54
N THR A 56 -14.76 -16.04 7.22
CA THR A 56 -14.85 -14.63 6.91
C THR A 56 -14.92 -13.79 8.19
N ALA A 57 -14.73 -12.48 8.07
CA ALA A 57 -14.77 -11.53 9.17
C ALA A 57 -16.11 -11.64 9.92
N PRO A 58 -16.12 -11.32 11.22
CA PRO A 58 -17.33 -11.24 12.03
C PRO A 58 -18.44 -10.42 11.38
N ASP A 59 -18.08 -9.42 10.59
CA ASP A 59 -18.99 -8.59 9.81
C ASP A 59 -20.01 -7.79 10.63
N MET C 1 -12.17 5.88 3.45
CA MET C 1 -10.78 5.40 3.33
C MET C 1 -10.43 4.55 4.55
N LEU C 2 -9.79 3.39 4.35
CA LEU C 2 -9.41 2.49 5.43
C LEU C 2 -8.02 2.89 5.94
N ILE C 3 -7.84 2.98 7.26
CA ILE C 3 -6.56 3.29 7.89
C ILE C 3 -6.16 2.16 8.81
N LEU C 4 -4.85 1.94 8.93
CA LEU C 4 -4.28 0.95 9.85
C LEU C 4 -2.96 1.49 10.36
N THR C 5 -2.42 0.84 11.39
CA THR C 5 -1.17 1.23 12.02
C THR C 5 -0.29 0.00 12.08
N ARG C 6 1.00 0.18 11.80
CA ARG C 6 1.95 -0.93 11.69
C ARG C 6 3.27 -0.55 12.34
N LYS C 7 4.18 -1.52 12.43
CA LYS C 7 5.51 -1.30 12.97
C LYS C 7 6.51 -1.68 11.89
N VAL C 8 7.74 -1.16 11.98
CA VAL C 8 8.79 -1.46 11.02
C VAL C 8 8.98 -2.97 10.97
N GLY C 9 8.70 -3.57 9.81
CA GLY C 9 8.88 -5.01 9.62
C GLY C 9 7.55 -5.76 9.48
N GLU C 10 6.44 -5.03 9.34
CA GLU C 10 5.12 -5.65 9.21
C GLU C 10 4.47 -5.28 7.89
N SER C 11 3.29 -5.84 7.60
CA SER C 11 2.67 -5.73 6.28
C SER C 11 1.14 -5.68 6.35
N ILE C 12 0.53 -5.33 5.21
CA ILE C 12 -0.91 -5.24 5.01
C ILE C 12 -1.23 -5.93 3.67
N ASN C 13 -2.51 -6.22 3.41
CA ASN C 13 -2.91 -7.00 2.24
C ASN C 13 -4.10 -6.37 1.53
N ILE C 14 -4.14 -6.53 0.20
CA ILE C 14 -5.20 -6.01 -0.65
C ILE C 14 -5.56 -7.03 -1.73
N GLY C 15 -6.85 -7.09 -2.09
CA GLY C 15 -7.33 -7.98 -3.11
C GLY C 15 -6.98 -9.43 -2.79
N ASP C 16 -6.52 -10.15 -3.81
CA ASP C 16 -6.11 -11.54 -3.69
C ASP C 16 -4.72 -11.72 -4.32
N ASP C 17 -4.07 -10.61 -4.69
CA ASP C 17 -2.82 -10.63 -5.42
C ASP C 17 -1.88 -9.49 -5.03
N ILE C 18 -2.19 -8.73 -3.97
CA ILE C 18 -1.40 -7.57 -3.59
C ILE C 18 -1.11 -7.57 -2.10
N THR C 19 0.10 -7.16 -1.74
CA THR C 19 0.52 -7.05 -0.34
C THR C 19 1.47 -5.86 -0.22
N ILE C 20 1.51 -5.22 0.95
CA ILE C 20 2.28 -3.99 1.16
C ILE C 20 3.09 -4.12 2.45
N THR C 21 4.26 -3.46 2.54
CA THR C 21 5.15 -3.62 3.67
C THR C 21 5.82 -2.29 4.05
N ILE C 22 6.15 -2.14 5.33
CA ILE C 22 6.88 -0.99 5.86
C ILE C 22 8.29 -1.45 6.23
N LEU C 23 9.25 -1.17 5.36
CA LEU C 23 10.62 -1.64 5.53
C LEU C 23 11.36 -0.88 6.62
N GLY C 24 10.94 0.36 6.88
CA GLY C 24 11.54 1.18 7.93
C GLY C 24 11.24 2.65 7.76
N VAL C 25 11.90 3.48 8.57
CA VAL C 25 11.69 4.92 8.59
C VAL C 25 13.03 5.65 8.56
N SER C 26 12.98 6.95 8.21
CA SER C 26 14.17 7.79 8.05
C SER C 26 13.81 9.22 8.43
N GLY C 27 13.29 9.42 9.64
CA GLY C 27 12.89 10.74 10.08
C GLY C 27 11.58 11.13 9.41
N GLN C 28 11.54 12.31 8.78
CA GLN C 28 10.39 12.75 8.02
C GLN C 28 10.19 11.88 6.78
N GLN C 29 11.20 11.08 6.42
CA GLN C 29 11.13 10.20 5.28
C GLN C 29 10.74 8.80 5.73
N VAL C 30 10.30 7.98 4.78
CA VAL C 30 9.83 6.62 5.02
C VAL C 30 10.26 5.70 3.88
N ARG C 31 10.45 4.41 4.18
CA ARG C 31 10.85 3.40 3.23
C ARG C 31 9.82 2.28 3.24
N ILE C 32 9.14 2.09 2.12
CA ILE C 32 8.03 1.15 1.98
C ILE C 32 8.14 0.40 0.66
N GLY C 33 7.43 -0.73 0.56
CA GLY C 33 7.45 -1.55 -0.63
C GLY C 33 6.06 -2.08 -0.95
N ILE C 34 5.93 -2.63 -2.17
CA ILE C 34 4.69 -3.15 -2.70
C ILE C 34 4.99 -4.52 -3.29
N ASN C 35 4.09 -5.47 -3.11
CA ASN C 35 4.27 -6.84 -3.55
C ASN C 35 3.07 -7.27 -4.37
N ALA C 36 3.05 -6.75 -5.60
CA ALA C 36 2.06 -7.03 -6.63
C ALA C 36 2.79 -7.49 -7.88
N PRO C 37 2.10 -8.18 -8.80
CA PRO C 37 2.67 -8.63 -10.05
C PRO C 37 2.76 -7.45 -11.01
N LYS C 38 3.69 -7.50 -11.97
CA LYS C 38 3.79 -6.46 -12.98
C LYS C 38 2.61 -6.52 -13.95
N ASP C 39 1.71 -7.50 -13.73
CA ASP C 39 0.44 -7.58 -14.44
C ASP C 39 -0.46 -6.42 -14.02
N VAL C 40 -0.11 -5.72 -12.93
CA VAL C 40 -0.79 -4.50 -12.53
C VAL C 40 0.22 -3.38 -12.30
N ALA C 41 -0.17 -2.16 -12.64
CA ALA C 41 0.70 -1.00 -12.54
C ALA C 41 0.96 -0.64 -11.08
N VAL C 42 2.18 -0.18 -10.78
CA VAL C 42 2.56 0.29 -9.45
C VAL C 42 3.57 1.41 -9.63
N HIS C 43 3.20 2.63 -9.21
CA HIS C 43 4.05 3.81 -9.33
C HIS C 43 3.77 4.81 -8.21
N ARG C 44 4.68 5.77 -8.06
CA ARG C 44 4.51 6.91 -7.16
C ARG C 44 3.37 7.81 -7.65
N GLU C 45 2.70 8.52 -6.75
CA GLU C 45 1.61 9.41 -7.14
C GLU C 45 2.15 10.59 -7.97
N GLU C 46 3.42 10.91 -7.80
CA GLU C 46 4.09 12.03 -8.47
C GLU C 46 4.31 11.74 -9.96
N ILE C 47 4.09 10.50 -10.40
CA ILE C 47 4.32 10.11 -11.78
C ILE C 47 3.14 9.30 -12.32
N TYR C 48 2.34 8.66 -11.45
CA TYR C 48 1.23 7.88 -11.96
C TYR C 48 0.25 8.77 -12.72
N GLN C 49 0.11 10.02 -12.24
CA GLN C 49 -0.82 10.96 -12.81
C GLN C 49 -0.31 11.51 -14.15
N ARG C 50 0.98 11.27 -14.45
CA ARG C 50 1.56 11.67 -15.73
C ARG C 50 1.47 10.50 -16.71
N ILE C 51 1.48 9.26 -16.21
CA ILE C 51 1.30 8.07 -17.03
C ILE C 51 -0.13 8.03 -17.54
N GLN C 52 -1.08 8.20 -16.63
CA GLN C 52 -2.49 8.13 -16.95
C GLN C 52 -2.96 9.39 -17.68
N ALA C 53 -2.03 10.29 -18.01
CA ALA C 53 -2.35 11.49 -18.74
C ALA C 53 -2.66 11.18 -20.21
N GLY C 54 -2.24 10.00 -20.70
CA GLY C 54 -2.49 9.59 -22.08
C GLY C 54 -1.23 9.00 -22.73
N LEU C 55 -0.25 8.62 -21.92
CA LEU C 55 1.05 8.16 -22.40
C LEU C 55 1.53 6.96 -21.58
N THR C 56 2.79 6.53 -21.80
CA THR C 56 3.36 5.41 -21.08
C THR C 56 4.82 5.69 -20.72
N ALA C 57 5.44 4.80 -19.95
CA ALA C 57 6.81 4.93 -19.49
C ALA C 57 7.78 5.09 -20.67
N PRO C 58 8.92 5.74 -20.45
CA PRO C 58 9.95 5.96 -21.46
C PRO C 58 10.63 4.65 -21.88
N ASP C 59 11.63 4.78 -22.76
CA ASP C 59 12.30 3.67 -23.37
C ASP C 59 13.75 4.05 -23.72
N MET A 1 9.69 -7.44 -6.16
CA MET A 1 8.97 -6.47 -5.29
C MET A 1 9.46 -5.07 -5.58
N LEU A 2 8.55 -4.12 -5.84
CA LEU A 2 8.94 -2.73 -6.06
C LEU A 2 9.03 -2.05 -4.70
N ILE A 3 10.04 -1.23 -4.49
CA ILE A 3 10.19 -0.42 -3.28
C ILE A 3 10.21 1.04 -3.69
N LEU A 4 9.55 1.88 -2.90
CA LEU A 4 9.46 3.30 -3.16
C LEU A 4 9.67 4.03 -1.84
N THR A 5 9.89 5.35 -1.93
CA THR A 5 10.14 6.17 -0.75
C THR A 5 9.19 7.34 -0.81
N ARG A 6 8.63 7.71 0.34
CA ARG A 6 7.55 8.69 0.41
C ARG A 6 7.74 9.54 1.66
N LYS A 7 6.93 10.59 1.82
CA LYS A 7 7.05 11.47 2.98
C LYS A 7 5.66 11.76 3.55
N VAL A 8 5.61 12.10 4.83
CA VAL A 8 4.35 12.35 5.54
C VAL A 8 3.52 13.37 4.77
N GLY A 9 2.35 12.94 4.28
CA GLY A 9 1.42 13.83 3.59
C GLY A 9 1.36 13.55 2.08
N GLU A 10 1.94 12.43 1.64
CA GLU A 10 1.98 12.07 0.23
C GLU A 10 1.42 10.67 0.01
N SER A 11 1.37 10.22 -1.24
CA SER A 11 0.70 8.97 -1.60
C SER A 11 1.44 8.17 -2.67
N ILE A 12 1.01 6.92 -2.85
CA ILE A 12 1.54 5.96 -3.81
C ILE A 12 0.32 5.36 -4.55
N ASN A 13 0.53 4.73 -5.70
CA ASN A 13 -0.57 4.30 -6.53
C ASN A 13 -0.35 2.90 -7.09
N ILE A 14 -1.43 2.13 -7.23
CA ILE A 14 -1.39 0.76 -7.73
C ILE A 14 -2.60 0.50 -8.62
N GLY A 15 -2.43 -0.34 -9.65
CA GLY A 15 -3.50 -0.67 -10.57
C GLY A 15 -4.10 0.60 -11.17
N ASP A 16 -5.42 0.63 -11.25
CA ASP A 16 -6.17 1.78 -11.74
C ASP A 16 -7.30 2.15 -10.78
N ASP A 17 -7.36 1.49 -9.62
CA ASP A 17 -8.40 1.72 -8.62
C ASP A 17 -7.84 1.65 -7.19
N ILE A 18 -6.52 1.62 -7.01
CA ILE A 18 -5.92 1.51 -5.68
C ILE A 18 -4.91 2.63 -5.47
N THR A 19 -4.94 3.24 -4.29
CA THR A 19 -4.04 4.31 -3.91
C THR A 19 -3.74 4.17 -2.42
N ILE A 20 -2.55 4.60 -1.99
CA ILE A 20 -2.09 4.43 -0.62
C ILE A 20 -1.53 5.75 -0.12
N THR A 21 -1.61 6.02 1.20
CA THR A 21 -1.18 7.30 1.75
C THR A 21 -0.45 7.10 3.08
N ILE A 22 0.49 8.00 3.36
CA ILE A 22 1.26 8.01 4.61
C ILE A 22 0.80 9.20 5.44
N LEU A 23 -0.08 8.95 6.42
CA LEU A 23 -0.66 10.01 7.23
C LEU A 23 0.36 10.59 8.20
N GLY A 24 1.33 9.77 8.63
CA GLY A 24 2.38 10.23 9.52
C GLY A 24 3.18 9.08 10.12
N VAL A 25 4.06 9.43 11.08
CA VAL A 25 4.94 8.47 11.73
C VAL A 25 4.90 8.67 13.24
N SER A 26 5.35 7.65 13.99
CA SER A 26 5.31 7.64 15.45
C SER A 26 6.46 6.80 15.97
N GLY A 27 7.70 7.20 15.65
CA GLY A 27 8.88 6.46 16.08
C GLY A 27 9.00 5.17 15.29
N GLN A 28 9.17 4.05 15.99
CA GLN A 28 9.26 2.75 15.37
C GLN A 28 7.90 2.32 14.79
N GLN A 29 6.87 3.15 14.98
CA GLN A 29 5.53 2.87 14.46
C GLN A 29 5.16 3.89 13.39
N VAL A 30 4.12 3.58 12.63
CA VAL A 30 3.72 4.33 11.44
C VAL A 30 2.20 4.34 11.29
N ARG A 31 1.67 5.40 10.68
CA ARG A 31 0.23 5.58 10.47
C ARG A 31 -0.01 5.76 8.98
N ILE A 32 -0.72 4.81 8.37
CA ILE A 32 -0.93 4.77 6.93
C ILE A 32 -2.39 4.43 6.61
N GLY A 33 -2.82 4.79 5.41
CA GLY A 33 -4.18 4.55 4.98
C GLY A 33 -4.22 4.04 3.55
N ILE A 34 -5.37 3.49 3.16
CA ILE A 34 -5.54 2.86 1.86
C ILE A 34 -6.83 3.34 1.21
N ASN A 35 -6.80 3.49 -0.11
CA ASN A 35 -7.92 3.98 -0.90
C ASN A 35 -8.16 3.02 -2.05
N ALA A 36 -8.73 1.87 -1.72
CA ALA A 36 -9.15 0.86 -2.67
C ALA A 36 -10.67 0.70 -2.52
N PRO A 37 -11.35 0.18 -3.55
CA PRO A 37 -12.78 0.04 -3.50
C PRO A 37 -13.14 -1.02 -2.46
N LYS A 38 -14.29 -0.87 -1.82
CA LYS A 38 -14.75 -1.83 -0.82
C LYS A 38 -15.11 -3.16 -1.50
N ASP A 39 -15.00 -3.18 -2.83
CA ASP A 39 -15.19 -4.37 -3.64
C ASP A 39 -13.96 -5.28 -3.60
N VAL A 40 -12.82 -4.80 -3.09
CA VAL A 40 -11.64 -5.65 -2.89
C VAL A 40 -11.24 -5.65 -1.42
N ALA A 41 -10.74 -6.80 -0.97
CA ALA A 41 -10.37 -7.02 0.42
C ALA A 41 -9.14 -6.22 0.79
N VAL A 42 -9.10 -5.73 2.03
CA VAL A 42 -7.97 -4.99 2.58
C VAL A 42 -7.90 -5.29 4.08
N HIS A 43 -6.84 -5.97 4.51
CA HIS A 43 -6.64 -6.38 5.90
C HIS A 43 -5.16 -6.48 6.23
N ARG A 44 -4.80 -6.61 7.51
CA ARG A 44 -3.40 -6.80 7.87
C ARG A 44 -3.03 -8.27 7.82
N GLU A 45 -1.74 -8.58 7.63
CA GLU A 45 -1.30 -9.96 7.47
C GLU A 45 -1.50 -10.79 8.73
N GLU A 46 -1.57 -10.13 9.90
CA GLU A 46 -1.80 -10.82 11.17
C GLU A 46 -3.21 -11.42 11.21
N ILE A 47 -4.05 -11.09 10.21
CA ILE A 47 -5.42 -11.56 10.15
C ILE A 47 -5.78 -12.05 8.76
N TYR A 48 -5.15 -11.55 7.69
CA TYR A 48 -5.55 -11.95 6.36
C TYR A 48 -5.33 -13.45 6.16
N GLN A 49 -4.30 -13.99 6.82
CA GLN A 49 -3.96 -15.39 6.73
C GLN A 49 -4.95 -16.25 7.52
N ARG A 50 -5.81 -15.61 8.32
CA ARG A 50 -6.88 -16.27 9.05
C ARG A 50 -8.20 -16.15 8.31
N ILE A 51 -8.36 -15.09 7.50
CA ILE A 51 -9.55 -14.88 6.69
C ILE A 51 -9.55 -15.89 5.55
N GLN A 52 -8.43 -15.97 4.83
CA GLN A 52 -8.30 -16.83 3.67
C GLN A 52 -8.18 -18.29 4.07
N ALA A 53 -8.33 -18.59 5.36
CA ALA A 53 -8.29 -19.96 5.84
C ALA A 53 -9.55 -20.72 5.42
N GLY A 54 -10.63 -20.01 5.06
CA GLY A 54 -11.86 -20.64 4.62
C GLY A 54 -13.10 -19.98 5.24
N LEU A 55 -12.94 -18.77 5.78
CA LEU A 55 -14.00 -18.07 6.49
C LEU A 55 -14.03 -16.58 6.11
N THR A 56 -14.85 -15.79 6.82
CA THR A 56 -14.95 -14.35 6.60
C THR A 56 -15.03 -13.63 7.93
N ALA A 57 -14.99 -12.29 7.89
CA ALA A 57 -14.96 -11.46 9.09
C ALA A 57 -16.12 -11.77 10.05
N PRO A 58 -15.86 -11.68 11.36
CA PRO A 58 -16.83 -11.88 12.42
C PRO A 58 -17.60 -10.59 12.69
N ASP A 59 -18.62 -10.70 13.54
CA ASP A 59 -19.37 -9.57 14.04
C ASP A 59 -18.49 -8.75 14.99
N MET C 1 -11.42 5.63 2.76
CA MET C 1 -10.07 5.21 3.21
C MET C 1 -10.17 4.22 4.36
N LEU C 2 -9.26 3.25 4.40
CA LEU C 2 -9.15 2.29 5.49
C LEU C 2 -7.75 2.46 6.08
N ILE C 3 -7.68 3.11 7.25
CA ILE C 3 -6.43 3.40 7.95
C ILE C 3 -6.05 2.24 8.85
N LEU C 4 -4.74 2.07 9.05
CA LEU C 4 -4.17 1.09 9.94
C LEU C 4 -2.89 1.68 10.55
N THR C 5 -2.37 1.01 11.58
CA THR C 5 -1.17 1.44 12.28
C THR C 5 -0.24 0.24 12.35
N ARG C 6 1.00 0.42 11.89
CA ARG C 6 1.94 -0.69 11.75
C ARG C 6 3.33 -0.25 12.19
N LYS C 7 4.27 -1.18 12.23
CA LYS C 7 5.61 -0.91 12.74
C LYS C 7 6.64 -1.45 11.76
N VAL C 8 7.86 -0.91 11.81
CA VAL C 8 8.92 -1.29 10.89
C VAL C 8 9.07 -2.81 10.84
N GLY C 9 8.82 -3.40 9.67
CA GLY C 9 8.97 -4.83 9.45
C GLY C 9 7.63 -5.53 9.20
N GLU C 10 6.51 -4.88 9.54
CA GLU C 10 5.18 -5.44 9.33
C GLU C 10 4.74 -5.26 7.88
N SER C 11 3.58 -5.86 7.55
CA SER C 11 3.02 -5.82 6.20
C SER C 11 1.50 -5.73 6.25
N ILE C 12 0.88 -5.45 5.10
CA ILE C 12 -0.56 -5.33 4.90
C ILE C 12 -0.89 -6.02 3.58
N ASN C 13 -2.17 -6.33 3.32
CA ASN C 13 -2.54 -7.05 2.13
C ASN C 13 -3.79 -6.45 1.48
N ILE C 14 -3.88 -6.58 0.15
CA ILE C 14 -4.97 -6.04 -0.65
C ILE C 14 -5.36 -7.05 -1.74
N GLY C 15 -6.64 -7.07 -2.11
CA GLY C 15 -7.13 -7.94 -3.15
C GLY C 15 -6.83 -9.40 -2.81
N ASP C 16 -6.32 -10.16 -3.79
CA ASP C 16 -5.97 -11.55 -3.62
C ASP C 16 -4.55 -11.82 -4.13
N ASP C 17 -3.82 -10.78 -4.54
CA ASP C 17 -2.49 -10.93 -5.11
C ASP C 17 -1.54 -9.78 -4.75
N ILE C 18 -2.00 -8.80 -3.96
CA ILE C 18 -1.17 -7.65 -3.61
C ILE C 18 -0.81 -7.67 -2.14
N THR C 19 0.43 -7.31 -1.82
CA THR C 19 0.89 -7.18 -0.45
C THR C 19 1.77 -5.94 -0.33
N ILE C 20 1.80 -5.32 0.85
CA ILE C 20 2.51 -4.07 1.09
C ILE C 20 3.35 -4.22 2.36
N THR C 21 4.47 -3.50 2.48
CA THR C 21 5.37 -3.64 3.61
C THR C 21 5.94 -2.28 4.03
N ILE C 22 6.26 -2.14 5.32
CA ILE C 22 6.85 -0.93 5.87
C ILE C 22 8.30 -1.26 6.24
N LEU C 23 9.19 -1.06 5.27
CA LEU C 23 10.60 -1.43 5.38
C LEU C 23 11.34 -0.59 6.42
N GLY C 24 10.82 0.61 6.73
CA GLY C 24 11.44 1.47 7.72
C GLY C 24 10.96 2.91 7.64
N VAL C 25 11.59 3.77 8.44
CA VAL C 25 11.24 5.18 8.53
C VAL C 25 12.53 6.00 8.63
N SER C 26 12.44 7.28 8.21
CA SER C 26 13.57 8.19 8.16
C SER C 26 13.08 9.60 8.48
N GLY C 27 12.53 9.79 9.68
CA GLY C 27 11.99 11.08 10.08
C GLY C 27 10.68 11.33 9.33
N GLN C 28 10.56 12.51 8.71
CA GLN C 28 9.38 12.86 7.93
C GLN C 28 9.32 12.05 6.63
N GLN C 29 10.30 11.16 6.39
CA GLN C 29 10.30 10.31 5.21
C GLN C 29 10.10 8.85 5.62
N VAL C 30 9.71 8.01 4.66
CA VAL C 30 9.30 6.64 4.92
C VAL C 30 9.75 5.74 3.77
N ARG C 31 10.05 4.46 4.09
CA ARG C 31 10.50 3.47 3.14
C ARG C 31 9.51 2.31 3.16
N ILE C 32 8.86 2.05 2.02
CA ILE C 32 7.80 1.04 1.92
C ILE C 32 7.98 0.24 0.64
N GLY C 33 7.42 -0.96 0.63
CA GLY C 33 7.49 -1.85 -0.51
C GLY C 33 6.09 -2.24 -0.95
N ILE C 34 5.98 -2.67 -2.21
CA ILE C 34 4.71 -3.04 -2.82
C ILE C 34 4.95 -4.34 -3.58
N ASN C 35 4.03 -5.29 -3.42
CA ASN C 35 4.16 -6.62 -3.97
C ASN C 35 2.86 -7.03 -4.66
N ALA C 36 2.43 -6.17 -5.59
CA ALA C 36 1.35 -6.46 -6.52
C ALA C 36 1.92 -7.26 -7.67
N PRO C 37 1.08 -8.01 -8.40
CA PRO C 37 1.54 -8.80 -9.52
C PRO C 37 1.94 -7.83 -10.61
N LYS C 38 2.94 -8.19 -11.43
CA LYS C 38 3.42 -7.30 -12.47
C LYS C 38 2.39 -7.16 -13.59
N ASP C 39 1.25 -7.85 -13.44
CA ASP C 39 0.08 -7.69 -14.30
C ASP C 39 -0.67 -6.40 -13.95
N VAL C 40 -0.37 -5.77 -12.80
CA VAL C 40 -0.92 -4.47 -12.44
C VAL C 40 0.20 -3.50 -12.10
N ALA C 41 -0.01 -2.24 -12.44
CA ALA C 41 1.00 -1.20 -12.31
C ALA C 41 1.18 -0.75 -10.85
N VAL C 42 2.36 -0.21 -10.54
CA VAL C 42 2.63 0.50 -9.30
C VAL C 42 3.72 1.53 -9.59
N HIS C 43 3.41 2.78 -9.23
CA HIS C 43 4.26 3.96 -9.41
C HIS C 43 3.98 4.95 -8.28
N ARG C 44 4.59 6.14 -8.33
CA ARG C 44 4.33 7.19 -7.34
C ARG C 44 3.60 8.35 -7.99
N GLU C 45 2.83 9.11 -7.19
CA GLU C 45 1.91 10.13 -7.64
C GLU C 45 2.58 11.23 -8.48
N GLU C 46 3.85 11.52 -8.17
CA GLU C 46 4.61 12.53 -8.89
C GLU C 46 4.72 12.18 -10.38
N ILE C 47 4.40 10.94 -10.75
CA ILE C 47 4.52 10.46 -12.11
C ILE C 47 3.29 9.66 -12.54
N TYR C 48 2.56 9.05 -11.60
CA TYR C 48 1.44 8.21 -11.99
C TYR C 48 0.38 9.04 -12.70
N GLN C 49 0.27 10.31 -12.32
CA GLN C 49 -0.70 11.22 -12.88
C GLN C 49 -0.29 11.65 -14.29
N ARG C 50 0.95 11.36 -14.68
CA ARG C 50 1.45 11.62 -16.02
C ARG C 50 1.26 10.39 -16.90
N ILE C 51 1.35 9.20 -16.31
CA ILE C 51 1.12 7.94 -17.02
C ILE C 51 -0.35 7.87 -17.42
N GLN C 52 -1.24 8.13 -16.46
CA GLN C 52 -2.67 8.03 -16.70
C GLN C 52 -3.18 9.22 -17.51
N ALA C 53 -2.28 10.09 -17.97
CA ALA C 53 -2.65 11.22 -18.81
C ALA C 53 -3.00 10.76 -20.22
N GLY C 54 -2.61 9.55 -20.61
CA GLY C 54 -2.90 9.01 -21.94
C GLY C 54 -1.68 8.38 -22.59
N LEU C 55 -0.64 8.08 -21.80
CA LEU C 55 0.64 7.60 -22.30
C LEU C 55 1.19 6.49 -21.39
N THR C 56 2.44 6.07 -21.63
CA THR C 56 3.08 5.03 -20.83
C THR C 56 4.57 5.36 -20.64
N ALA C 57 5.22 4.60 -19.75
CA ALA C 57 6.63 4.76 -19.45
C ALA C 57 7.48 4.63 -20.71
N PRO C 58 8.69 5.23 -20.72
CA PRO C 58 9.61 5.17 -21.83
C PRO C 58 10.17 3.76 -22.03
N ASP C 59 10.14 2.94 -20.98
CA ASP C 59 10.69 1.60 -21.02
C ASP C 59 10.19 0.79 -19.82
N MET A 1 10.01 -7.33 -5.37
CA MET A 1 9.32 -6.38 -4.47
C MET A 1 9.64 -4.96 -4.91
N LEU A 2 8.64 -4.21 -5.38
CA LEU A 2 8.85 -2.83 -5.80
C LEU A 2 8.96 -1.97 -4.54
N ILE A 3 9.98 -1.11 -4.47
CA ILE A 3 10.18 -0.24 -3.33
C ILE A 3 10.17 1.21 -3.81
N LEU A 4 9.67 2.10 -2.96
CA LEU A 4 9.62 3.53 -3.23
C LEU A 4 9.85 4.26 -1.91
N THR A 5 10.01 5.57 -2.01
CA THR A 5 10.27 6.43 -0.87
C THR A 5 9.24 7.55 -0.92
N ARG A 6 8.68 7.89 0.25
CA ARG A 6 7.57 8.81 0.35
C ARG A 6 7.80 9.71 1.56
N LYS A 7 6.96 10.74 1.74
CA LYS A 7 7.07 11.64 2.86
C LYS A 7 5.68 11.91 3.42
N VAL A 8 5.61 12.27 4.70
CA VAL A 8 4.35 12.51 5.38
C VAL A 8 3.51 13.50 4.57
N GLY A 9 2.36 13.05 4.06
CA GLY A 9 1.47 13.91 3.31
C GLY A 9 1.45 13.61 1.82
N GLU A 10 2.04 12.48 1.39
CA GLU A 10 2.11 12.11 -0.01
C GLU A 10 1.51 10.71 -0.22
N SER A 11 1.46 10.25 -1.49
CA SER A 11 0.73 9.04 -1.84
C SER A 11 1.47 8.19 -2.89
N ILE A 12 0.93 7.00 -3.13
CA ILE A 12 1.40 6.02 -4.09
C ILE A 12 0.14 5.43 -4.76
N ASN A 13 0.29 4.74 -5.89
CA ASN A 13 -0.87 4.22 -6.62
C ASN A 13 -0.63 2.79 -7.09
N ILE A 14 -1.74 2.04 -7.20
CA ILE A 14 -1.74 0.64 -7.63
C ILE A 14 -2.96 0.37 -8.50
N GLY A 15 -2.82 -0.53 -9.47
CA GLY A 15 -3.91 -0.92 -10.34
C GLY A 15 -4.50 0.27 -11.06
N ASP A 16 -5.83 0.33 -11.13
CA ASP A 16 -6.57 1.43 -11.74
C ASP A 16 -7.66 1.91 -10.79
N ASP A 17 -7.70 1.37 -9.56
CA ASP A 17 -8.73 1.66 -8.59
C ASP A 17 -8.18 1.69 -7.16
N ILE A 18 -6.85 1.75 -6.98
CA ILE A 18 -6.28 1.74 -5.65
C ILE A 18 -5.25 2.85 -5.49
N THR A 19 -5.26 3.50 -4.31
CA THR A 19 -4.29 4.54 -3.96
C THR A 19 -3.91 4.35 -2.49
N ILE A 20 -2.68 4.74 -2.12
CA ILE A 20 -2.16 4.55 -0.77
C ILE A 20 -1.54 5.86 -0.30
N THR A 21 -1.58 6.13 1.00
CA THR A 21 -1.12 7.41 1.54
C THR A 21 -0.41 7.21 2.88
N ILE A 22 0.56 8.09 3.17
CA ILE A 22 1.29 8.10 4.44
C ILE A 22 0.81 9.32 5.23
N LEU A 23 -0.15 9.08 6.13
CA LEU A 23 -0.82 10.15 6.86
C LEU A 23 0.11 10.78 7.88
N GLY A 24 1.12 10.03 8.33
CA GLY A 24 2.11 10.54 9.27
C GLY A 24 2.88 9.42 9.93
N VAL A 25 3.68 9.78 10.94
CA VAL A 25 4.53 8.84 11.64
C VAL A 25 4.54 9.14 13.14
N SER A 26 4.87 8.13 13.94
CA SER A 26 4.83 8.19 15.40
C SER A 26 6.01 7.42 15.97
N GLY A 27 7.23 7.82 15.60
CA GLY A 27 8.42 7.12 16.02
C GLY A 27 8.56 5.82 15.25
N GLN A 28 8.74 4.70 15.98
CA GLN A 28 8.81 3.39 15.37
C GLN A 28 7.44 2.98 14.82
N GLN A 29 6.37 3.71 15.19
CA GLN A 29 5.03 3.45 14.70
C GLN A 29 4.75 4.34 13.50
N VAL A 30 3.75 3.97 12.69
CA VAL A 30 3.40 4.67 11.47
C VAL A 30 1.89 4.69 11.27
N ARG A 31 1.38 5.77 10.66
CA ARG A 31 -0.03 5.95 10.34
C ARG A 31 -0.17 6.04 8.82
N ILE A 32 -0.82 5.02 8.23
CA ILE A 32 -0.97 4.90 6.80
C ILE A 32 -2.40 4.52 6.45
N GLY A 33 -2.80 4.81 5.21
CA GLY A 33 -4.15 4.54 4.75
C GLY A 33 -4.16 4.09 3.30
N ILE A 34 -5.33 3.65 2.85
CA ILE A 34 -5.56 3.11 1.52
C ILE A 34 -6.91 3.59 1.03
N ASN A 35 -7.01 3.77 -0.29
CA ASN A 35 -8.22 4.26 -0.93
C ASN A 35 -8.55 3.30 -2.07
N ALA A 36 -9.14 2.18 -1.67
CA ALA A 36 -9.65 1.14 -2.55
C ALA A 36 -11.14 0.96 -2.25
N PRO A 37 -11.91 0.42 -3.20
CA PRO A 37 -13.32 0.16 -3.02
C PRO A 37 -13.49 -1.11 -2.19
N LYS A 38 -14.61 -1.23 -1.47
CA LYS A 38 -14.90 -2.45 -0.72
C LYS A 38 -15.22 -3.60 -1.66
N ASP A 39 -15.21 -3.33 -2.96
CA ASP A 39 -15.31 -4.36 -3.98
C ASP A 39 -14.05 -5.23 -3.98
N VAL A 40 -12.98 -4.77 -3.31
CA VAL A 40 -11.79 -5.58 -3.08
C VAL A 40 -11.45 -5.62 -1.60
N ALA A 41 -10.95 -6.76 -1.14
CA ALA A 41 -10.65 -6.99 0.25
C ALA A 41 -9.40 -6.24 0.69
N VAL A 42 -9.40 -5.74 1.92
CA VAL A 42 -8.28 -5.01 2.51
C VAL A 42 -8.27 -5.31 4.00
N HIS A 43 -7.16 -5.88 4.49
CA HIS A 43 -7.01 -6.35 5.86
C HIS A 43 -5.53 -6.33 6.23
N ARG A 44 -5.17 -6.97 7.35
CA ARG A 44 -3.79 -7.06 7.81
C ARG A 44 -3.39 -8.52 8.04
N GLU A 45 -2.09 -8.81 7.93
CA GLU A 45 -1.55 -10.16 7.88
C GLU A 45 -2.01 -11.09 9.00
N GLU A 46 -2.10 -10.60 10.22
CA GLU A 46 -2.51 -11.43 11.37
C GLU A 46 -3.95 -11.92 11.23
N ILE A 47 -4.67 -11.41 10.23
CA ILE A 47 -6.08 -11.72 10.07
C ILE A 47 -6.41 -12.10 8.64
N TYR A 48 -5.70 -11.58 7.64
CA TYR A 48 -6.06 -11.90 6.26
C TYR A 48 -5.88 -13.39 6.02
N GLN A 49 -4.85 -13.96 6.65
CA GLN A 49 -4.52 -15.37 6.49
C GLN A 49 -5.52 -16.25 7.23
N ARG A 50 -6.33 -15.65 8.10
CA ARG A 50 -7.37 -16.36 8.83
C ARG A 50 -8.70 -16.26 8.07
N ILE A 51 -8.86 -15.21 7.27
CA ILE A 51 -10.04 -15.03 6.43
C ILE A 51 -9.97 -15.98 5.25
N GLN A 52 -8.84 -15.99 4.56
CA GLN A 52 -8.65 -16.78 3.36
C GLN A 52 -8.50 -18.26 3.70
N ALA A 53 -8.68 -18.61 4.97
CA ALA A 53 -8.64 -20.00 5.40
C ALA A 53 -9.87 -20.77 4.91
N GLY A 54 -10.94 -20.05 4.52
CA GLY A 54 -12.15 -20.66 4.00
C GLY A 54 -13.42 -20.01 4.54
N LEU A 55 -13.29 -18.82 5.14
CA LEU A 55 -14.39 -18.14 5.82
C LEU A 55 -14.38 -16.65 5.50
N THR A 56 -15.21 -15.87 6.21
CA THR A 56 -15.28 -14.43 6.05
C THR A 56 -15.43 -13.76 7.42
N ALA A 57 -15.39 -12.42 7.45
CA ALA A 57 -15.48 -11.66 8.70
C ALA A 57 -16.71 -12.07 9.52
N PRO A 58 -16.60 -12.00 10.85
CA PRO A 58 -17.67 -12.35 11.77
C PRO A 58 -18.77 -11.30 11.79
N ASP A 59 -19.70 -11.48 12.73
CA ASP A 59 -20.87 -10.64 12.87
C ASP A 59 -21.25 -10.53 14.36
N MET C 1 -12.19 5.73 3.34
CA MET C 1 -10.76 5.44 3.27
C MET C 1 -10.34 4.63 4.50
N LEU C 2 -9.68 3.48 4.31
CA LEU C 2 -9.30 2.61 5.41
C LEU C 2 -7.91 3.03 5.92
N ILE C 3 -7.74 3.15 7.24
CA ILE C 3 -6.48 3.52 7.87
C ILE C 3 -6.06 2.40 8.82
N LEU C 4 -4.75 2.23 8.99
CA LEU C 4 -4.19 1.25 9.91
C LEU C 4 -2.93 1.84 10.54
N THR C 5 -2.51 1.25 11.65
CA THR C 5 -1.35 1.70 12.41
C THR C 5 -0.45 0.51 12.67
N ARG C 6 0.80 0.59 12.20
CA ARG C 6 1.77 -0.49 12.31
C ARG C 6 3.16 0.08 12.55
N LYS C 7 4.16 -0.79 12.66
CA LYS C 7 5.52 -0.37 12.94
C LYS C 7 6.49 -0.88 11.89
N VAL C 8 7.70 -0.32 11.90
CA VAL C 8 8.77 -0.71 10.99
C VAL C 8 8.98 -2.22 11.05
N GLY C 9 8.78 -2.90 9.92
CA GLY C 9 9.00 -4.34 9.83
C GLY C 9 7.70 -5.12 9.69
N GLU C 10 6.56 -4.44 9.57
CA GLU C 10 5.27 -5.10 9.45
C GLU C 10 4.65 -4.88 8.07
N SER C 11 3.47 -5.45 7.83
CA SER C 11 2.87 -5.47 6.51
C SER C 11 1.35 -5.31 6.56
N ILE C 12 0.76 -5.07 5.38
CA ILE C 12 -0.66 -4.88 5.15
C ILE C 12 -1.05 -5.74 3.95
N ASN C 13 -2.35 -5.97 3.72
CA ASN C 13 -2.79 -6.88 2.68
C ASN C 13 -3.98 -6.32 1.90
N ILE C 14 -4.00 -6.64 0.61
CA ILE C 14 -5.08 -6.29 -0.30
C ILE C 14 -5.37 -7.53 -1.15
N GLY C 15 -6.59 -8.08 -1.03
CA GLY C 15 -6.90 -9.36 -1.63
C GLY C 15 -7.08 -9.31 -3.14
N ASP C 16 -6.86 -8.16 -3.76
CA ASP C 16 -6.88 -8.05 -5.22
C ASP C 16 -5.67 -8.79 -5.81
N ASP C 17 -4.76 -9.26 -4.93
CA ASP C 17 -3.56 -10.05 -5.19
C ASP C 17 -2.30 -9.28 -4.76
N ILE C 18 -2.39 -8.45 -3.71
CA ILE C 18 -1.29 -7.58 -3.33
C ILE C 18 -1.03 -7.60 -1.82
N THR C 19 0.23 -7.34 -1.44
CA THR C 19 0.64 -7.12 -0.06
C THR C 19 1.63 -5.97 -0.03
N ILE C 20 1.74 -5.32 1.14
CA ILE C 20 2.53 -4.10 1.28
C ILE C 20 3.33 -4.17 2.58
N THR C 21 4.48 -3.48 2.65
CA THR C 21 5.36 -3.53 3.81
C THR C 21 5.97 -2.15 4.10
N ILE C 22 6.28 -1.89 5.37
CA ILE C 22 6.92 -0.66 5.81
C ILE C 22 8.35 -0.99 6.21
N LEU C 23 9.31 -0.66 5.35
CA LEU C 23 10.69 -1.05 5.56
C LEU C 23 11.36 -0.19 6.62
N GLY C 24 10.94 1.07 6.75
CA GLY C 24 11.47 1.94 7.78
C GLY C 24 11.15 3.41 7.56
N VAL C 25 11.79 4.27 8.35
CA VAL C 25 11.54 5.71 8.35
C VAL C 25 12.88 6.46 8.36
N SER C 26 12.86 7.69 7.87
CA SER C 26 14.04 8.54 7.74
C SER C 26 13.63 9.99 7.98
N GLY C 27 13.13 10.29 9.18
CA GLY C 27 12.68 11.63 9.52
C GLY C 27 11.33 11.88 8.90
N GLN C 28 11.20 13.00 8.18
CA GLN C 28 9.97 13.33 7.48
C GLN C 28 9.78 12.37 6.28
N GLN C 29 10.81 11.59 5.94
CA GLN C 29 10.76 10.65 4.84
C GLN C 29 10.50 9.24 5.34
N VAL C 30 10.07 8.36 4.45
CA VAL C 30 9.68 6.98 4.74
C VAL C 30 10.01 6.10 3.54
N ARG C 31 10.35 4.82 3.79
CA ARG C 31 10.55 3.85 2.73
C ARG C 31 9.61 2.67 2.96
N ILE C 32 8.93 2.29 1.88
CA ILE C 32 7.91 1.26 1.87
C ILE C 32 8.13 0.34 0.67
N GLY C 33 7.63 -0.89 0.77
CA GLY C 33 7.78 -1.89 -0.28
C GLY C 33 6.41 -2.42 -0.68
N ILE C 34 6.35 -3.08 -1.84
CA ILE C 34 5.10 -3.54 -2.43
C ILE C 34 5.31 -4.91 -3.05
N ASN C 35 4.30 -5.78 -2.90
CA ASN C 35 4.32 -7.14 -3.39
C ASN C 35 3.09 -7.39 -4.24
N ALA C 36 3.11 -6.82 -5.45
CA ALA C 36 2.08 -7.00 -6.45
C ALA C 36 2.73 -7.50 -7.73
N PRO C 37 1.98 -8.19 -8.61
CA PRO C 37 2.49 -8.67 -9.86
C PRO C 37 2.58 -7.52 -10.86
N LYS C 38 3.48 -7.61 -11.83
CA LYS C 38 3.57 -6.60 -12.87
C LYS C 38 2.36 -6.66 -13.80
N ASP C 39 1.46 -7.60 -13.55
CA ASP C 39 0.17 -7.66 -14.21
C ASP C 39 -0.71 -6.50 -13.77
N VAL C 40 -0.32 -5.77 -12.72
CA VAL C 40 -0.97 -4.54 -12.33
C VAL C 40 0.07 -3.43 -12.18
N ALA C 41 -0.34 -2.21 -12.56
CA ALA C 41 0.54 -1.05 -12.51
C ALA C 41 0.79 -0.63 -11.07
N VAL C 42 2.01 -0.19 -10.78
CA VAL C 42 2.38 0.31 -9.46
C VAL C 42 3.41 1.42 -9.64
N HIS C 43 3.05 2.65 -9.26
CA HIS C 43 3.91 3.82 -9.39
C HIS C 43 3.63 4.85 -8.30
N ARG C 44 4.54 5.80 -8.14
CA ARG C 44 4.42 6.94 -7.23
C ARG C 44 3.32 7.88 -7.72
N GLU C 45 2.77 8.71 -6.84
CA GLU C 45 1.62 9.53 -7.20
C GLU C 45 1.96 10.73 -8.10
N GLU C 46 3.18 11.25 -8.05
CA GLU C 46 3.54 12.39 -8.88
C GLU C 46 3.92 11.96 -10.31
N ILE C 47 3.80 10.66 -10.60
CA ILE C 47 4.10 10.12 -11.92
C ILE C 47 2.96 9.22 -12.38
N TYR C 48 2.18 8.63 -11.48
CA TYR C 48 1.09 7.78 -11.92
C TYR C 48 0.07 8.62 -12.70
N GLN C 49 -0.08 9.88 -12.31
CA GLN C 49 -1.05 10.77 -12.92
C GLN C 49 -0.56 11.25 -14.29
N ARG C 50 0.74 11.07 -14.58
CA ARG C 50 1.29 11.43 -15.87
C ARG C 50 1.27 10.23 -16.82
N ILE C 51 1.33 9.01 -16.26
CA ILE C 51 1.20 7.77 -17.03
C ILE C 51 -0.24 7.64 -17.50
N GLN C 52 -1.18 7.85 -16.59
CA GLN C 52 -2.60 7.72 -16.88
C GLN C 52 -3.11 8.92 -17.68
N ALA C 53 -2.21 9.83 -18.07
CA ALA C 53 -2.59 10.97 -18.87
C ALA C 53 -2.88 10.57 -20.32
N GLY C 54 -2.42 9.38 -20.74
CA GLY C 54 -2.65 8.89 -22.09
C GLY C 54 -1.38 8.34 -22.72
N LEU C 55 -0.36 8.04 -21.90
CA LEU C 55 0.96 7.65 -22.36
C LEU C 55 1.52 6.51 -21.51
N THR C 56 2.78 6.14 -21.73
CA THR C 56 3.44 5.09 -20.97
C THR C 56 4.89 5.48 -20.66
N ALA C 57 5.57 4.64 -19.88
CA ALA C 57 6.94 4.89 -19.45
C ALA C 57 7.88 5.12 -20.64
N PRO C 58 8.95 5.91 -20.43
CA PRO C 58 9.94 6.21 -21.45
C PRO C 58 10.80 5.01 -21.81
N ASP C 59 11.80 5.25 -22.66
CA ASP C 59 12.66 4.23 -23.22
C ASP C 59 14.06 4.79 -23.44
#